data_7ZH8
#
_entry.id   7ZH8
#
_cell.length_a   245.004
_cell.length_b   64.663
_cell.length_c   147.308
_cell.angle_alpha   90.000
_cell.angle_beta   115.577
_cell.angle_gamma   90.000
#
_symmetry.space_group_name_H-M   'C 1 2 1'
#
loop_
_entity.id
_entity.type
_entity.pdbx_description
1 polymer 'Dual specificity tyrosine-phosphorylation-regulated kinase 1A'
2 non-polymer 6-bromanyl-3H-[1,2,3]triazolo[4,5-b]pyridine
3 non-polymer 'TETRAETHYLENE GLYCOL'
4 non-polymer DI(HYDROXYETHYL)ETHER
5 non-polymer 'TRIETHYLENE GLYCOL'
6 non-polymer GLYCEROL
7 non-polymer '4-(2-HYDROXYETHYL)-1-PIPERAZINE ETHANESULFONIC ACID'
8 non-polymer 'PENTAETHYLENE GLYCOL'
9 non-polymer 'SULFATE ION'
10 non-polymer 'CHLORIDE ION'
11 water water
#
_entity_poly.entity_id   1
_entity_poly.type   'polypeptide(L)'
_entity_poly.pdbx_seq_one_letter_code
;MHHHHHHSSGVDLGTENLYFQSMSSHKKERKVYNDGYDDDNYDYIVKNGEKWMDRYEIDSLIGKGSFGQVVKAYDRVEQE
WVAIKIIKNKKAFLNQAQIEVRLLELMNKHDTEMKYYIVHLKRHFMFRNHLCLVFEMLSYNLYDLLRNTNFRGVSLNLTR
KFAQQMCTALLFLATPELSIIHCDLKPENILLCNPKRSAIKIVDFGSSCQLGQRIYQ(PTR)IQSRFYRSPEVLLGMPYD
LAIDMWSLGCILVEMHTGEPLFSGANEVDQMNKIVEVLGIPPAHILDQAPKARKFFEKLPDGTWNLKKTKDGKREYKPPG
TRKLHNILGVETGGPGGRRAGESGHTVADYLKFKDLILRMLDYDPKTRIQPYYALQHSFFKKTADE
;
_entity_poly.pdbx_strand_id   A,B,C,D
#
# COMPACT_ATOMS: atom_id res chain seq x y z
N VAL A 32 49.69 -43.71 -8.64
CA VAL A 32 49.08 -44.30 -9.82
C VAL A 32 47.73 -43.60 -10.08
N TYR A 33 47.42 -42.59 -9.26
CA TYR A 33 46.27 -41.71 -9.49
C TYR A 33 46.73 -40.39 -10.07
N ASN A 34 46.24 -40.09 -11.28
CA ASN A 34 46.52 -38.82 -11.96
C ASN A 34 48.01 -38.56 -11.99
N ASP A 35 48.77 -39.61 -12.32
CA ASP A 35 50.22 -39.55 -12.38
C ASP A 35 50.81 -39.07 -11.05
N GLY A 36 50.19 -39.47 -9.93
CA GLY A 36 50.69 -39.16 -8.61
C GLY A 36 50.17 -37.87 -7.98
N TYR A 37 49.36 -37.09 -8.68
CA TYR A 37 48.88 -35.83 -8.13
C TYR A 37 47.62 -35.96 -7.29
N ASP A 38 46.89 -37.07 -7.40
CA ASP A 38 45.61 -37.24 -6.73
C ASP A 38 45.67 -38.34 -5.67
N ASP A 39 44.78 -38.25 -4.68
CA ASP A 39 44.59 -39.36 -3.76
C ASP A 39 43.61 -40.34 -4.38
N ASP A 40 43.27 -41.38 -3.61
CA ASP A 40 42.34 -42.40 -4.07
C ASP A 40 40.90 -41.92 -4.11
N ASN A 41 40.62 -40.70 -3.73
CA ASN A 41 39.25 -40.20 -3.73
C ASN A 41 39.08 -39.02 -4.68
N TYR A 42 39.86 -39.00 -5.76
CA TYR A 42 39.79 -38.03 -6.85
C TYR A 42 40.17 -36.62 -6.41
N ASP A 43 40.76 -36.45 -5.25
CA ASP A 43 41.15 -35.12 -4.79
C ASP A 43 42.60 -34.83 -5.13
N TYR A 44 42.88 -33.55 -5.33
CA TYR A 44 44.26 -33.11 -5.50
C TYR A 44 45.01 -33.17 -4.18
N ILE A 45 46.21 -33.76 -4.20
CA ILE A 45 47.01 -33.89 -2.98
C ILE A 45 47.65 -32.53 -2.71
N VAL A 46 47.09 -31.79 -1.76
CA VAL A 46 47.49 -30.40 -1.51
C VAL A 46 48.81 -30.37 -0.74
N LYS A 47 49.75 -29.56 -1.22
CA LYS A 47 51.07 -29.37 -0.62
C LYS A 47 51.26 -27.87 -0.34
N ASN A 48 51.27 -27.48 0.93
CA ASN A 48 51.51 -26.09 1.29
C ASN A 48 52.78 -25.58 0.63
N GLY A 49 52.70 -24.37 0.07
CA GLY A 49 53.84 -23.76 -0.56
C GLY A 49 54.02 -24.08 -2.02
N GLU A 50 53.22 -24.97 -2.57
CA GLU A 50 53.27 -25.23 -4.00
C GLU A 50 52.79 -24.01 -4.76
N LYS A 51 53.50 -23.64 -5.82
CA LYS A 51 53.11 -22.49 -6.63
C LYS A 51 52.60 -22.99 -7.97
N TRP A 52 51.45 -22.47 -8.39
CA TRP A 52 50.81 -22.89 -9.62
C TRP A 52 50.94 -21.81 -10.68
N MET A 53 51.41 -22.19 -11.86
CA MET A 53 51.27 -21.36 -13.06
C MET A 53 51.98 -20.05 -12.93
N ASP A 54 52.98 -20.00 -12.04
CA ASP A 54 53.69 -18.77 -11.71
C ASP A 54 52.74 -17.66 -11.30
N ARG A 55 51.59 -18.04 -10.72
CA ARG A 55 50.66 -17.04 -10.22
C ARG A 55 50.21 -17.28 -8.78
N TYR A 56 49.84 -18.50 -8.43
CA TYR A 56 49.24 -18.76 -7.14
C TYR A 56 50.23 -19.49 -6.26
N GLU A 57 50.40 -19.01 -5.05
CA GLU A 57 51.16 -19.70 -4.03
C GLU A 57 50.17 -20.31 -3.07
N ILE A 58 50.21 -21.63 -2.92
CA ILE A 58 49.21 -22.35 -2.15
C ILE A 58 49.60 -22.30 -0.67
N ASP A 59 48.73 -21.72 0.16
CA ASP A 59 49.05 -21.64 1.57
C ASP A 59 48.64 -22.91 2.31
N SER A 60 47.35 -23.23 2.33
CA SER A 60 46.96 -24.45 3.03
C SER A 60 45.53 -24.81 2.65
N LEU A 61 45.16 -26.02 3.03
CA LEU A 61 43.77 -26.44 2.95
C LEU A 61 42.95 -25.66 3.96
N ILE A 62 41.77 -25.21 3.55
CA ILE A 62 40.85 -24.50 4.46
C ILE A 62 39.45 -25.07 4.44
N GLY A 63 39.15 -26.01 3.56
CA GLY A 63 37.80 -26.53 3.55
C GLY A 63 37.78 -27.84 2.79
N LYS A 64 36.69 -28.58 3.00
CA LYS A 64 36.55 -29.88 2.36
C LYS A 64 35.08 -30.10 2.11
N GLY A 65 34.78 -31.02 1.19
CA GLY A 65 33.41 -31.27 0.82
C GLY A 65 33.31 -32.48 -0.09
N SER A 66 32.06 -32.81 -0.41
CA SER A 66 31.85 -33.85 -1.40
C SER A 66 32.37 -33.44 -2.77
N PHE A 67 32.51 -32.13 -3.05
CA PHE A 67 32.92 -31.64 -4.37
C PHE A 67 34.42 -31.76 -4.60
N GLY A 68 35.20 -31.84 -3.54
CA GLY A 68 36.62 -31.58 -3.64
C GLY A 68 37.08 -30.76 -2.46
N GLN A 69 37.99 -29.83 -2.69
CA GLN A 69 38.67 -29.14 -1.61
C GLN A 69 38.68 -27.66 -1.88
N VAL A 70 38.88 -26.89 -0.82
CA VAL A 70 39.09 -25.44 -0.90
C VAL A 70 40.42 -25.13 -0.24
N VAL A 71 41.23 -24.31 -0.88
CA VAL A 71 42.53 -23.89 -0.35
C VAL A 71 42.60 -22.36 -0.30
N LYS A 72 43.40 -21.88 0.64
CA LYS A 72 43.79 -20.49 0.70
C LYS A 72 45.08 -20.35 -0.08
N ALA A 73 45.12 -19.38 -1.00
CA ALA A 73 46.30 -19.12 -1.83
C ALA A 73 46.47 -17.62 -2.04
N TYR A 74 47.70 -17.23 -2.35
CA TYR A 74 48.00 -15.86 -2.69
C TYR A 74 48.21 -15.75 -4.19
N ASP A 75 47.46 -14.86 -4.82
CA ASP A 75 47.57 -14.55 -6.25
C ASP A 75 48.67 -13.49 -6.42
N ARG A 76 49.84 -13.92 -6.92
CA ARG A 76 50.94 -12.98 -7.14
C ARG A 76 50.54 -11.85 -8.07
N VAL A 77 49.82 -12.16 -9.16
CA VAL A 77 49.52 -11.16 -10.18
C VAL A 77 48.64 -10.06 -9.60
N GLU A 78 47.55 -10.43 -8.95
CA GLU A 78 46.64 -9.43 -8.41
C GLU A 78 47.03 -9.01 -7.02
N GLN A 79 48.04 -9.67 -6.45
CA GLN A 79 48.61 -9.32 -5.14
C GLN A 79 47.57 -9.31 -4.04
N GLU A 80 46.76 -10.36 -3.98
CA GLU A 80 45.70 -10.51 -2.99
C GLU A 80 45.51 -11.98 -2.64
N TRP A 81 44.95 -12.21 -1.46
CA TRP A 81 44.57 -13.54 -1.04
C TRP A 81 43.25 -13.95 -1.68
N VAL A 82 43.17 -15.23 -2.04
CA VAL A 82 41.97 -15.81 -2.62
C VAL A 82 41.79 -17.21 -2.04
N ALA A 83 40.57 -17.72 -2.23
CA ALA A 83 40.24 -19.11 -1.96
C ALA A 83 40.09 -19.79 -3.31
N ILE A 84 40.64 -20.99 -3.43
CA ILE A 84 40.57 -21.77 -4.65
C ILE A 84 39.85 -23.08 -4.35
N LYS A 85 38.67 -23.27 -4.94
CA LYS A 85 37.95 -24.54 -4.83
C LYS A 85 38.45 -25.51 -5.91
N ILE A 86 39.06 -26.62 -5.50
CA ILE A 86 39.61 -27.64 -6.40
C ILE A 86 38.58 -28.75 -6.56
N ILE A 87 37.91 -28.81 -7.70
CA ILE A 87 36.91 -29.84 -7.94
C ILE A 87 37.60 -31.20 -8.13
N LYS A 88 36.93 -32.26 -7.68
CA LYS A 88 37.43 -33.62 -7.88
C LYS A 88 37.73 -33.86 -9.35
N ASN A 89 38.86 -34.53 -9.61
CA ASN A 89 39.22 -35.00 -10.94
C ASN A 89 38.35 -36.21 -11.24
N LYS A 90 37.11 -35.92 -11.59
CA LYS A 90 36.14 -36.98 -11.79
C LYS A 90 34.96 -36.40 -12.55
N LYS A 91 34.55 -37.09 -13.62
CA LYS A 91 33.73 -36.48 -14.65
C LYS A 91 32.41 -35.97 -14.10
N ALA A 92 31.73 -36.77 -13.28
CA ALA A 92 30.47 -36.33 -12.72
C ALA A 92 30.65 -35.05 -11.91
N PHE A 93 31.76 -34.94 -11.18
CA PHE A 93 31.98 -33.75 -10.37
C PHE A 93 32.39 -32.57 -11.23
N LEU A 94 33.18 -32.83 -12.28
CA LEU A 94 33.56 -31.75 -13.18
C LEU A 94 32.33 -31.19 -13.84
N ASN A 95 31.45 -32.06 -14.32
CA ASN A 95 30.28 -31.62 -15.07
C ASN A 95 29.33 -30.86 -14.18
N GLN A 96 29.23 -31.23 -12.90
CA GLN A 96 28.34 -30.48 -12.02
C GLN A 96 28.93 -29.11 -11.72
N ALA A 97 30.24 -29.03 -11.49
CA ALA A 97 30.89 -27.76 -11.24
C ALA A 97 30.82 -26.83 -12.46
N GLN A 98 30.72 -27.36 -13.68
CA GLN A 98 30.47 -26.48 -14.83
C GLN A 98 29.13 -25.76 -14.69
N ILE A 99 28.08 -26.45 -14.20
CA ILE A 99 26.82 -25.78 -13.92
C ILE A 99 27.05 -24.69 -12.89
N GLU A 100 27.74 -25.04 -11.80
CA GLU A 100 28.06 -24.05 -10.77
C GLU A 100 28.74 -22.81 -11.36
N VAL A 101 29.76 -22.99 -12.20
CA VAL A 101 30.42 -21.85 -12.83
C VAL A 101 29.42 -20.99 -13.58
N ARG A 102 28.50 -21.61 -14.33
CA ARG A 102 27.58 -20.79 -15.10
C ARG A 102 26.62 -20.04 -14.19
N LEU A 103 26.20 -20.65 -13.08
CA LEU A 103 25.29 -19.91 -12.23
C LEU A 103 26.01 -18.80 -11.47
N LEU A 104 27.28 -19.02 -11.10
CA LEU A 104 28.00 -17.97 -10.39
C LEU A 104 28.25 -16.79 -11.31
N GLU A 105 28.73 -17.04 -12.52
CA GLU A 105 28.98 -15.92 -13.44
C GLU A 105 27.68 -15.20 -13.77
N LEU A 106 26.57 -15.94 -13.85
CA LEU A 106 25.30 -15.31 -14.10
C LEU A 106 24.88 -14.42 -12.95
N MET A 107 25.02 -14.91 -11.70
CA MET A 107 24.67 -14.10 -10.54
C MET A 107 25.59 -12.90 -10.42
N ASN A 108 26.89 -13.13 -10.58
CA ASN A 108 27.81 -12.02 -10.38
C ASN A 108 27.58 -10.92 -11.40
N LYS A 109 27.12 -11.27 -12.60
CA LYS A 109 26.88 -10.21 -13.57
C LYS A 109 25.58 -9.44 -13.30
N HIS A 110 24.65 -10.00 -12.51
CA HIS A 110 23.47 -9.25 -12.07
C HIS A 110 23.64 -8.62 -10.70
N ASP A 111 24.83 -8.70 -10.12
CA ASP A 111 25.14 -8.18 -8.79
C ASP A 111 26.45 -7.40 -8.87
N THR A 112 26.53 -6.48 -9.83
CA THR A 112 27.76 -5.72 -10.09
C THR A 112 28.20 -4.93 -8.86
N GLU A 113 27.24 -4.42 -8.10
CA GLU A 113 27.52 -3.75 -6.83
C GLU A 113 27.90 -4.71 -5.71
N MET A 114 27.73 -6.02 -5.89
CA MET A 114 28.07 -7.02 -4.88
C MET A 114 27.30 -6.82 -3.57
N LYS A 115 25.99 -6.58 -3.66
CA LYS A 115 25.17 -6.29 -2.48
C LYS A 115 24.07 -7.29 -2.22
N TYR A 116 24.04 -8.41 -2.95
CA TYR A 116 23.01 -9.44 -2.74
C TYR A 116 23.57 -10.69 -2.04
N TYR A 117 24.76 -10.61 -1.45
CA TYR A 117 25.22 -11.61 -0.50
C TYR A 117 25.58 -12.92 -1.17
N ILE A 118 26.03 -12.88 -2.42
CA ILE A 118 26.45 -14.08 -3.16
C ILE A 118 27.94 -13.98 -3.41
N VAL A 119 28.69 -15.04 -3.09
CA VAL A 119 30.13 -15.03 -3.31
C VAL A 119 30.49 -14.74 -4.80
N HIS A 120 31.67 -14.14 -5.00
CA HIS A 120 32.10 -13.69 -6.32
C HIS A 120 33.12 -14.68 -6.90
N LEU A 121 32.79 -15.29 -8.03
CA LEU A 121 33.73 -16.10 -8.81
C LEU A 121 34.66 -15.17 -9.60
N LYS A 122 35.92 -15.03 -9.18
CA LYS A 122 36.84 -14.15 -9.89
C LYS A 122 37.22 -14.73 -11.25
N ARG A 123 37.54 -16.02 -11.30
CA ARG A 123 37.86 -16.67 -12.56
C ARG A 123 38.03 -18.16 -12.23
N HIS A 124 38.13 -18.97 -13.28
CA HIS A 124 38.30 -20.40 -13.17
C HIS A 124 39.35 -20.88 -14.18
N PHE A 125 40.00 -22.00 -13.87
CA PHE A 125 40.97 -22.60 -14.77
C PHE A 125 41.06 -24.11 -14.51
N MET A 126 41.61 -24.81 -15.50
CA MET A 126 41.95 -26.23 -15.40
C MET A 126 43.41 -26.32 -15.00
N PHE A 127 43.71 -27.04 -13.92
CA PHE A 127 45.11 -27.27 -13.57
C PHE A 127 45.25 -28.71 -13.12
N ARG A 128 46.18 -29.43 -13.76
CA ARG A 128 46.47 -30.82 -13.41
C ARG A 128 45.19 -31.65 -13.42
N ASN A 129 44.30 -31.31 -14.35
CA ASN A 129 43.06 -32.03 -14.64
C ASN A 129 42.02 -31.81 -13.56
N HIS A 130 42.14 -30.73 -12.77
CA HIS A 130 41.13 -30.30 -11.82
C HIS A 130 40.59 -28.94 -12.27
N LEU A 131 39.27 -28.85 -12.42
CA LEU A 131 38.65 -27.53 -12.48
C LEU A 131 38.85 -26.81 -11.15
N CYS A 132 39.41 -25.61 -11.22
CA CYS A 132 39.67 -24.77 -10.06
C CYS A 132 38.91 -23.46 -10.18
N LEU A 133 38.14 -23.11 -9.15
CA LEU A 133 37.36 -21.87 -9.17
C LEU A 133 37.95 -20.92 -8.14
N VAL A 134 38.24 -19.70 -8.55
CA VAL A 134 38.94 -18.74 -7.70
C VAL A 134 37.94 -17.74 -7.16
N PHE A 135 37.83 -17.68 -5.84
CA PHE A 135 36.91 -16.80 -5.12
C PHE A 135 37.69 -15.78 -4.32
N GLU A 136 37.04 -14.68 -4.00
CA GLU A 136 37.51 -13.85 -2.92
C GLU A 136 37.72 -14.67 -1.65
N MET A 137 38.66 -14.24 -0.84
CA MET A 137 38.96 -14.88 0.42
C MET A 137 37.90 -14.50 1.46
N LEU A 138 37.30 -15.50 2.10
CA LEU A 138 36.23 -15.23 3.04
C LEU A 138 36.61 -15.74 4.42
N SER A 139 35.90 -15.26 5.43
CA SER A 139 36.12 -15.69 6.81
C SER A 139 35.40 -17.01 7.06
N TYR A 140 35.18 -17.40 8.33
CA TYR A 140 34.67 -18.73 8.56
C TYR A 140 33.15 -18.76 8.43
N ASN A 141 32.56 -19.95 8.52
CA ASN A 141 31.13 -20.10 8.22
C ASN A 141 30.30 -19.98 9.50
N LEU A 142 28.96 -20.13 9.37
CA LEU A 142 28.07 -19.94 10.50
C LEU A 142 28.13 -21.11 11.49
N TYR A 143 28.48 -22.31 11.01
CA TYR A 143 28.75 -23.43 11.91
C TYR A 143 29.95 -23.13 12.81
N ASP A 144 31.07 -22.69 12.21
CA ASP A 144 32.23 -22.28 13.01
C ASP A 144 31.80 -21.25 14.06
N LEU A 145 30.92 -20.34 13.68
CA LEU A 145 30.48 -19.31 14.62
C LEU A 145 29.69 -19.92 15.78
N LEU A 146 28.78 -20.85 15.48
CA LEU A 146 28.05 -21.55 16.53
C LEU A 146 28.99 -22.34 17.42
N ARG A 147 29.92 -23.10 16.81
CA ARG A 147 30.85 -23.88 17.62
C ARG A 147 31.64 -22.97 18.55
N ASN A 148 31.81 -21.73 18.15
CA ASN A 148 32.64 -20.83 18.91
C ASN A 148 31.96 -20.41 20.20
N THR A 149 30.62 -20.28 20.16
CA THR A 149 29.75 -20.11 21.33
C THR A 149 29.53 -21.40 22.14
N ASN A 150 30.20 -22.51 21.81
CA ASN A 150 29.88 -23.82 22.42
C ASN A 150 28.41 -24.16 22.26
N PHE A 151 27.86 -23.84 21.09
CA PHE A 151 26.49 -24.22 20.74
C PHE A 151 25.47 -23.65 21.71
N ARG A 152 25.85 -22.62 22.45
CA ARG A 152 24.89 -21.76 23.13
C ARG A 152 23.97 -21.04 22.15
N GLY A 153 24.39 -20.87 20.90
CA GLY A 153 23.59 -20.09 19.97
C GLY A 153 23.90 -18.61 20.04
N VAL A 154 23.78 -17.94 18.91
CA VAL A 154 23.98 -16.50 18.88
C VAL A 154 22.68 -15.78 19.25
N SER A 155 22.84 -14.51 19.58
CA SER A 155 21.76 -13.67 20.05
C SER A 155 20.67 -13.54 18.99
N LEU A 156 19.49 -13.14 19.46
CA LEU A 156 18.37 -12.95 18.55
C LEU A 156 18.61 -11.78 17.60
N ASN A 157 19.23 -10.70 18.10
CA ASN A 157 19.61 -9.57 17.23
C ASN A 157 20.53 -10.02 16.10
N LEU A 158 21.55 -10.85 16.39
CA LEU A 158 22.45 -11.32 15.34
C LEU A 158 21.73 -12.28 14.41
N THR A 159 20.89 -13.17 14.95
CA THR A 159 20.05 -14.01 14.08
C THR A 159 19.22 -13.16 13.13
N ARG A 160 18.67 -12.06 13.61
CA ARG A 160 17.85 -11.20 12.75
C ARG A 160 18.68 -10.62 11.60
N LYS A 161 19.92 -10.23 11.88
CA LYS A 161 20.78 -9.72 10.82
C LYS A 161 21.02 -10.77 9.76
N PHE A 162 21.27 -12.02 10.19
CA PHE A 162 21.49 -13.13 9.27
C PHE A 162 20.25 -13.42 8.46
N ALA A 163 19.08 -13.45 9.12
CA ALA A 163 17.84 -13.73 8.43
C ALA A 163 17.57 -12.66 7.37
N GLN A 164 17.83 -11.40 7.70
CA GLN A 164 17.48 -10.34 6.75
C GLN A 164 18.39 -10.38 5.52
N GLN A 165 19.69 -10.50 5.75
CA GLN A 165 20.59 -10.72 4.65
C GLN A 165 20.17 -11.94 3.83
N MET A 166 19.95 -13.06 4.50
CA MET A 166 19.59 -14.27 3.80
C MET A 166 18.35 -14.09 2.96
N CYS A 167 17.33 -13.43 3.52
CA CYS A 167 16.09 -13.23 2.76
C CYS A 167 16.33 -12.30 1.57
N THR A 168 17.17 -11.28 1.74
CA THR A 168 17.52 -10.41 0.62
C THR A 168 18.20 -11.21 -0.46
N ALA A 169 19.07 -12.15 -0.05
CA ALA A 169 19.75 -13.00 -1.03
C ALA A 169 18.79 -13.91 -1.77
N LEU A 170 17.84 -14.51 -1.07
CA LEU A 170 16.88 -15.37 -1.75
C LEU A 170 15.96 -14.55 -2.65
N LEU A 171 15.65 -13.30 -2.26
CA LEU A 171 14.92 -12.43 -3.19
C LEU A 171 15.72 -12.21 -4.48
N PHE A 172 17.02 -11.98 -4.35
CA PHE A 172 17.86 -11.86 -5.52
C PHE A 172 17.81 -13.13 -6.38
N LEU A 173 17.97 -14.31 -5.75
CA LEU A 173 17.96 -15.55 -6.52
C LEU A 173 16.65 -15.73 -7.27
N ALA A 174 15.57 -15.15 -6.75
CA ALA A 174 14.23 -15.31 -7.30
C ALA A 174 13.93 -14.33 -8.42
N THR A 175 14.87 -13.48 -8.79
CA THR A 175 14.61 -12.60 -9.91
C THR A 175 14.45 -13.43 -11.18
N PRO A 176 13.50 -13.08 -12.05
CA PRO A 176 13.19 -13.92 -13.21
C PRO A 176 14.38 -14.30 -14.08
N GLU A 177 15.36 -13.41 -14.27
CA GLU A 177 16.53 -13.80 -15.06
C GLU A 177 17.35 -14.90 -14.39
N LEU A 178 17.33 -14.99 -13.07
CA LEU A 178 18.09 -16.04 -12.38
C LEU A 178 17.22 -17.26 -12.08
N SER A 179 16.19 -17.11 -11.25
CA SER A 179 15.33 -18.24 -10.88
C SER A 179 16.16 -19.40 -10.35
N ILE A 180 17.15 -19.09 -9.54
CA ILE A 180 18.17 -20.03 -9.12
C ILE A 180 17.75 -20.65 -7.79
N ILE A 181 17.79 -21.97 -7.72
CA ILE A 181 17.55 -22.72 -6.49
C ILE A 181 18.92 -23.13 -5.96
N HIS A 182 19.29 -22.65 -4.77
CA HIS A 182 20.61 -22.98 -4.23
C HIS A 182 20.73 -24.48 -3.94
N CYS A 183 19.71 -25.08 -3.33
CA CYS A 183 19.57 -26.51 -3.07
C CYS A 183 20.45 -27.03 -1.92
N ASP A 184 21.36 -26.26 -1.35
CA ASP A 184 22.12 -26.84 -0.24
C ASP A 184 22.41 -25.78 0.83
N LEU A 185 21.41 -25.00 1.23
CA LEU A 185 21.67 -24.03 2.26
C LEU A 185 21.86 -24.74 3.61
N LYS A 186 22.93 -24.39 4.31
CA LYS A 186 23.24 -24.94 5.62
C LYS A 186 24.20 -23.97 6.30
N PRO A 187 24.41 -24.10 7.59
CA PRO A 187 25.30 -23.13 8.25
C PRO A 187 26.67 -23.06 7.61
N GLU A 188 27.19 -24.21 7.14
CA GLU A 188 28.53 -24.29 6.57
C GLU A 188 28.68 -23.56 5.23
N ASN A 189 27.58 -23.27 4.55
CA ASN A 189 27.63 -22.58 3.27
C ASN A 189 27.23 -21.14 3.36
N ILE A 190 27.16 -20.59 4.55
CA ILE A 190 26.99 -19.17 4.75
C ILE A 190 28.23 -18.69 5.47
N LEU A 191 29.00 -17.81 4.83
CA LEU A 191 30.30 -17.38 5.34
C LEU A 191 30.24 -15.96 5.85
N LEU A 192 30.99 -15.68 6.91
CA LEU A 192 31.22 -14.30 7.32
C LEU A 192 32.23 -13.65 6.40
N CYS A 193 32.00 -12.37 6.06
CA CYS A 193 33.01 -11.60 5.35
C CYS A 193 34.25 -11.39 6.21
N ASN A 194 34.04 -11.18 7.51
CA ASN A 194 35.03 -10.80 8.45
C ASN A 194 34.57 -11.42 9.76
N PRO A 195 35.47 -12.09 10.50
CA PRO A 195 35.03 -12.94 11.63
C PRO A 195 34.34 -12.20 12.80
N LYS A 196 34.59 -10.91 13.01
CA LYS A 196 33.90 -10.22 14.10
C LYS A 196 32.63 -9.48 13.66
N ARG A 197 32.49 -9.17 12.37
CA ARG A 197 31.33 -8.45 11.84
C ARG A 197 30.25 -9.44 11.38
N SER A 198 29.09 -8.89 11.02
CA SER A 198 27.89 -9.68 10.75
C SER A 198 27.53 -9.78 9.26
N ALA A 199 28.36 -9.26 8.34
CA ALA A 199 28.09 -9.42 6.92
C ALA A 199 28.34 -10.85 6.44
N ILE A 200 27.46 -11.38 5.59
CA ILE A 200 27.64 -12.75 5.13
C ILE A 200 27.62 -12.83 3.61
N LYS A 201 28.09 -13.97 3.11
CA LYS A 201 27.93 -14.35 1.72
C LYS A 201 27.61 -15.85 1.65
N ILE A 202 26.73 -16.20 0.73
CA ILE A 202 26.39 -17.60 0.43
C ILE A 202 27.42 -18.19 -0.53
N VAL A 203 27.88 -19.42 -0.25
CA VAL A 203 28.84 -20.06 -1.14
C VAL A 203 28.30 -21.39 -1.63
N ASP A 204 29.07 -22.09 -2.48
CA ASP A 204 28.82 -23.48 -2.85
C ASP A 204 27.48 -23.65 -3.56
N PHE A 205 27.43 -23.10 -4.77
CA PHE A 205 26.31 -23.34 -5.66
C PHE A 205 26.55 -24.64 -6.42
N GLY A 206 27.32 -25.56 -5.84
CA GLY A 206 27.65 -26.81 -6.49
C GLY A 206 26.49 -27.77 -6.68
N SER A 207 25.35 -27.52 -6.07
CA SER A 207 24.26 -28.41 -6.46
C SER A 207 23.06 -27.61 -6.93
N SER A 208 23.29 -26.32 -7.22
CA SER A 208 22.22 -25.40 -7.58
C SER A 208 21.71 -25.70 -8.99
N CYS A 209 20.45 -25.33 -9.23
CA CYS A 209 19.87 -25.45 -10.54
C CYS A 209 18.96 -24.25 -10.77
N GLN A 210 18.45 -24.11 -11.98
CA GLN A 210 17.47 -23.06 -12.25
C GLN A 210 16.10 -23.68 -12.34
N LEU A 211 15.09 -22.89 -12.05
CA LEU A 211 13.73 -23.39 -12.16
C LEU A 211 13.53 -24.02 -13.53
N GLY A 212 12.98 -25.23 -13.54
CA GLY A 212 12.78 -25.91 -14.79
C GLY A 212 14.01 -26.57 -15.37
N GLN A 213 15.15 -26.52 -14.68
CA GLN A 213 16.35 -27.26 -15.04
C GLN A 213 16.77 -28.19 -13.92
N ARG A 214 15.79 -28.81 -13.27
CA ARG A 214 16.06 -29.62 -12.09
C ARG A 214 16.51 -31.00 -12.55
N ILE A 215 17.58 -31.53 -11.93
CA ILE A 215 18.15 -32.79 -12.39
C ILE A 215 18.46 -33.81 -11.29
N TYR A 216 18.09 -33.54 -10.04
CA TYR A 216 18.25 -34.53 -8.98
C TYR A 216 17.03 -34.59 -8.10
N GLN A 217 16.78 -35.77 -7.52
CA GLN A 217 15.74 -35.96 -6.50
C GLN A 217 16.33 -36.02 -5.07
N ILE A 219 18.43 -34.23 -2.87
CA ILE A 219 19.12 -32.97 -2.76
C ILE A 219 18.87 -32.37 -1.42
N GLN A 220 19.69 -31.37 -1.11
CA GLN A 220 19.71 -30.62 0.15
C GLN A 220 20.42 -31.46 1.20
N SER A 221 21.01 -30.84 2.21
CA SER A 221 21.53 -31.61 3.31
C SER A 221 20.38 -32.06 4.17
N ARG A 222 20.50 -33.28 4.74
CA ARG A 222 19.32 -33.94 5.32
C ARG A 222 18.64 -33.04 6.35
N PHE A 223 19.41 -32.44 7.26
CA PHE A 223 18.76 -31.67 8.33
C PHE A 223 17.95 -30.52 7.75
N TYR A 224 18.37 -30.00 6.60
CA TYR A 224 17.81 -28.80 5.98
C TYR A 224 16.92 -29.16 4.81
N ARG A 225 16.62 -30.45 4.65
CA ARG A 225 15.87 -30.97 3.51
C ARG A 225 14.36 -30.78 3.67
N SER A 226 13.71 -30.30 2.60
CA SER A 226 12.32 -29.89 2.65
C SER A 226 11.37 -31.08 2.49
N PRO A 227 10.14 -30.93 2.96
CA PRO A 227 9.18 -32.04 2.82
C PRO A 227 8.99 -32.47 1.39
N GLU A 228 8.86 -31.53 0.44
CA GLU A 228 8.59 -31.94 -0.93
C GLU A 228 9.76 -32.73 -1.51
N VAL A 229 10.97 -32.43 -1.08
CA VAL A 229 12.09 -33.25 -1.53
C VAL A 229 12.05 -34.63 -0.84
N LEU A 230 11.79 -34.67 0.49
CA LEU A 230 11.63 -35.97 1.13
C LEU A 230 10.53 -36.77 0.46
N LEU A 231 9.48 -36.09 0.02
CA LEU A 231 8.35 -36.77 -0.57
C LEU A 231 8.54 -37.09 -2.02
N GLY A 232 9.72 -36.85 -2.59
CA GLY A 232 9.89 -37.13 -4.01
C GLY A 232 9.05 -36.26 -4.92
N MET A 233 8.62 -35.07 -4.46
CA MET A 233 7.73 -34.27 -5.29
C MET A 233 8.55 -33.28 -6.11
N PRO A 234 7.98 -32.71 -7.18
CA PRO A 234 8.65 -31.58 -7.84
C PRO A 234 8.83 -30.45 -6.84
N TYR A 235 9.90 -29.68 -7.03
CA TYR A 235 10.28 -28.63 -6.09
C TYR A 235 10.65 -27.35 -6.83
N ASP A 236 10.63 -26.22 -6.12
CA ASP A 236 11.01 -24.94 -6.70
C ASP A 236 11.83 -24.18 -5.65
N LEU A 237 11.97 -22.86 -5.86
CA LEU A 237 12.86 -22.06 -5.02
C LEU A 237 12.43 -22.11 -3.57
N ALA A 238 11.20 -22.49 -3.31
CA ALA A 238 10.71 -22.52 -1.96
C ALA A 238 11.46 -23.53 -1.09
N ILE A 239 12.15 -24.52 -1.69
CA ILE A 239 12.91 -25.41 -0.82
C ILE A 239 14.01 -24.64 -0.08
N ASP A 240 14.48 -23.50 -0.64
CA ASP A 240 15.55 -22.76 0.03
C ASP A 240 15.01 -22.05 1.25
N MET A 241 13.76 -21.61 1.18
CA MET A 241 13.19 -20.90 2.32
C MET A 241 12.95 -21.86 3.48
N TRP A 242 12.58 -23.11 3.17
CA TRP A 242 12.54 -24.16 4.20
C TRP A 242 13.90 -24.32 4.87
N SER A 243 14.94 -24.52 4.06
CA SER A 243 16.27 -24.64 4.62
C SER A 243 16.58 -23.45 5.49
N LEU A 244 16.21 -22.25 5.04
CA LEU A 244 16.53 -21.07 5.82
C LEU A 244 15.84 -21.09 7.17
N GLY A 245 14.59 -21.49 7.24
CA GLY A 245 13.91 -21.52 8.54
C GLY A 245 14.57 -22.49 9.51
N CYS A 246 14.98 -23.67 9.02
CA CYS A 246 15.79 -24.53 9.86
C CYS A 246 17.05 -23.83 10.30
N ILE A 247 17.74 -23.13 9.41
CA ILE A 247 19.04 -22.57 9.79
C ILE A 247 18.89 -21.54 10.88
N LEU A 248 17.89 -20.68 10.74
CA LEU A 248 17.73 -19.60 11.67
C LEU A 248 17.47 -20.12 13.08
N VAL A 249 16.65 -21.17 13.20
CA VAL A 249 16.40 -21.72 14.52
C VAL A 249 17.68 -22.25 15.10
N GLU A 250 18.45 -22.96 14.29
CA GLU A 250 19.67 -23.55 14.81
C GLU A 250 20.67 -22.49 15.20
N MET A 251 20.70 -21.36 14.48
CA MET A 251 21.62 -20.29 14.86
C MET A 251 21.28 -19.74 16.24
N HIS A 252 20.01 -19.77 16.62
CA HIS A 252 19.67 -19.20 17.92
C HIS A 252 19.74 -20.21 19.08
N THR A 253 19.21 -21.43 18.89
CA THR A 253 19.27 -22.49 19.89
C THR A 253 20.62 -23.19 19.96
N GLY A 254 21.42 -23.12 18.90
CA GLY A 254 22.68 -23.84 18.88
C GLY A 254 22.62 -25.25 18.31
N GLU A 255 21.44 -25.80 18.03
CA GLU A 255 21.37 -27.18 17.57
C GLU A 255 20.38 -27.30 16.42
N PRO A 256 20.55 -28.29 15.53
CA PRO A 256 19.64 -28.43 14.40
C PRO A 256 18.19 -28.68 14.86
N LEU A 257 17.25 -28.14 14.11
CA LEU A 257 15.86 -28.25 14.50
C LEU A 257 15.33 -29.65 14.24
N PHE A 258 15.71 -30.23 13.10
CA PHE A 258 15.28 -31.57 12.66
C PHE A 258 16.54 -32.35 12.37
N SER A 259 17.01 -33.11 13.32
CA SER A 259 18.31 -33.79 13.18
C SER A 259 18.16 -35.25 12.78
N GLY A 260 17.57 -35.50 11.62
CA GLY A 260 17.32 -36.87 11.22
C GLY A 260 18.58 -37.62 10.86
N ALA A 261 18.61 -38.92 11.23
CA ALA A 261 19.73 -39.79 10.92
C ALA A 261 19.64 -40.41 9.53
N ASN A 262 18.45 -40.44 8.95
CA ASN A 262 18.14 -40.98 7.64
C ASN A 262 16.82 -40.33 7.28
N GLU A 263 16.29 -40.62 6.08
CA GLU A 263 15.14 -39.82 5.65
C GLU A 263 13.91 -40.13 6.49
N VAL A 264 13.71 -41.41 6.86
CA VAL A 264 12.56 -41.78 7.66
C VAL A 264 12.60 -41.05 8.99
N ASP A 265 13.79 -40.95 9.59
CA ASP A 265 13.87 -40.30 10.88
C ASP A 265 13.74 -38.78 10.72
N GLN A 266 14.19 -38.27 9.58
CA GLN A 266 14.04 -36.86 9.26
C GLN A 266 12.57 -36.49 9.12
N MET A 267 11.78 -37.30 8.38
CA MET A 267 10.38 -36.92 8.21
C MET A 267 9.63 -37.00 9.54
N ASN A 268 9.95 -38.01 10.37
CA ASN A 268 9.30 -38.14 11.68
C ASN A 268 9.64 -36.97 12.58
N LYS A 269 10.89 -36.51 12.55
CA LYS A 269 11.27 -35.35 13.35
C LYS A 269 10.51 -34.12 12.92
N ILE A 270 10.24 -33.98 11.62
CA ILE A 270 9.46 -32.85 11.18
C ILE A 270 8.04 -32.98 11.68
N VAL A 271 7.48 -34.19 11.58
CA VAL A 271 6.11 -34.40 12.05
C VAL A 271 5.99 -34.13 13.55
N GLU A 272 7.06 -34.35 14.33
CA GLU A 272 6.95 -34.07 15.76
C GLU A 272 6.58 -32.62 16.03
N VAL A 273 7.07 -31.69 15.20
CA VAL A 273 6.88 -30.28 15.44
C VAL A 273 5.69 -29.74 14.67
N LEU A 274 5.51 -30.20 13.44
CA LEU A 274 4.55 -29.58 12.54
C LEU A 274 3.31 -30.41 12.29
N GLY A 275 3.25 -31.68 12.72
CA GLY A 275 2.04 -32.44 12.53
C GLY A 275 2.13 -33.31 11.31
N ILE A 276 1.06 -34.00 11.04
CA ILE A 276 1.07 -34.78 9.80
C ILE A 276 0.93 -33.80 8.64
N PRO A 277 1.63 -33.99 7.52
CA PRO A 277 1.43 -33.08 6.40
C PRO A 277 0.01 -33.15 5.89
N PRO A 278 -0.50 -32.06 5.32
CA PRO A 278 -1.88 -32.03 4.83
C PRO A 278 -2.10 -33.07 3.73
N ALA A 279 -3.33 -33.60 3.69
CA ALA A 279 -3.64 -34.64 2.71
C ALA A 279 -3.46 -34.15 1.27
N HIS A 280 -3.78 -32.87 0.98
CA HIS A 280 -3.66 -32.44 -0.41
C HIS A 280 -2.20 -32.58 -0.87
N ILE A 281 -1.24 -32.49 0.05
CA ILE A 281 0.15 -32.72 -0.31
C ILE A 281 0.43 -34.21 -0.46
N LEU A 282 0.14 -34.98 0.60
CA LEU A 282 0.45 -36.40 0.59
C LEU A 282 -0.24 -37.14 -0.54
N ASP A 283 -1.46 -36.72 -0.92
CA ASP A 283 -2.13 -37.38 -2.03
C ASP A 283 -1.37 -37.28 -3.35
N GLN A 284 -0.47 -36.31 -3.51
CA GLN A 284 0.33 -36.20 -4.72
C GLN A 284 1.79 -36.58 -4.50
N ALA A 285 2.15 -37.11 -3.34
CA ALA A 285 3.54 -37.37 -2.99
C ALA A 285 3.93 -38.78 -3.44
N PRO A 286 4.81 -38.94 -4.43
CA PRO A 286 5.13 -40.31 -4.84
C PRO A 286 5.75 -41.13 -3.72
N LYS A 287 6.37 -40.50 -2.73
CA LYS A 287 7.03 -41.23 -1.66
C LYS A 287 6.27 -41.14 -0.33
N ALA A 288 4.99 -40.79 -0.36
CA ALA A 288 4.21 -40.71 0.88
C ALA A 288 4.23 -42.04 1.64
N ARG A 289 4.12 -43.16 0.92
CA ARG A 289 4.14 -44.48 1.54
C ARG A 289 5.47 -44.82 2.22
N LYS A 290 6.55 -44.08 1.96
CA LYS A 290 7.79 -44.32 2.71
C LYS A 290 7.65 -43.92 4.18
N PHE A 291 6.79 -42.96 4.48
CA PHE A 291 6.61 -42.44 5.83
C PHE A 291 5.19 -42.60 6.37
N PHE A 292 4.18 -42.66 5.51
CA PHE A 292 2.81 -42.39 5.88
C PHE A 292 1.92 -43.51 5.39
N GLU A 293 0.66 -43.48 5.84
CA GLU A 293 -0.30 -44.50 5.46
C GLU A 293 -1.66 -43.84 5.34
N LYS A 294 -2.38 -44.12 4.27
CA LYS A 294 -3.69 -43.51 4.05
C LYS A 294 -4.76 -44.46 4.55
N LEU A 295 -5.66 -43.93 5.38
CA LEU A 295 -6.75 -44.69 5.97
C LEU A 295 -7.95 -44.68 5.03
N PRO A 296 -8.87 -45.64 5.18
CA PRO A 296 -10.00 -45.70 4.23
C PRO A 296 -10.75 -44.38 4.12
N ASP A 297 -10.92 -43.65 5.21
CA ASP A 297 -11.56 -42.34 5.14
C ASP A 297 -10.70 -41.27 4.45
N GLY A 298 -9.54 -41.65 3.95
CA GLY A 298 -8.75 -40.72 3.17
C GLY A 298 -7.81 -39.85 3.95
N THR A 299 -7.86 -39.90 5.29
CA THR A 299 -6.86 -39.21 6.09
C THR A 299 -5.57 -40.03 6.16
N TRP A 300 -4.51 -39.38 6.58
CA TRP A 300 -3.20 -40.01 6.60
C TRP A 300 -2.67 -40.03 8.03
N ASN A 301 -1.86 -41.06 8.30
CA ASN A 301 -1.07 -41.12 9.52
C ASN A 301 0.33 -41.63 9.19
N LEU A 302 1.23 -41.54 10.17
CA LEU A 302 2.50 -42.22 10.14
C LEU A 302 2.30 -43.71 9.91
N LYS A 303 3.21 -44.33 9.15
CA LYS A 303 3.25 -45.78 9.08
C LYS A 303 3.21 -46.40 10.47
N LYS A 304 2.54 -47.55 10.59
CA LYS A 304 2.53 -48.27 11.85
C LYS A 304 3.92 -48.81 12.19
N THR A 305 4.30 -48.68 13.46
CA THR A 305 5.57 -49.18 14.00
C THR A 305 5.38 -50.55 14.66
N LYS A 306 6.50 -51.27 14.82
CA LYS A 306 6.51 -52.55 15.54
C LYS A 306 5.93 -52.39 16.93
N ASP A 307 5.14 -53.38 17.34
CA ASP A 307 4.44 -53.34 18.63
C ASP A 307 5.43 -53.19 19.77
N GLY A 308 5.14 -52.25 20.65
CA GLY A 308 6.01 -52.00 21.79
C GLY A 308 7.21 -51.11 21.52
N LYS A 309 7.17 -50.26 20.48
CA LYS A 309 8.31 -49.40 20.13
C LYS A 309 7.86 -47.95 20.03
N ARG A 310 8.06 -47.18 21.10
CA ARG A 310 7.76 -45.77 21.13
C ARG A 310 9.05 -44.98 20.90
N GLU A 311 9.08 -44.14 19.88
CA GLU A 311 10.33 -43.43 19.59
C GLU A 311 10.15 -41.96 19.34
N TYR A 312 9.02 -41.55 18.77
CA TYR A 312 8.78 -40.13 18.51
C TYR A 312 7.68 -39.60 19.43
N LYS A 313 7.73 -38.28 19.62
CA LYS A 313 6.64 -37.54 20.24
C LYS A 313 5.43 -37.63 19.31
N PRO A 314 4.21 -37.60 19.83
CA PRO A 314 3.05 -37.69 18.95
C PRO A 314 2.97 -36.48 18.06
N PRO A 315 2.36 -36.62 16.87
CA PRO A 315 2.45 -35.57 15.85
C PRO A 315 2.10 -34.18 16.36
N GLY A 316 3.01 -33.23 16.15
CA GLY A 316 2.74 -31.83 16.42
C GLY A 316 2.77 -31.42 17.88
N THR A 317 3.19 -32.32 18.79
CA THR A 317 3.29 -32.03 20.22
C THR A 317 4.64 -31.46 20.65
N ARG A 318 5.67 -31.50 19.80
CA ARG A 318 6.94 -30.83 20.13
C ARG A 318 6.88 -29.41 19.58
N LYS A 319 6.43 -28.46 20.40
CA LYS A 319 6.08 -27.13 19.89
C LYS A 319 7.31 -26.24 19.74
N LEU A 320 7.39 -25.53 18.61
CA LEU A 320 8.45 -24.53 18.43
C LEU A 320 8.41 -23.50 19.55
N HIS A 321 7.20 -23.22 20.04
CA HIS A 321 7.01 -22.29 21.15
C HIS A 321 7.88 -22.68 22.34
N ASN A 322 8.05 -23.99 22.56
CA ASN A 322 8.89 -24.45 23.66
C ASN A 322 10.31 -24.72 23.21
N ILE A 323 10.50 -25.15 21.98
CA ILE A 323 11.87 -25.24 21.47
C ILE A 323 12.57 -23.91 21.62
N LEU A 324 11.88 -22.82 21.30
CA LEU A 324 12.48 -21.49 21.31
C LEU A 324 12.47 -20.85 22.69
N GLY A 325 11.75 -21.42 23.66
CA GLY A 325 11.60 -20.78 24.97
C GLY A 325 10.89 -19.44 24.96
N VAL A 326 9.86 -19.30 24.12
CA VAL A 326 9.23 -17.99 23.88
C VAL A 326 8.90 -17.29 25.18
N GLU A 327 8.25 -18.00 26.11
CA GLU A 327 7.87 -17.39 27.38
C GLU A 327 8.71 -17.86 28.56
N THR A 328 9.87 -18.46 28.30
CA THR A 328 10.67 -19.03 29.39
C THR A 328 12.14 -18.65 29.27
N GLY A 329 12.45 -17.52 28.66
CA GLY A 329 13.81 -17.03 28.66
C GLY A 329 14.67 -17.50 27.51
N GLY A 330 14.08 -17.80 26.36
CA GLY A 330 14.85 -18.23 25.23
C GLY A 330 15.18 -19.70 25.26
N PRO A 331 15.96 -20.16 24.29
CA PRO A 331 16.26 -21.60 24.21
C PRO A 331 16.93 -22.10 25.48
N GLY A 332 16.28 -23.07 26.12
CA GLY A 332 16.80 -23.66 27.35
C GLY A 332 16.86 -22.67 28.50
N GLY A 333 16.18 -21.53 28.31
CA GLY A 333 16.18 -20.48 29.30
C GLY A 333 17.46 -19.68 29.39
N ARG A 334 18.38 -19.88 28.44
N ARG A 334 18.40 -19.85 28.46
CA ARG A 334 19.72 -19.28 28.53
CA ARG A 334 19.71 -19.25 28.63
C ARG A 334 19.71 -17.79 28.28
C ARG A 334 19.73 -17.77 28.26
N ARG A 335 18.63 -17.23 27.73
CA ARG A 335 18.54 -15.81 27.42
C ARG A 335 17.79 -15.02 28.47
N ALA A 336 17.34 -15.67 29.55
CA ALA A 336 16.56 -15.01 30.59
C ALA A 336 17.24 -13.74 31.08
N GLY A 337 16.50 -12.63 31.06
CA GLY A 337 17.03 -11.39 31.57
C GLY A 337 17.86 -10.56 30.61
N GLU A 338 18.09 -11.03 29.40
CA GLU A 338 18.87 -10.25 28.46
C GLU A 338 17.96 -9.30 27.70
N SER A 339 18.51 -8.18 27.29
CA SER A 339 17.77 -7.34 26.37
C SER A 339 17.82 -7.95 24.99
N GLY A 340 16.96 -7.44 24.09
CA GLY A 340 16.93 -7.98 22.75
C GLY A 340 16.42 -9.39 22.66
N HIS A 341 15.74 -9.86 23.70
CA HIS A 341 15.19 -11.19 23.72
C HIS A 341 13.83 -11.21 24.37
N THR A 342 12.97 -10.24 24.06
CA THR A 342 11.69 -10.12 24.76
C THR A 342 10.72 -11.21 24.29
N VAL A 343 9.64 -11.38 25.04
CA VAL A 343 8.61 -12.33 24.63
C VAL A 343 8.02 -11.89 23.30
N ALA A 344 7.78 -10.59 23.14
CA ALA A 344 7.27 -10.10 21.87
C ALA A 344 8.27 -10.37 20.76
N ASP A 345 9.55 -10.14 21.04
CA ASP A 345 10.56 -10.49 20.06
C ASP A 345 10.46 -11.95 19.65
N TYR A 346 10.36 -12.85 20.62
CA TYR A 346 10.31 -14.27 20.31
C TYR A 346 9.04 -14.63 19.54
N LEU A 347 7.89 -14.05 19.88
CA LEU A 347 6.69 -14.42 19.16
C LEU A 347 6.82 -14.04 17.69
N LYS A 348 7.35 -12.84 17.40
CA LYS A 348 7.57 -12.43 16.01
C LYS A 348 8.49 -13.40 15.31
N PHE A 349 9.61 -13.74 15.95
CA PHE A 349 10.52 -14.77 15.41
C PHE A 349 9.79 -16.07 15.10
N LYS A 350 9.02 -16.56 16.07
CA LYS A 350 8.38 -17.85 15.87
C LYS A 350 7.43 -17.79 14.68
N ASP A 351 6.71 -16.67 14.54
CA ASP A 351 5.73 -16.57 13.46
C ASP A 351 6.42 -16.66 12.11
N LEU A 352 7.50 -15.91 11.96
CA LEU A 352 8.26 -15.95 10.72
C LEU A 352 8.78 -17.36 10.45
N ILE A 353 9.36 -17.99 11.46
CA ILE A 353 9.89 -19.34 11.28
C ILE A 353 8.78 -20.27 10.82
N LEU A 354 7.62 -20.21 11.49
CA LEU A 354 6.54 -21.10 11.09
C LEU A 354 6.07 -20.81 9.67
N ARG A 355 6.08 -19.54 9.26
CA ARG A 355 5.71 -19.29 7.87
C ARG A 355 6.75 -19.81 6.90
N MET A 356 8.04 -19.77 7.27
CA MET A 356 9.05 -20.39 6.42
C MET A 356 8.91 -21.91 6.39
N LEU A 357 8.23 -22.50 7.37
CA LEU A 357 8.13 -23.96 7.45
C LEU A 357 6.76 -24.49 7.10
N ASP A 358 5.93 -23.66 6.46
CA ASP A 358 4.71 -24.11 5.81
C ASP A 358 4.96 -25.38 5.02
N TYR A 359 4.12 -26.40 5.23
CA TYR A 359 4.24 -27.59 4.38
C TYR A 359 3.95 -27.28 2.92
N ASP A 360 3.03 -26.36 2.64
CA ASP A 360 2.62 -26.14 1.26
C ASP A 360 3.61 -25.20 0.58
N PRO A 361 4.34 -25.68 -0.43
CA PRO A 361 5.31 -24.80 -1.11
C PRO A 361 4.66 -23.58 -1.71
N LYS A 362 3.37 -23.64 -2.02
CA LYS A 362 2.72 -22.55 -2.74
C LYS A 362 2.32 -21.40 -1.82
N THR A 363 2.16 -21.67 -0.51
CA THR A 363 1.86 -20.68 0.50
C THR A 363 3.02 -20.42 1.45
N ARG A 364 4.10 -21.20 1.40
CA ARG A 364 5.29 -20.89 2.19
C ARG A 364 5.76 -19.48 1.89
N ILE A 365 6.17 -18.76 2.94
CA ILE A 365 6.41 -17.33 2.77
C ILE A 365 7.56 -17.12 1.78
N GLN A 366 7.41 -16.12 0.94
CA GLN A 366 8.37 -15.81 -0.08
C GLN A 366 9.24 -14.62 0.31
N PRO A 367 10.47 -14.58 -0.23
CA PRO A 367 11.47 -13.62 0.26
C PRO A 367 10.98 -12.18 0.31
N TYR A 368 10.21 -11.74 -0.68
CA TYR A 368 9.71 -10.36 -0.67
C TYR A 368 8.82 -10.12 0.53
N TYR A 369 7.99 -11.09 0.89
CA TYR A 369 7.07 -10.87 2.02
C TYR A 369 7.76 -11.14 3.34
N ALA A 370 8.77 -12.02 3.34
CA ALA A 370 9.49 -12.29 4.58
C ALA A 370 10.17 -11.02 5.06
N LEU A 371 10.75 -10.26 4.11
CA LEU A 371 11.39 -8.99 4.44
C LEU A 371 10.41 -8.00 5.07
N GLN A 372 9.10 -8.14 4.80
CA GLN A 372 8.14 -7.20 5.34
C GLN A 372 7.63 -7.62 6.71
N HIS A 373 8.02 -8.79 7.19
CA HIS A 373 7.53 -9.30 8.45
C HIS A 373 7.91 -8.39 9.61
N SER A 374 7.04 -8.35 10.61
CA SER A 374 7.26 -7.49 11.77
C SER A 374 8.50 -7.87 12.55
N PHE A 375 9.05 -9.06 12.34
CA PHE A 375 10.32 -9.43 12.98
C PHE A 375 11.45 -8.51 12.56
N PHE A 376 11.34 -7.86 11.40
CA PHE A 376 12.43 -7.03 10.89
C PHE A 376 12.24 -5.54 11.14
N LYS A 377 11.12 -5.14 11.73
CA LYS A 377 10.86 -3.71 11.82
C LYS A 377 11.79 -3.05 12.83
N LYS A 378 11.80 -1.71 12.81
CA LYS A 378 12.23 -0.85 13.92
C LYS A 378 13.73 -0.56 13.93
N THR A 379 14.27 -0.36 15.15
CA THR A 379 15.67 0.01 15.41
C THR A 379 16.25 0.97 14.36
N VAL B 32 49.72 21.15 22.93
CA VAL B 32 49.21 22.49 23.14
C VAL B 32 47.69 22.50 22.89
N TYR B 33 47.28 21.90 21.76
CA TYR B 33 45.88 21.95 21.27
C TYR B 33 45.11 20.71 21.73
N ASN B 34 44.13 20.94 22.62
CA ASN B 34 43.23 19.89 23.11
C ASN B 34 44.03 18.66 23.57
N ASP B 35 45.07 18.92 24.36
CA ASP B 35 45.91 17.88 24.95
C ASP B 35 46.50 16.95 23.91
N GLY B 36 46.83 17.47 22.72
CA GLY B 36 47.48 16.69 21.69
C GLY B 36 46.55 15.94 20.75
N TYR B 37 45.24 16.04 20.92
CA TYR B 37 44.34 15.35 20.00
C TYR B 37 44.03 16.16 18.76
N ASP B 38 44.32 17.45 18.75
CA ASP B 38 43.98 18.33 17.64
C ASP B 38 45.24 18.84 16.95
N ASP B 39 45.07 19.26 15.70
CA ASP B 39 46.10 20.00 14.99
C ASP B 39 45.92 21.48 15.28
N ASP B 40 46.71 22.31 14.61
CA ASP B 40 46.65 23.74 14.90
C ASP B 40 45.45 24.41 14.24
N ASN B 41 44.55 23.65 13.62
CA ASN B 41 43.41 24.24 12.95
C ASN B 41 42.12 23.60 13.45
N TYR B 42 42.12 23.13 14.68
CA TYR B 42 40.95 22.68 15.43
C TYR B 42 40.39 21.36 14.93
N ASP B 43 41.04 20.70 13.98
CA ASP B 43 40.61 19.38 13.57
C ASP B 43 41.15 18.30 14.52
N TYR B 44 40.33 17.27 14.73
CA TYR B 44 40.82 16.06 15.36
C TYR B 44 41.85 15.39 14.45
N ILE B 45 42.99 15.03 15.00
CA ILE B 45 44.02 14.38 14.20
C ILE B 45 43.61 12.91 14.06
N VAL B 46 43.12 12.55 12.86
CA VAL B 46 42.57 11.23 12.62
C VAL B 46 43.69 10.19 12.52
N LYS B 47 43.44 9.02 13.09
CA LYS B 47 44.39 7.91 13.13
C LYS B 47 43.68 6.63 12.73
N ASN B 48 44.10 6.02 11.62
CA ASN B 48 43.44 4.81 11.16
C ASN B 48 43.51 3.71 12.22
N GLY B 49 42.39 2.99 12.36
CA GLY B 49 42.29 1.89 13.31
C GLY B 49 41.75 2.25 14.68
N GLU B 50 41.64 3.54 15.02
CA GLU B 50 41.30 3.93 16.38
C GLU B 50 39.87 3.51 16.72
N LYS B 51 39.69 3.02 17.94
CA LYS B 51 38.39 2.60 18.41
C LYS B 51 37.86 3.66 19.38
N TRP B 52 36.58 4.00 19.24
CA TRP B 52 35.97 5.00 20.09
C TRP B 52 34.83 4.37 20.88
N MET B 53 34.84 4.60 22.21
CA MET B 53 33.68 4.39 23.07
C MET B 53 33.24 2.93 23.06
N ASP B 54 34.17 2.02 22.77
CA ASP B 54 33.88 0.61 22.57
C ASP B 54 32.81 0.37 21.49
N ARG B 55 32.62 1.35 20.59
CA ARG B 55 31.56 1.31 19.59
C ARG B 55 32.04 1.47 18.16
N TYR B 56 32.84 2.51 17.89
CA TYR B 56 33.22 2.88 16.52
C TYR B 56 34.67 2.53 16.27
N GLU B 57 34.94 1.82 15.17
CA GLU B 57 36.31 1.55 14.71
C GLU B 57 36.58 2.51 13.55
N ILE B 58 37.49 3.45 13.77
CA ILE B 58 37.76 4.48 12.78
C ILE B 58 38.62 3.88 11.67
N ASP B 59 38.20 4.08 10.43
CA ASP B 59 38.86 3.45 9.30
C ASP B 59 39.70 4.42 8.48
N SER B 60 39.12 5.54 8.03
CA SER B 60 39.83 6.40 7.09
C SER B 60 39.17 7.76 7.07
N LEU B 61 39.97 8.78 6.83
CA LEU B 61 39.46 10.09 6.47
C LEU B 61 38.88 10.06 5.05
N ILE B 62 37.64 10.54 4.87
CA ILE B 62 37.03 10.42 3.56
C ILE B 62 36.51 11.76 3.06
N GLY B 63 36.54 12.77 3.92
CA GLY B 63 36.16 14.10 3.45
C GLY B 63 36.66 15.14 4.40
N LYS B 64 36.75 16.36 3.89
CA LYS B 64 37.33 17.49 4.60
C LYS B 64 36.67 18.74 4.01
N GLY B 65 36.21 19.63 4.88
CA GLY B 65 35.68 20.92 4.50
C GLY B 65 35.94 21.94 5.59
N SER B 66 35.34 23.14 5.49
CA SER B 66 35.61 24.16 6.50
C SER B 66 35.07 23.75 7.87
N PHE B 67 34.05 22.90 7.90
CA PHE B 67 33.43 22.50 9.16
C PHE B 67 34.32 21.58 10.00
N GLY B 68 35.33 20.97 9.38
CA GLY B 68 36.01 19.85 9.98
C GLY B 68 36.27 18.71 9.00
N GLN B 69 36.10 17.47 9.45
CA GLN B 69 36.51 16.31 8.69
C GLN B 69 35.40 15.26 8.71
N VAL B 70 35.42 14.38 7.72
CA VAL B 70 34.52 13.23 7.68
C VAL B 70 35.38 12.00 7.57
N VAL B 71 35.14 11.01 8.44
CA VAL B 71 35.86 9.75 8.41
C VAL B 71 34.86 8.63 8.14
N LYS B 72 35.38 7.51 7.67
CA LYS B 72 34.63 6.28 7.56
C LYS B 72 34.93 5.41 8.78
N ALA B 73 33.88 4.81 9.35
CA ALA B 73 33.98 4.06 10.59
C ALA B 73 33.03 2.87 10.58
N TYR B 74 33.37 1.83 11.34
CA TYR B 74 32.47 0.71 11.57
C TYR B 74 31.81 0.85 12.93
N ASP B 75 30.48 0.73 12.96
CA ASP B 75 29.68 0.79 14.19
C ASP B 75 29.43 -0.65 14.66
N ARG B 76 30.04 -1.04 15.78
CA ARG B 76 29.88 -2.41 16.26
C ARG B 76 28.51 -2.66 16.84
N VAL B 77 27.77 -1.61 17.21
CA VAL B 77 26.48 -1.86 17.82
C VAL B 77 25.44 -2.15 16.75
N GLU B 78 25.32 -1.27 15.77
CA GLU B 78 24.38 -1.53 14.70
C GLU B 78 24.93 -2.50 13.67
N GLN B 79 26.22 -2.83 13.74
CA GLN B 79 26.91 -3.73 12.80
C GLN B 79 26.74 -3.22 11.36
N GLU B 80 27.31 -2.05 11.12
CA GLU B 80 27.19 -1.37 9.84
C GLU B 80 28.28 -0.30 9.72
N TRP B 81 28.68 -0.04 8.48
CA TRP B 81 29.58 1.05 8.17
C TRP B 81 28.83 2.38 8.22
N VAL B 82 29.50 3.41 8.71
CA VAL B 82 28.90 4.72 8.84
C VAL B 82 29.92 5.78 8.46
N ALA B 83 29.41 6.98 8.24
CA ALA B 83 30.22 8.15 8.05
C ALA B 83 30.10 9.01 9.31
N ILE B 84 31.24 9.40 9.89
CA ILE B 84 31.22 10.24 11.07
C ILE B 84 31.80 11.61 10.72
N LYS B 85 30.99 12.65 10.90
CA LYS B 85 31.40 14.02 10.63
C LYS B 85 31.93 14.65 11.91
N ILE B 86 33.23 14.94 11.95
CA ILE B 86 33.89 15.39 13.17
C ILE B 86 33.99 16.91 13.09
N ILE B 87 33.23 17.62 13.94
CA ILE B 87 33.23 19.07 13.91
C ILE B 87 34.49 19.58 14.58
N LYS B 88 35.02 20.69 14.06
CA LYS B 88 36.18 21.35 14.64
C LYS B 88 35.90 21.71 16.09
N ASN B 89 36.88 21.48 16.95
CA ASN B 89 36.77 21.82 18.36
C ASN B 89 36.96 23.34 18.51
N LYS B 90 35.87 24.07 18.26
CA LYS B 90 35.87 25.53 18.30
C LYS B 90 34.44 26.05 18.33
N LYS B 91 34.17 27.00 19.22
CA LYS B 91 32.80 27.36 19.57
C LYS B 91 31.94 27.74 18.35
N ALA B 92 32.45 28.60 17.46
CA ALA B 92 31.61 29.03 16.33
C ALA B 92 31.22 27.85 15.44
N PHE B 93 32.16 26.91 15.23
CA PHE B 93 31.84 25.72 14.44
C PHE B 93 30.87 24.80 15.17
N LEU B 94 31.09 24.60 16.48
CA LEU B 94 30.17 23.78 17.27
C LEU B 94 28.77 24.36 17.26
N ASN B 95 28.66 25.67 17.45
CA ASN B 95 27.34 26.31 17.42
C ASN B 95 26.65 26.14 16.07
N GLN B 96 27.38 26.28 14.95
CA GLN B 96 26.73 26.06 13.68
C GLN B 96 26.35 24.59 13.48
N ALA B 97 27.23 23.65 13.84
CA ALA B 97 26.83 22.23 13.77
C ALA B 97 25.62 21.90 14.67
N GLN B 98 25.39 22.65 15.75
CA GLN B 98 24.16 22.41 16.50
C GLN B 98 22.91 22.79 15.69
N ILE B 99 22.96 23.93 14.98
CA ILE B 99 21.87 24.24 14.05
C ILE B 99 21.71 23.13 13.04
N GLU B 100 22.82 22.62 12.52
CA GLU B 100 22.75 21.55 11.53
C GLU B 100 22.10 20.28 12.11
N VAL B 101 22.50 19.86 13.31
CA VAL B 101 21.83 18.72 13.97
C VAL B 101 20.33 18.95 14.08
N ARG B 102 19.91 20.12 14.58
CA ARG B 102 18.49 20.43 14.66
C ARG B 102 17.79 20.31 13.30
N LEU B 103 18.43 20.81 12.22
CA LEU B 103 17.75 20.78 10.94
C LEU B 103 17.70 19.37 10.37
N LEU B 104 18.78 18.60 10.55
CA LEU B 104 18.80 17.20 10.09
C LEU B 104 17.75 16.35 10.78
N GLU B 105 17.58 16.52 12.10
CA GLU B 105 16.67 15.64 12.80
C GLU B 105 15.23 15.96 12.45
N LEU B 106 14.95 17.23 12.19
CA LEU B 106 13.59 17.62 11.82
C LEU B 106 13.22 17.07 10.46
N MET B 107 14.18 17.06 9.54
CA MET B 107 13.96 16.54 8.20
C MET B 107 13.86 15.03 8.22
N ASN B 108 14.70 14.35 8.99
CA ASN B 108 14.57 12.89 9.01
C ASN B 108 13.24 12.47 9.63
N LYS B 109 12.75 13.23 10.60
CA LYS B 109 11.48 12.88 11.22
C LYS B 109 10.33 12.98 10.22
N HIS B 110 10.38 13.94 9.27
CA HIS B 110 9.37 13.98 8.24
C HIS B 110 9.71 13.12 7.05
N ASP B 111 10.85 12.45 7.06
CA ASP B 111 11.21 11.61 5.91
C ASP B 111 11.42 10.19 6.40
N THR B 112 10.46 9.71 7.19
CA THR B 112 10.62 8.45 7.89
C THR B 112 11.04 7.32 6.94
N GLU B 113 10.36 7.19 5.79
CA GLU B 113 10.70 6.18 4.79
C GLU B 113 11.92 6.56 3.94
N MET B 114 12.57 7.68 4.22
CA MET B 114 13.83 8.03 3.57
C MET B 114 13.70 8.06 2.05
N LYS B 115 12.65 8.71 1.56
CA LYS B 115 12.43 8.79 0.13
C LYS B 115 12.65 10.18 -0.47
N TYR B 116 13.08 11.18 0.30
CA TYR B 116 13.19 12.53 -0.25
C TYR B 116 14.65 12.99 -0.43
N TYR B 117 15.61 12.07 -0.54
CA TYR B 117 16.98 12.36 -0.96
C TYR B 117 17.72 13.30 -0.01
N ILE B 118 17.35 13.31 1.27
CA ILE B 118 18.05 14.04 2.32
C ILE B 118 18.78 13.03 3.19
N VAL B 119 20.09 13.23 3.38
CA VAL B 119 20.96 12.32 4.15
C VAL B 119 20.39 12.02 5.53
N HIS B 120 20.63 10.83 6.05
CA HIS B 120 20.03 10.46 7.32
C HIS B 120 21.06 10.61 8.43
N LEU B 121 20.75 11.45 9.41
CA LEU B 121 21.58 11.60 10.60
C LEU B 121 21.12 10.56 11.62
N LYS B 122 21.97 9.55 11.88
CA LYS B 122 21.56 8.51 12.82
C LYS B 122 21.66 8.96 14.28
N ARG B 123 22.74 9.66 14.64
CA ARG B 123 23.18 9.84 16.02
C ARG B 123 24.16 10.99 16.07
N HIS B 124 24.27 11.63 17.22
CA HIS B 124 25.42 12.52 17.45
C HIS B 124 25.92 12.32 18.87
N PHE B 125 27.18 12.70 19.08
CA PHE B 125 27.82 12.52 20.36
C PHE B 125 29.02 13.44 20.39
N MET B 126 29.44 13.78 21.60
CA MET B 126 30.67 14.53 21.86
C MET B 126 31.78 13.55 22.20
N PHE B 127 32.90 13.67 21.50
CA PHE B 127 34.02 12.79 21.78
C PHE B 127 35.29 13.62 21.75
N ARG B 128 36.04 13.62 22.85
CA ARG B 128 37.31 14.34 22.94
C ARG B 128 37.18 15.79 22.50
N ASN B 129 36.08 16.42 22.94
CA ASN B 129 35.72 17.81 22.71
C ASN B 129 35.36 18.11 21.26
N HIS B 130 34.96 17.10 20.49
CA HIS B 130 34.44 17.27 19.13
C HIS B 130 33.00 16.77 19.03
N LEU B 131 32.10 17.63 18.57
CA LEU B 131 30.81 17.16 18.10
C LEU B 131 31.01 16.27 16.89
N CYS B 132 30.38 15.10 16.93
CA CYS B 132 30.48 14.09 15.89
C CYS B 132 29.07 13.70 15.44
N LEU B 133 28.80 13.80 14.15
CA LEU B 133 27.48 13.41 13.62
C LEU B 133 27.66 12.10 12.87
N VAL B 134 26.74 11.17 13.08
CA VAL B 134 26.86 9.84 12.49
C VAL B 134 25.78 9.68 11.44
N PHE B 135 26.21 9.47 10.20
CA PHE B 135 25.35 9.34 9.04
C PHE B 135 25.46 7.94 8.45
N GLU B 136 24.44 7.58 7.67
CA GLU B 136 24.64 6.50 6.71
C GLU B 136 25.90 6.76 5.90
N MET B 137 26.48 5.67 5.42
CA MET B 137 27.74 5.71 4.68
C MET B 137 27.45 5.87 3.19
N LEU B 138 28.05 6.88 2.56
CA LEU B 138 27.71 7.24 1.19
C LEU B 138 28.95 7.15 0.29
N SER B 139 28.73 7.28 -1.02
CA SER B 139 29.81 7.24 -1.99
C SER B 139 30.33 8.65 -2.27
N TYR B 140 31.05 8.82 -3.37
CA TYR B 140 31.66 10.09 -3.66
C TYR B 140 30.61 11.07 -4.16
N ASN B 141 31.04 12.29 -4.41
CA ASN B 141 30.08 13.35 -4.70
C ASN B 141 30.05 13.61 -6.21
N LEU B 142 29.21 14.58 -6.62
CA LEU B 142 29.05 14.81 -8.06
C LEU B 142 30.27 15.50 -8.64
N TYR B 143 31.02 16.26 -7.83
CA TYR B 143 32.28 16.77 -8.32
C TYR B 143 33.25 15.63 -8.63
N ASP B 144 33.40 14.68 -7.69
CA ASP B 144 34.23 13.50 -7.96
C ASP B 144 33.82 12.85 -9.25
N LEU B 145 32.51 12.72 -9.47
CA LEU B 145 31.99 12.08 -10.68
C LEU B 145 32.44 12.82 -11.94
N LEU B 146 32.33 14.16 -11.94
CA LEU B 146 32.79 14.95 -13.08
C LEU B 146 34.28 14.76 -13.31
N ARG B 147 35.05 14.76 -12.22
CA ARG B 147 36.48 14.55 -12.38
C ARG B 147 36.77 13.17 -12.93
N ASN B 148 35.90 12.20 -12.68
CA ASN B 148 36.22 10.82 -13.04
C ASN B 148 36.27 10.64 -14.56
N THR B 149 35.37 11.27 -15.30
CA THR B 149 35.47 11.27 -16.75
C THR B 149 36.11 12.54 -17.28
N ASN B 150 37.04 13.12 -16.52
CA ASN B 150 37.92 14.19 -17.01
C ASN B 150 37.14 15.42 -17.44
N PHE B 151 35.98 15.66 -16.83
CA PHE B 151 35.20 16.87 -17.06
C PHE B 151 34.61 16.93 -18.46
N ARG B 152 34.46 15.78 -19.10
CA ARG B 152 33.66 15.72 -20.30
C ARG B 152 32.20 16.06 -19.98
N GLY B 153 31.80 15.90 -18.72
CA GLY B 153 30.44 16.01 -18.28
C GLY B 153 29.70 14.70 -18.44
N VAL B 154 28.63 14.56 -17.71
CA VAL B 154 27.86 13.34 -17.77
C VAL B 154 26.72 13.55 -18.77
N SER B 155 26.15 12.45 -19.23
CA SER B 155 25.13 12.52 -20.26
C SER B 155 23.95 13.34 -19.78
N LEU B 156 23.11 13.75 -20.74
CA LEU B 156 21.88 14.49 -20.43
C LEU B 156 20.90 13.61 -19.66
N ASN B 157 20.78 12.34 -20.07
CA ASN B 157 19.95 11.39 -19.33
C ASN B 157 20.29 11.40 -17.86
N LEU B 158 21.57 11.25 -17.54
CA LEU B 158 21.96 11.23 -16.14
C LEU B 158 21.70 12.58 -15.50
N THR B 159 22.03 13.68 -16.20
CA THR B 159 21.68 15.01 -15.74
C THR B 159 20.19 15.10 -15.39
N ARG B 160 19.32 14.59 -16.29
CA ARG B 160 17.89 14.57 -15.99
C ARG B 160 17.61 13.86 -14.65
N LYS B 161 18.21 12.67 -14.44
CA LYS B 161 17.93 11.92 -13.21
C LYS B 161 18.35 12.70 -11.95
N PHE B 162 19.53 13.33 -12.01
CA PHE B 162 19.97 14.20 -10.92
C PHE B 162 18.98 15.34 -10.67
N ALA B 163 18.45 15.92 -11.77
CA ALA B 163 17.58 17.08 -11.64
C ALA B 163 16.25 16.70 -11.02
N GLN B 164 15.72 15.56 -11.43
CA GLN B 164 14.44 15.14 -10.89
C GLN B 164 14.56 14.84 -9.40
N GLN B 165 15.63 14.19 -8.99
CA GLN B 165 15.80 13.90 -7.57
C GLN B 165 16.02 15.17 -6.79
N MET B 166 16.74 16.13 -7.40
CA MET B 166 17.06 17.37 -6.71
C MET B 166 15.80 18.21 -6.54
N CYS B 167 15.00 18.36 -7.59
CA CYS B 167 13.72 19.06 -7.48
C CYS B 167 12.80 18.40 -6.45
N THR B 168 12.75 17.07 -6.41
CA THR B 168 11.93 16.42 -5.39
C THR B 168 12.44 16.75 -4.00
N ALA B 169 13.76 16.73 -3.80
CA ALA B 169 14.32 17.07 -2.49
C ALA B 169 13.98 18.50 -2.11
N LEU B 170 14.12 19.43 -3.07
CA LEU B 170 13.77 20.82 -2.82
C LEU B 170 12.28 20.97 -2.56
N LEU B 171 11.44 20.20 -3.29
CA LEU B 171 10.02 20.14 -2.93
C LEU B 171 9.85 19.80 -1.44
N PHE B 172 10.62 18.82 -0.95
CA PHE B 172 10.54 18.41 0.45
C PHE B 172 10.93 19.54 1.39
N LEU B 173 12.08 20.17 1.14
CA LEU B 173 12.50 21.28 2.00
C LEU B 173 11.46 22.40 2.04
N ALA B 174 10.63 22.52 1.00
CA ALA B 174 9.67 23.62 0.95
C ALA B 174 8.39 23.30 1.71
N THR B 175 8.22 22.07 2.19
CA THR B 175 7.00 21.74 2.89
C THR B 175 6.91 22.64 4.12
N PRO B 176 5.70 23.07 4.49
CA PRO B 176 5.57 24.21 5.41
C PRO B 176 6.29 24.03 6.73
N GLU B 177 6.20 22.84 7.32
CA GLU B 177 6.83 22.61 8.62
C GLU B 177 8.35 22.69 8.54
N LEU B 178 8.95 22.48 7.38
CA LEU B 178 10.39 22.58 7.26
C LEU B 178 10.84 23.98 6.85
N SER B 179 10.44 24.43 5.65
CA SER B 179 10.85 25.72 5.07
C SER B 179 12.35 25.94 5.23
N ILE B 180 13.12 24.98 4.74
CA ILE B 180 14.55 24.97 4.98
C ILE B 180 15.28 25.42 3.72
N ILE B 181 16.23 26.32 3.88
CA ILE B 181 17.13 26.74 2.81
C ILE B 181 18.46 26.06 3.04
N HIS B 182 18.88 25.19 2.11
CA HIS B 182 20.16 24.49 2.28
C HIS B 182 21.32 25.48 2.28
N CYS B 183 21.32 26.43 1.32
CA CYS B 183 22.20 27.59 1.29
C CYS B 183 23.60 27.27 0.80
N ASP B 184 23.95 26.01 0.56
CA ASP B 184 25.29 25.73 0.04
C ASP B 184 25.26 24.59 -0.96
N LEU B 185 24.25 24.52 -1.81
CA LEU B 185 24.25 23.45 -2.82
C LEU B 185 25.37 23.66 -3.81
N LYS B 186 26.01 22.58 -4.18
CA LYS B 186 27.15 22.60 -5.07
C LYS B 186 27.42 21.12 -5.34
N PRO B 187 28.14 20.76 -6.40
CA PRO B 187 28.32 19.33 -6.69
C PRO B 187 28.95 18.54 -5.54
N GLU B 188 29.87 19.14 -4.78
CA GLU B 188 30.49 18.47 -3.64
C GLU B 188 29.50 18.10 -2.55
N ASN B 189 28.37 18.80 -2.45
CA ASN B 189 27.41 18.50 -1.40
C ASN B 189 26.27 17.61 -1.89
N ILE B 190 26.45 16.97 -3.03
CA ILE B 190 25.48 16.00 -3.53
C ILE B 190 26.23 14.69 -3.71
N LEU B 191 25.87 13.69 -2.91
CA LEU B 191 26.62 12.44 -2.89
C LEU B 191 25.79 11.34 -3.54
N LEU B 192 26.48 10.41 -4.18
CA LEU B 192 25.83 9.24 -4.74
C LEU B 192 25.70 8.14 -3.68
N CYS B 193 24.53 7.50 -3.66
CA CYS B 193 24.36 6.29 -2.86
C CYS B 193 25.43 5.27 -3.19
N ASN B 194 25.65 5.04 -4.48
CA ASN B 194 26.60 4.08 -4.97
C ASN B 194 27.18 4.64 -6.25
N PRO B 195 28.47 4.48 -6.52
CA PRO B 195 29.06 5.09 -7.73
C PRO B 195 28.51 4.51 -9.02
N LYS B 196 27.90 3.32 -8.98
CA LYS B 196 27.38 2.70 -10.18
C LYS B 196 26.04 3.30 -10.62
N ARG B 197 25.30 3.93 -9.72
CA ARG B 197 23.94 4.38 -10.02
C ARG B 197 23.80 5.89 -9.85
N SER B 198 22.58 6.34 -10.09
CA SER B 198 22.25 7.75 -10.13
C SER B 198 21.59 8.24 -8.86
N ALA B 199 21.27 7.32 -7.94
CA ALA B 199 20.66 7.69 -6.66
C ALA B 199 21.55 8.66 -5.88
N ILE B 200 20.95 9.70 -5.31
CA ILE B 200 21.72 10.74 -4.64
C ILE B 200 21.10 11.13 -3.31
N LYS B 201 21.93 11.77 -2.49
CA LYS B 201 21.50 12.40 -1.25
C LYS B 201 22.20 13.74 -1.10
N ILE B 202 21.49 14.72 -0.55
CA ILE B 202 22.05 16.03 -0.24
C ILE B 202 22.68 15.98 1.14
N VAL B 203 23.86 16.56 1.29
CA VAL B 203 24.56 16.57 2.58
C VAL B 203 24.94 18.00 2.96
N ASP B 204 25.52 18.14 4.16
CA ASP B 204 26.10 19.38 4.68
C ASP B 204 25.06 20.50 4.78
N PHE B 205 24.19 20.35 5.77
CA PHE B 205 23.32 21.43 6.18
C PHE B 205 23.98 22.37 7.17
N GLY B 206 25.31 22.45 7.16
CA GLY B 206 26.06 23.33 8.03
C GLY B 206 25.84 24.82 7.80
N SER B 207 25.36 25.22 6.63
CA SER B 207 24.99 26.63 6.43
C SER B 207 23.49 26.86 6.39
N SER B 208 22.71 25.78 6.57
CA SER B 208 21.28 25.86 6.32
C SER B 208 20.55 26.69 7.36
N CYS B 209 19.39 27.17 6.96
CA CYS B 209 18.56 27.91 7.89
C CYS B 209 17.12 27.66 7.52
N GLN B 210 16.23 28.16 8.36
CA GLN B 210 14.83 28.11 8.04
C GLN B 210 14.37 29.51 7.64
N LEU B 211 13.28 29.56 6.90
CA LEU B 211 12.75 30.83 6.44
C LEU B 211 12.44 31.70 7.65
N GLY B 212 12.81 32.98 7.58
CA GLY B 212 12.71 33.81 8.78
C GLY B 212 13.51 33.31 9.98
N GLN B 213 14.61 32.58 9.75
CA GLN B 213 15.63 32.36 10.77
C GLN B 213 17.01 32.52 10.16
N ARG B 214 17.11 33.37 9.15
CA ARG B 214 18.34 33.60 8.41
C ARG B 214 19.27 34.53 9.21
N ILE B 215 20.54 34.17 9.30
CA ILE B 215 21.49 34.88 10.16
C ILE B 215 22.72 35.40 9.40
N TYR B 216 22.97 34.96 8.18
CA TYR B 216 24.16 35.38 7.44
C TYR B 216 23.78 36.04 6.12
N GLN B 217 24.54 37.05 5.73
CA GLN B 217 24.33 37.69 4.43
C GLN B 217 25.21 37.12 3.31
N ILE B 219 26.52 34.18 1.86
CA ILE B 219 26.24 32.76 1.91
C ILE B 219 26.30 32.19 0.51
N GLN B 220 26.34 30.86 0.48
CA GLN B 220 26.43 30.02 -0.72
C GLN B 220 27.87 30.02 -1.23
N SER B 221 28.23 29.00 -2.00
CA SER B 221 29.52 29.03 -2.67
C SER B 221 29.43 29.92 -3.91
N ARG B 222 30.52 30.65 -4.17
CA ARG B 222 30.46 31.81 -5.04
C ARG B 222 29.92 31.46 -6.41
N PHE B 223 30.35 30.32 -6.97
CA PHE B 223 29.85 29.92 -8.29
C PHE B 223 28.34 29.63 -8.27
N TYR B 224 27.77 29.32 -7.09
CA TYR B 224 26.37 28.95 -6.99
C TYR B 224 25.57 30.01 -6.29
N ARG B 225 26.18 31.18 -6.08
CA ARG B 225 25.58 32.23 -5.28
C ARG B 225 24.55 32.99 -6.11
N SER B 226 23.36 33.16 -5.58
CA SER B 226 22.27 33.71 -6.32
C SER B 226 22.37 35.24 -6.39
N PRO B 227 21.74 35.86 -7.38
CA PRO B 227 21.82 37.32 -7.48
C PRO B 227 21.33 38.03 -6.24
N GLU B 228 20.27 37.54 -5.58
CA GLU B 228 19.76 38.27 -4.43
C GLU B 228 20.78 38.28 -3.29
N VAL B 229 21.57 37.21 -3.15
CA VAL B 229 22.62 37.21 -2.14
C VAL B 229 23.78 38.12 -2.54
N LEU B 230 24.25 38.04 -3.79
CA LEU B 230 25.26 38.98 -4.26
C LEU B 230 24.80 40.43 -4.05
N LEU B 231 23.49 40.67 -4.05
CA LEU B 231 22.94 42.02 -3.97
C LEU B 231 22.60 42.44 -2.54
N GLY B 232 22.88 41.60 -1.57
CA GLY B 232 22.54 41.89 -0.19
C GLY B 232 21.05 42.04 0.03
N MET B 233 20.22 41.32 -0.73
CA MET B 233 18.77 41.39 -0.58
C MET B 233 18.26 40.27 0.33
N PRO B 234 17.04 40.40 0.85
CA PRO B 234 16.40 39.25 1.52
C PRO B 234 16.43 38.03 0.60
N TYR B 235 16.51 36.85 1.19
CA TYR B 235 16.53 35.65 0.38
C TYR B 235 15.59 34.59 0.96
N ASP B 236 15.22 33.64 0.13
CA ASP B 236 14.29 32.63 0.57
C ASP B 236 14.69 31.33 -0.11
N LEU B 237 13.77 30.37 -0.18
CA LEU B 237 14.16 29.04 -0.66
C LEU B 237 14.64 29.07 -2.11
N ALA B 238 14.28 30.12 -2.86
CA ALA B 238 14.62 30.15 -4.27
C ALA B 238 16.13 30.23 -4.53
N ILE B 239 16.94 30.72 -3.59
CA ILE B 239 18.38 30.71 -3.82
C ILE B 239 18.89 29.29 -4.03
N ASP B 240 18.17 28.26 -3.54
CA ASP B 240 18.58 26.87 -3.81
C ASP B 240 18.27 26.45 -5.25
N MET B 241 17.15 26.92 -5.80
CA MET B 241 16.83 26.62 -7.19
C MET B 241 17.83 27.26 -8.14
N TRP B 242 18.27 28.48 -7.83
CA TRP B 242 19.33 29.11 -8.61
C TRP B 242 20.59 28.23 -8.62
N SER B 243 21.04 27.81 -7.43
CA SER B 243 22.25 26.99 -7.33
C SER B 243 22.07 25.72 -8.14
N LEU B 244 20.86 25.17 -8.12
CA LEU B 244 20.59 23.93 -8.83
C LEU B 244 20.64 24.14 -10.35
N GLY B 245 20.16 25.29 -10.82
CA GLY B 245 20.36 25.62 -12.23
C GLY B 245 21.83 25.60 -12.63
N CYS B 246 22.68 26.22 -11.81
CA CYS B 246 24.12 26.26 -12.08
C CYS B 246 24.72 24.88 -12.07
N ILE B 247 24.32 24.07 -11.08
CA ILE B 247 24.86 22.74 -10.94
C ILE B 247 24.52 21.88 -12.14
N LEU B 248 23.26 21.95 -12.58
CA LEU B 248 22.82 21.04 -13.64
C LEU B 248 23.55 21.31 -14.95
N VAL B 249 23.86 22.59 -15.24
CA VAL B 249 24.62 22.91 -16.43
C VAL B 249 26.04 22.39 -16.30
N GLU B 250 26.66 22.67 -15.15
CA GLU B 250 28.03 22.21 -14.91
C GLU B 250 28.13 20.68 -14.97
N MET B 251 27.11 19.95 -14.50
CA MET B 251 27.16 18.50 -14.62
C MET B 251 27.21 18.06 -16.07
N HIS B 252 26.54 18.79 -16.97
CA HIS B 252 26.54 18.30 -18.33
C HIS B 252 27.71 18.85 -19.16
N THR B 253 28.16 20.06 -18.89
CA THR B 253 29.28 20.64 -19.62
C THR B 253 30.61 20.31 -19.00
N GLY B 254 30.63 19.94 -17.72
CA GLY B 254 31.88 19.66 -17.06
C GLY B 254 32.51 20.86 -16.39
N GLU B 255 32.00 22.07 -16.62
CA GLU B 255 32.66 23.24 -16.05
C GLU B 255 31.65 24.18 -15.42
N PRO B 256 32.06 25.00 -14.45
CA PRO B 256 31.07 25.85 -13.80
C PRO B 256 30.45 26.81 -14.80
N LEU B 257 29.18 27.12 -14.60
CA LEU B 257 28.50 28.04 -15.49
C LEU B 257 28.97 29.48 -15.25
N PHE B 258 29.06 29.88 -13.98
CA PHE B 258 29.47 31.22 -13.57
C PHE B 258 30.67 31.07 -12.62
N SER B 259 31.88 31.14 -13.17
CA SER B 259 33.09 30.88 -12.38
C SER B 259 33.76 32.17 -11.93
N GLY B 260 33.06 32.95 -11.12
CA GLY B 260 33.63 34.21 -10.67
C GLY B 260 34.70 33.98 -9.63
N ALA B 261 35.80 34.71 -9.78
CA ALA B 261 36.91 34.74 -8.85
C ALA B 261 36.64 35.64 -7.65
N ASN B 262 35.65 36.52 -7.74
CA ASN B 262 35.18 37.34 -6.63
C ASN B 262 33.74 37.73 -6.98
N GLU B 263 33.08 38.45 -6.07
CA GLU B 263 31.66 38.75 -6.27
C GLU B 263 31.44 39.64 -7.50
N VAL B 264 32.35 40.57 -7.75
CA VAL B 264 32.23 41.44 -8.93
C VAL B 264 32.36 40.63 -10.19
N ASP B 265 33.37 39.77 -10.27
CA ASP B 265 33.53 38.88 -11.42
C ASP B 265 32.33 37.97 -11.57
N GLN B 266 31.78 37.53 -10.44
CA GLN B 266 30.63 36.62 -10.45
C GLN B 266 29.40 37.29 -11.05
N MET B 267 29.09 38.51 -10.59
CA MET B 267 27.92 39.22 -11.12
C MET B 267 28.10 39.52 -12.60
N ASN B 268 29.32 39.88 -13.00
CA ASN B 268 29.59 40.14 -14.41
C ASN B 268 29.46 38.88 -15.23
N LYS B 269 29.86 37.75 -14.67
CA LYS B 269 29.71 36.51 -15.41
C LYS B 269 28.24 36.16 -15.60
N ILE B 270 27.41 36.46 -14.61
CA ILE B 270 25.97 36.21 -14.74
C ILE B 270 25.39 37.13 -15.80
N VAL B 271 25.76 38.40 -15.77
CA VAL B 271 25.23 39.37 -16.71
C VAL B 271 25.59 39.01 -18.16
N GLU B 272 26.79 38.46 -18.38
CA GLU B 272 27.20 38.04 -19.72
C GLU B 272 26.20 37.10 -20.35
N VAL B 273 25.59 36.26 -19.52
CA VAL B 273 24.70 35.22 -19.97
C VAL B 273 23.25 35.68 -19.97
N LEU B 274 22.84 36.37 -18.91
CA LEU B 274 21.44 36.69 -18.66
C LEU B 274 21.11 38.18 -18.80
N GLY B 275 22.10 39.04 -19.06
CA GLY B 275 21.84 40.47 -19.19
C GLY B 275 21.80 41.19 -17.85
N ILE B 276 21.52 42.47 -17.92
CA ILE B 276 21.35 43.28 -16.71
C ILE B 276 20.09 42.84 -15.99
N PRO B 277 20.15 42.61 -14.68
CA PRO B 277 18.94 42.28 -13.94
C PRO B 277 17.97 43.44 -13.98
N PRO B 278 16.68 43.19 -13.76
CA PRO B 278 15.67 44.23 -13.97
C PRO B 278 15.70 45.29 -12.89
N ALA B 279 15.20 46.47 -13.27
CA ALA B 279 15.19 47.62 -12.38
C ALA B 279 14.39 47.38 -11.10
N HIS B 280 13.25 46.68 -11.18
CA HIS B 280 12.46 46.53 -9.96
C HIS B 280 13.24 45.78 -8.90
N ILE B 281 14.18 44.93 -9.31
CA ILE B 281 15.10 44.31 -8.38
C ILE B 281 16.19 45.28 -7.97
N LEU B 282 16.93 45.81 -8.94
CA LEU B 282 18.09 46.64 -8.60
C LEU B 282 17.69 47.88 -7.82
N ASP B 283 16.46 48.39 -8.01
CA ASP B 283 15.96 49.51 -7.21
C ASP B 283 15.82 49.17 -5.75
N GLN B 284 15.74 47.88 -5.42
CA GLN B 284 15.60 47.46 -4.03
C GLN B 284 16.85 46.75 -3.51
N ALA B 285 17.95 46.77 -4.25
CA ALA B 285 19.15 46.06 -3.86
C ALA B 285 20.09 46.98 -3.07
N PRO B 286 20.40 46.68 -1.81
CA PRO B 286 21.39 47.48 -1.08
C PRO B 286 22.78 47.52 -1.74
N LYS B 287 23.19 46.46 -2.41
CA LYS B 287 24.50 46.43 -3.04
C LYS B 287 24.43 46.59 -4.56
N ALA B 288 23.37 47.21 -5.08
CA ALA B 288 23.27 47.37 -6.54
C ALA B 288 24.47 48.14 -7.11
N ARG B 289 24.88 49.23 -6.46
CA ARG B 289 26.02 50.05 -6.91
C ARG B 289 27.37 49.39 -6.64
N LYS B 290 27.42 48.16 -6.13
CA LYS B 290 28.68 47.44 -6.17
C LYS B 290 29.03 46.95 -7.57
N PHE B 291 28.02 46.78 -8.45
CA PHE B 291 28.18 46.19 -9.77
C PHE B 291 27.66 47.07 -10.91
N PHE B 292 26.65 47.86 -10.60
CA PHE B 292 25.79 48.52 -11.56
C PHE B 292 25.65 49.99 -11.17
N GLU B 293 25.02 50.73 -12.07
CA GLU B 293 24.98 52.18 -12.03
C GLU B 293 23.63 52.61 -12.59
N LYS B 294 22.95 53.51 -11.90
CA LYS B 294 21.60 53.91 -12.27
C LYS B 294 21.67 55.24 -13.02
N LEU B 295 21.25 55.25 -14.28
CA LEU B 295 21.28 56.45 -15.13
C LEU B 295 20.08 57.36 -14.83
N PRO B 296 20.11 58.62 -15.31
CA PRO B 296 19.00 59.53 -15.00
C PRO B 296 17.60 59.02 -15.36
N ASP B 297 17.42 58.40 -16.52
CA ASP B 297 16.10 57.86 -16.83
C ASP B 297 15.70 56.71 -15.91
N GLY B 298 16.52 56.35 -14.95
CA GLY B 298 16.18 55.27 -14.06
C GLY B 298 16.58 53.90 -14.51
N THR B 299 17.14 53.75 -15.71
CA THR B 299 17.61 52.42 -16.11
C THR B 299 19.04 52.18 -15.60
N TRP B 300 19.39 50.89 -15.49
CA TRP B 300 20.67 50.46 -14.94
C TRP B 300 21.60 49.87 -16.00
N ASN B 301 22.89 50.08 -15.78
CA ASN B 301 23.97 49.53 -16.58
C ASN B 301 25.00 48.97 -15.62
N LEU B 302 25.89 48.15 -16.17
CA LEU B 302 27.12 47.84 -15.47
C LEU B 302 27.86 49.13 -15.14
N LYS B 303 28.58 49.12 -14.02
CA LYS B 303 29.42 50.25 -13.64
C LYS B 303 30.47 50.51 -14.71
N LYS B 304 30.95 51.75 -14.79
CA LYS B 304 31.90 52.10 -15.85
C LYS B 304 33.23 51.36 -15.66
N THR B 305 33.81 50.90 -16.77
CA THR B 305 35.11 50.23 -16.81
C THR B 305 36.21 51.20 -17.26
N LYS B 306 37.45 50.89 -16.87
CA LYS B 306 38.60 51.70 -17.28
C LYS B 306 38.68 51.77 -18.79
N ASP B 307 39.01 52.96 -19.30
CA ASP B 307 39.14 53.16 -20.74
C ASP B 307 40.18 52.20 -21.31
N GLY B 308 39.88 51.64 -22.47
CA GLY B 308 40.77 50.68 -23.09
C GLY B 308 40.84 49.33 -22.41
N LYS B 309 39.93 49.03 -21.50
CA LYS B 309 39.92 47.78 -20.76
C LYS B 309 38.66 47.02 -21.12
N ARG B 310 38.82 45.77 -21.56
CA ARG B 310 37.72 44.98 -22.09
C ARG B 310 37.89 43.56 -21.57
N GLU B 311 36.93 43.08 -20.77
CA GLU B 311 37.06 41.76 -20.14
C GLU B 311 35.87 40.83 -20.33
N TYR B 312 34.66 41.40 -20.43
CA TYR B 312 33.44 40.64 -20.41
C TYR B 312 32.69 40.80 -21.73
N LYS B 313 32.14 39.70 -22.22
CA LYS B 313 31.12 39.75 -23.27
C LYS B 313 30.04 40.76 -22.89
N PRO B 314 29.49 41.49 -23.85
CA PRO B 314 28.43 42.45 -23.57
C PRO B 314 27.23 41.76 -22.98
N PRO B 315 26.39 42.49 -22.24
CA PRO B 315 25.33 41.84 -21.47
C PRO B 315 24.46 40.91 -22.32
N GLY B 316 24.28 39.69 -21.81
CA GLY B 316 23.40 38.77 -22.49
C GLY B 316 23.86 38.22 -23.83
N THR B 317 25.12 38.44 -24.23
CA THR B 317 25.59 37.88 -25.51
C THR B 317 26.21 36.48 -25.38
N ARG B 318 26.44 35.98 -24.17
CA ARG B 318 26.94 34.62 -23.99
C ARG B 318 25.74 33.71 -23.75
N LYS B 319 25.12 33.30 -24.85
CA LYS B 319 23.88 32.55 -24.82
C LYS B 319 24.07 31.15 -24.24
N LEU B 320 23.18 30.77 -23.31
CA LEU B 320 23.15 29.38 -22.84
C LEU B 320 22.95 28.43 -24.02
N HIS B 321 22.31 28.92 -25.07
CA HIS B 321 22.08 28.12 -26.27
C HIS B 321 23.39 27.61 -26.89
N ASN B 322 24.43 28.39 -26.78
CA ASN B 322 25.73 27.99 -27.28
C ASN B 322 26.57 27.30 -26.23
N ILE B 323 26.44 27.69 -24.96
CA ILE B 323 27.16 26.96 -23.92
C ILE B 323 26.78 25.49 -23.98
N LEU B 324 25.48 25.22 -24.14
CA LEU B 324 24.98 23.87 -24.15
C LEU B 324 25.15 23.19 -25.49
N GLY B 325 25.50 23.95 -26.53
CA GLY B 325 25.61 23.38 -27.85
C GLY B 325 24.29 22.81 -28.30
N VAL B 326 23.21 23.56 -28.10
CA VAL B 326 21.87 23.04 -28.34
C VAL B 326 21.76 22.48 -29.74
N GLU B 327 22.28 23.20 -30.73
CA GLU B 327 22.20 22.71 -32.11
C GLU B 327 23.55 22.33 -32.69
N THR B 328 24.57 22.15 -31.87
CA THR B 328 25.90 21.90 -32.42
C THR B 328 26.54 20.68 -31.77
N GLY B 329 25.74 19.76 -31.25
CA GLY B 329 26.28 18.52 -30.72
C GLY B 329 26.55 18.51 -29.24
N GLY B 330 25.86 19.34 -28.47
CA GLY B 330 26.12 19.40 -27.05
C GLY B 330 27.37 20.20 -26.77
N PRO B 331 27.73 20.28 -25.49
CA PRO B 331 28.86 21.13 -25.09
C PRO B 331 30.17 20.73 -25.76
N GLY B 332 30.89 21.73 -26.27
CA GLY B 332 32.10 21.49 -27.00
C GLY B 332 31.92 20.59 -28.22
N GLY B 333 30.68 20.29 -28.57
CA GLY B 333 30.41 19.32 -29.60
C GLY B 333 30.60 17.87 -29.19
N ARG B 334 30.75 17.60 -27.90
CA ARG B 334 31.14 16.25 -27.45
C ARG B 334 30.02 15.22 -27.53
N ARG B 335 28.79 15.63 -27.85
CA ARG B 335 27.66 14.71 -27.82
C ARG B 335 27.09 14.45 -29.21
N ALA B 336 27.81 14.84 -30.25
CA ALA B 336 27.34 14.70 -31.62
C ALA B 336 27.11 13.24 -31.98
N GLY B 337 25.93 12.94 -32.52
CA GLY B 337 25.62 11.59 -32.96
C GLY B 337 25.31 10.58 -31.86
N GLU B 338 25.21 11.01 -30.60
CA GLU B 338 24.81 10.13 -29.50
C GLU B 338 23.29 10.15 -29.34
N SER B 339 22.73 9.01 -28.96
CA SER B 339 21.33 8.98 -28.56
C SER B 339 21.15 9.82 -27.30
N GLY B 340 19.90 10.18 -27.00
CA GLY B 340 19.60 10.88 -25.77
C GLY B 340 20.10 12.31 -25.68
N HIS B 341 20.42 12.93 -26.80
CA HIS B 341 20.90 14.30 -26.83
C HIS B 341 20.32 15.00 -28.07
N THR B 342 19.00 14.88 -28.25
CA THR B 342 18.43 15.51 -29.44
C THR B 342 18.34 17.01 -29.25
N VAL B 343 18.16 17.72 -30.37
CA VAL B 343 17.96 19.17 -30.31
C VAL B 343 16.75 19.50 -29.45
N ALA B 344 15.66 18.74 -29.59
CA ALA B 344 14.50 19.01 -28.76
C ALA B 344 14.81 18.80 -27.27
N ASP B 345 15.54 17.72 -26.94
CA ASP B 345 15.98 17.50 -25.56
C ASP B 345 16.74 18.71 -25.02
N TYR B 346 17.69 19.21 -25.81
CA TYR B 346 18.48 20.36 -25.34
C TYR B 346 17.60 21.59 -25.13
N LEU B 347 16.67 21.84 -26.06
CA LEU B 347 15.81 23.00 -25.93
C LEU B 347 14.93 22.89 -24.69
N LYS B 348 14.38 21.70 -24.42
CA LYS B 348 13.63 21.53 -23.18
C LYS B 348 14.52 21.77 -21.98
N PHE B 349 15.73 21.21 -21.99
CA PHE B 349 16.65 21.40 -20.88
C PHE B 349 16.98 22.88 -20.70
N LYS B 350 17.21 23.59 -21.82
CA LYS B 350 17.59 25.01 -21.74
C LYS B 350 16.50 25.82 -21.07
N ASP B 351 15.27 25.61 -21.53
CA ASP B 351 14.12 26.30 -20.94
C ASP B 351 14.06 26.07 -19.43
N LEU B 352 14.24 24.81 -18.99
CA LEU B 352 14.14 24.51 -17.55
C LEU B 352 15.23 25.26 -16.78
N ILE B 353 16.46 25.22 -17.29
CA ILE B 353 17.56 25.93 -16.66
C ILE B 353 17.26 27.42 -16.57
N LEU B 354 16.84 28.00 -17.71
CA LEU B 354 16.62 29.44 -17.74
C LEU B 354 15.58 29.85 -16.72
N ARG B 355 14.55 29.01 -16.51
CA ARG B 355 13.55 29.33 -15.49
C ARG B 355 14.12 29.11 -14.08
N MET B 356 15.08 28.21 -13.94
CA MET B 356 15.78 28.12 -12.66
C MET B 356 16.65 29.33 -12.41
N LEU B 357 17.13 29.99 -13.48
CA LEU B 357 17.99 31.15 -13.35
C LEU B 357 17.26 32.47 -13.58
N ASP B 358 15.93 32.48 -13.54
CA ASP B 358 15.17 33.72 -13.43
C ASP B 358 15.77 34.63 -12.36
N TYR B 359 16.00 35.89 -12.72
CA TYR B 359 16.56 36.87 -11.78
C TYR B 359 15.62 37.14 -10.60
N ASP B 360 14.32 37.08 -10.83
CA ASP B 360 13.35 37.44 -9.82
C ASP B 360 13.01 36.21 -8.97
N PRO B 361 13.37 36.19 -7.68
CA PRO B 361 13.02 35.02 -6.83
C PRO B 361 11.52 34.77 -6.70
N LYS B 362 10.66 35.77 -6.89
CA LYS B 362 9.23 35.54 -6.77
C LYS B 362 8.65 34.77 -7.97
N THR B 363 9.28 34.88 -9.15
CA THR B 363 8.84 34.14 -10.32
C THR B 363 9.77 33.00 -10.72
N ARG B 364 10.99 32.93 -10.19
CA ARG B 364 11.85 31.78 -10.42
C ARG B 364 11.08 30.48 -10.18
N ILE B 365 11.32 29.48 -11.02
CA ILE B 365 10.45 28.31 -11.00
C ILE B 365 10.59 27.58 -9.67
N GLN B 366 9.46 27.06 -9.17
CA GLN B 366 9.43 26.37 -7.87
C GLN B 366 9.39 24.86 -8.05
N PRO B 367 9.84 24.09 -7.05
CA PRO B 367 10.07 22.65 -7.29
C PRO B 367 8.85 21.90 -7.82
N TYR B 368 7.64 22.19 -7.32
CA TYR B 368 6.46 21.48 -7.80
C TYR B 368 6.30 21.66 -9.30
N TYR B 369 6.44 22.90 -9.78
CA TYR B 369 6.27 23.19 -11.19
C TYR B 369 7.47 22.78 -12.02
N ALA B 370 8.67 22.80 -11.42
CA ALA B 370 9.82 22.27 -12.13
C ALA B 370 9.60 20.79 -12.45
N LEU B 371 9.04 20.05 -11.51
CA LEU B 371 8.83 18.62 -11.73
C LEU B 371 7.86 18.38 -12.88
N GLN B 372 6.94 19.28 -13.11
CA GLN B 372 6.02 19.12 -14.24
C GLN B 372 6.60 19.63 -15.56
N HIS B 373 7.85 20.07 -15.58
CA HIS B 373 8.45 20.58 -16.80
C HIS B 373 8.64 19.48 -17.83
N SER B 374 8.47 19.86 -19.11
CA SER B 374 8.47 18.88 -20.20
C SER B 374 9.82 18.18 -20.34
N PHE B 375 10.88 18.75 -19.78
CA PHE B 375 12.17 18.07 -19.71
C PHE B 375 12.06 16.71 -19.03
N PHE B 376 11.11 16.56 -18.10
CA PHE B 376 10.96 15.31 -17.37
C PHE B 376 9.97 14.33 -17.99
N LYS B 377 9.16 14.77 -18.95
CA LYS B 377 8.16 13.86 -19.52
C LYS B 377 8.87 12.72 -20.23
N LYS B 378 8.49 11.49 -19.88
CA LYS B 378 9.18 10.30 -20.40
C LYS B 378 8.67 9.92 -21.80
N TYR C 33 -55.94 -15.83 10.22
CA TYR C 33 -54.66 -16.30 10.77
C TYR C 33 -54.84 -16.99 12.11
N ASN C 34 -54.98 -18.31 12.09
CA ASN C 34 -55.05 -19.12 13.31
C ASN C 34 -56.11 -18.58 14.26
N ASP C 35 -57.27 -18.21 13.68
CA ASP C 35 -58.44 -17.75 14.43
C ASP C 35 -58.20 -16.39 15.11
N GLY C 36 -57.28 -15.59 14.57
CA GLY C 36 -56.94 -14.31 15.15
C GLY C 36 -55.87 -14.33 16.22
N TYR C 37 -55.25 -15.48 16.48
CA TYR C 37 -54.19 -15.58 17.48
C TYR C 37 -52.81 -15.22 16.93
N ASP C 38 -52.60 -15.32 15.63
CA ASP C 38 -51.34 -14.96 14.98
C ASP C 38 -51.55 -13.71 14.14
N ASP C 39 -50.43 -13.08 13.75
CA ASP C 39 -50.48 -12.06 12.71
C ASP C 39 -50.23 -12.71 11.36
N ASP C 40 -50.00 -11.91 10.32
CA ASP C 40 -49.86 -12.44 8.96
C ASP C 40 -48.50 -13.08 8.71
N ASN C 41 -47.54 -12.95 9.62
CA ASN C 41 -46.25 -13.61 9.50
C ASN C 41 -46.10 -14.77 10.47
N TYR C 42 -47.22 -15.43 10.80
CA TYR C 42 -47.23 -16.69 11.54
C TYR C 42 -46.73 -16.55 12.98
N ASP C 43 -46.46 -15.32 13.42
CA ASP C 43 -46.09 -15.10 14.81
C ASP C 43 -47.34 -15.03 15.68
N TYR C 44 -47.28 -15.65 16.86
CA TYR C 44 -48.28 -15.41 17.88
C TYR C 44 -48.26 -13.95 18.31
N ILE C 45 -49.45 -13.35 18.39
CA ILE C 45 -49.57 -11.96 18.83
C ILE C 45 -49.48 -11.94 20.35
N VAL C 46 -48.38 -11.41 20.87
CA VAL C 46 -48.17 -11.40 22.32
C VAL C 46 -49.09 -10.37 22.95
N LYS C 47 -49.85 -10.80 23.95
CA LYS C 47 -50.61 -9.90 24.80
C LYS C 47 -49.93 -9.91 26.16
N ASN C 48 -49.32 -8.78 26.54
CA ASN C 48 -48.61 -8.71 27.80
C ASN C 48 -49.59 -8.84 28.96
N GLY C 49 -49.30 -9.74 29.89
CA GLY C 49 -50.19 -10.09 30.96
C GLY C 49 -50.97 -11.36 30.77
N GLU C 50 -50.82 -12.03 29.63
CA GLU C 50 -51.61 -13.24 29.39
C GLU C 50 -51.12 -14.39 30.26
N LYS C 51 -52.01 -15.35 30.49
CA LYS C 51 -51.79 -16.46 31.42
C LYS C 51 -52.12 -17.76 30.70
N TRP C 52 -51.10 -18.38 30.10
CA TRP C 52 -51.29 -19.59 29.31
C TRP C 52 -51.32 -20.83 30.19
N MET C 53 -52.29 -21.71 29.94
CA MET C 53 -52.30 -23.07 30.49
C MET C 53 -52.17 -23.07 32.02
N ASP C 54 -52.58 -21.98 32.66
CA ASP C 54 -52.55 -21.85 34.11
C ASP C 54 -51.15 -22.06 34.69
N ARG C 55 -50.08 -21.88 33.87
CA ARG C 55 -48.71 -22.08 34.33
C ARG C 55 -47.80 -20.89 34.06
N TYR C 56 -47.97 -20.20 32.93
CA TYR C 56 -47.01 -19.20 32.48
C TYR C 56 -47.67 -17.83 32.37
N GLU C 57 -47.09 -16.83 33.03
CA GLU C 57 -47.58 -15.46 32.98
C GLU C 57 -46.65 -14.62 32.11
N ILE C 58 -47.24 -13.94 31.12
CA ILE C 58 -46.47 -13.30 30.05
C ILE C 58 -46.12 -11.87 30.45
N ASP C 59 -44.83 -11.61 30.70
CA ASP C 59 -44.42 -10.24 30.98
C ASP C 59 -44.33 -9.41 29.73
N SER C 60 -43.43 -9.78 28.81
CA SER C 60 -43.11 -8.95 27.65
C SER C 60 -42.26 -9.76 26.68
N LEU C 61 -42.06 -9.18 25.50
CA LEU C 61 -41.32 -9.81 24.42
C LEU C 61 -39.85 -9.37 24.45
N ILE C 62 -38.93 -10.34 24.50
CA ILE C 62 -37.51 -10.07 24.75
C ILE C 62 -36.67 -10.23 23.48
N GLY C 63 -37.30 -10.39 22.32
CA GLY C 63 -36.55 -10.62 21.09
C GLY C 63 -37.40 -11.24 20.01
N LYS C 64 -37.18 -10.84 18.76
CA LYS C 64 -37.89 -11.39 17.61
C LYS C 64 -36.88 -11.78 16.56
N GLY C 65 -36.98 -13.02 16.06
CA GLY C 65 -36.07 -13.54 15.07
C GLY C 65 -36.78 -14.05 13.84
N SER C 66 -36.03 -14.71 12.95
CA SER C 66 -36.67 -15.30 11.78
C SER C 66 -37.55 -16.47 12.17
N PHE C 67 -37.25 -17.10 13.29
CA PHE C 67 -37.92 -18.31 13.73
C PHE C 67 -39.27 -18.04 14.39
N GLY C 68 -39.45 -16.83 14.92
CA GLY C 68 -40.55 -16.51 15.80
C GLY C 68 -40.10 -15.53 16.86
N GLN C 69 -40.52 -15.74 18.11
CA GLN C 69 -40.33 -14.73 19.14
C GLN C 69 -39.87 -15.34 20.44
N VAL C 70 -39.30 -14.50 21.29
CA VAL C 70 -38.85 -14.90 22.62
C VAL C 70 -39.42 -13.92 23.64
N VAL C 71 -40.05 -14.46 24.68
CA VAL C 71 -40.73 -13.66 25.69
C VAL C 71 -40.26 -14.08 27.08
N LYS C 72 -40.02 -13.10 27.94
CA LYS C 72 -39.89 -13.38 29.36
C LYS C 72 -41.25 -13.73 29.91
N ALA C 73 -41.30 -14.73 30.78
CA ALA C 73 -42.55 -15.18 31.37
C ALA C 73 -42.22 -15.83 32.69
N TYR C 74 -43.25 -16.05 33.51
CA TYR C 74 -43.08 -16.57 34.86
C TYR C 74 -43.77 -17.93 34.99
N ASP C 75 -42.99 -18.95 35.34
CA ASP C 75 -43.53 -20.29 35.62
C ASP C 75 -44.00 -20.30 37.06
N ARG C 76 -45.32 -20.16 37.25
CA ARG C 76 -45.92 -20.20 38.57
C ARG C 76 -45.77 -21.54 39.26
N VAL C 77 -45.39 -22.60 38.53
CA VAL C 77 -45.20 -23.92 39.15
C VAL C 77 -43.82 -24.02 39.80
N GLU C 78 -42.77 -23.87 39.00
CA GLU C 78 -41.41 -23.91 39.55
C GLU C 78 -41.00 -22.58 40.13
N GLN C 79 -41.83 -21.55 39.99
CA GLN C 79 -41.61 -20.24 40.61
C GLN C 79 -40.30 -19.60 40.15
N GLU C 80 -39.96 -19.82 38.89
CA GLU C 80 -38.76 -19.26 38.27
C GLU C 80 -39.16 -18.40 37.06
N TRP C 81 -38.46 -17.28 36.86
CA TRP C 81 -38.63 -16.54 35.64
C TRP C 81 -38.03 -17.30 34.47
N VAL C 82 -38.75 -17.34 33.35
CA VAL C 82 -38.31 -18.08 32.18
C VAL C 82 -38.43 -17.22 30.93
N ALA C 83 -37.65 -17.58 29.92
CA ALA C 83 -37.84 -17.13 28.56
C ALA C 83 -38.43 -18.28 27.76
N ILE C 84 -39.53 -18.02 27.07
CA ILE C 84 -40.15 -19.00 26.18
C ILE C 84 -39.94 -18.55 24.75
N LYS C 85 -39.41 -19.45 23.93
CA LYS C 85 -39.18 -19.20 22.52
C LYS C 85 -40.37 -19.77 21.75
N ILE C 86 -41.10 -18.89 21.08
CA ILE C 86 -42.35 -19.22 20.39
C ILE C 86 -42.03 -19.34 18.91
N ILE C 87 -42.19 -20.55 18.36
CA ILE C 87 -41.87 -20.78 16.95
C ILE C 87 -43.10 -20.43 16.11
N LYS C 88 -42.85 -19.93 14.90
CA LYS C 88 -43.95 -19.55 14.01
C LYS C 88 -44.83 -20.76 13.67
N ASN C 89 -46.14 -20.50 13.56
CA ASN C 89 -47.11 -21.53 13.18
C ASN C 89 -47.07 -21.70 11.67
N LYS C 90 -46.11 -22.51 11.21
CA LYS C 90 -45.93 -22.82 9.80
C LYS C 90 -44.97 -24.00 9.70
N LYS C 91 -45.30 -24.97 8.83
CA LYS C 91 -44.65 -26.27 8.89
C LYS C 91 -43.13 -26.17 8.83
N ALA C 92 -42.61 -25.34 7.92
CA ALA C 92 -41.17 -25.28 7.71
C ALA C 92 -40.46 -24.85 8.99
N PHE C 93 -40.98 -23.82 9.66
CA PHE C 93 -40.41 -23.41 10.93
C PHE C 93 -40.66 -24.47 12.01
N LEU C 94 -41.85 -25.04 12.05
CA LEU C 94 -42.12 -26.09 13.03
C LEU C 94 -41.09 -27.21 12.90
N ASN C 95 -40.88 -27.72 11.69
CA ASN C 95 -39.99 -28.88 11.54
C ASN C 95 -38.59 -28.54 12.01
N GLN C 96 -38.06 -27.41 11.56
CA GLN C 96 -36.68 -27.08 11.91
C GLN C 96 -36.57 -26.93 13.43
N ALA C 97 -37.58 -26.34 14.06
CA ALA C 97 -37.57 -26.25 15.52
C ALA C 97 -37.61 -27.63 16.15
N GLN C 98 -38.22 -28.62 15.48
CA GLN C 98 -38.15 -29.99 16.01
C GLN C 98 -36.71 -30.47 16.02
N ILE C 99 -35.94 -30.16 14.97
CA ILE C 99 -34.53 -30.53 14.98
C ILE C 99 -33.84 -29.86 16.16
N GLU C 100 -34.11 -28.56 16.34
CA GLU C 100 -33.53 -27.81 17.45
C GLU C 100 -33.86 -28.45 18.80
N VAL C 101 -35.11 -28.87 18.98
CA VAL C 101 -35.51 -29.53 20.22
C VAL C 101 -34.64 -30.76 20.46
N ARG C 102 -34.56 -31.65 19.46
CA ARG C 102 -33.79 -32.88 19.63
C ARG C 102 -32.34 -32.58 19.98
N LEU C 103 -31.73 -31.60 19.31
CA LEU C 103 -30.31 -31.32 19.58
C LEU C 103 -30.11 -30.72 20.97
N LEU C 104 -31.03 -29.85 21.43
CA LEU C 104 -30.88 -29.29 22.77
C LEU C 104 -31.04 -30.35 23.84
N GLU C 105 -32.02 -31.25 23.69
CA GLU C 105 -32.18 -32.33 24.66
C GLU C 105 -30.98 -33.25 24.63
N LEU C 106 -30.49 -33.57 23.43
CA LEU C 106 -29.25 -34.32 23.33
C LEU C 106 -28.12 -33.61 24.09
N MET C 107 -27.95 -32.30 23.86
CA MET C 107 -26.85 -31.58 24.51
C MET C 107 -27.04 -31.52 26.02
N ASN C 108 -28.26 -31.24 26.48
CA ASN C 108 -28.48 -31.13 27.92
C ASN C 108 -28.39 -32.49 28.62
N LYS C 109 -28.72 -33.57 27.93
CA LYS C 109 -28.54 -34.92 28.44
C LYS C 109 -27.08 -35.25 28.74
N HIS C 110 -26.14 -34.72 27.94
CA HIS C 110 -24.72 -34.93 28.17
C HIS C 110 -24.06 -33.80 28.98
N ASP C 111 -24.84 -32.84 29.52
CA ASP C 111 -24.29 -31.75 30.34
C ASP C 111 -25.22 -31.61 31.55
N THR C 112 -25.00 -32.44 32.56
CA THR C 112 -25.96 -32.55 33.66
C THR C 112 -25.84 -31.36 34.60
N GLU C 113 -24.68 -31.21 35.24
CA GLU C 113 -24.28 -29.94 35.81
C GLU C 113 -23.93 -29.05 34.64
N MET C 114 -24.68 -27.97 34.42
CA MET C 114 -24.57 -27.27 33.15
C MET C 114 -23.24 -26.55 33.02
N LYS C 115 -22.14 -27.32 32.92
CA LYS C 115 -20.79 -26.78 33.09
C LYS C 115 -20.13 -26.39 31.77
N TYR C 116 -20.54 -27.00 30.67
CA TYR C 116 -20.29 -26.44 29.35
C TYR C 116 -21.37 -25.39 29.07
N TYR C 117 -21.16 -24.60 28.04
CA TYR C 117 -21.83 -23.30 27.93
C TYR C 117 -23.01 -23.32 26.97
N ILE C 118 -23.83 -24.37 27.04
CA ILE C 118 -24.99 -24.57 26.19
C ILE C 118 -26.25 -24.24 26.97
N VAL C 119 -27.18 -23.54 26.31
CA VAL C 119 -28.44 -23.16 26.96
C VAL C 119 -29.26 -24.40 27.31
N HIS C 120 -29.91 -24.34 28.47
CA HIS C 120 -30.70 -25.45 28.97
C HIS C 120 -32.16 -25.29 28.54
N LEU C 121 -32.65 -26.22 27.72
CA LEU C 121 -34.08 -26.29 27.39
C LEU C 121 -34.79 -27.01 28.54
N LYS C 122 -35.69 -26.29 29.23
CA LYS C 122 -36.36 -26.91 30.38
C LYS C 122 -37.46 -27.86 29.95
N ARG C 123 -38.36 -27.41 29.07
N ARG C 123 -38.36 -27.41 29.08
CA ARG C 123 -39.55 -28.14 28.65
CA ARG C 123 -39.52 -28.18 28.65
C ARG C 123 -39.95 -27.61 27.28
C ARG C 123 -40.02 -27.59 27.34
N HIS C 124 -40.78 -28.38 26.59
CA HIS C 124 -41.38 -27.90 25.34
C HIS C 124 -42.84 -28.32 25.28
N PHE C 125 -43.65 -27.50 24.62
CA PHE C 125 -45.08 -27.78 24.53
C PHE C 125 -45.67 -27.10 23.28
N MET C 126 -46.89 -27.53 22.92
CA MET C 126 -47.65 -26.92 21.84
C MET C 126 -48.76 -26.09 22.44
N PHE C 127 -48.76 -24.78 22.15
CA PHE C 127 -49.79 -23.88 22.67
C PHE C 127 -50.38 -23.08 21.52
N ARG C 128 -51.70 -23.11 21.40
CA ARG C 128 -52.43 -22.40 20.36
C ARG C 128 -51.75 -22.61 19.00
N ASN C 129 -51.38 -23.86 18.74
CA ASN C 129 -50.72 -24.29 17.51
C ASN C 129 -49.33 -23.69 17.34
N HIS C 130 -48.67 -23.30 18.43
CA HIS C 130 -47.28 -22.82 18.38
C HIS C 130 -46.40 -23.74 19.21
N LEU C 131 -45.28 -24.18 18.64
CA LEU C 131 -44.30 -24.92 19.41
C LEU C 131 -43.50 -23.94 20.27
N CYS C 132 -43.55 -24.14 21.58
CA CYS C 132 -42.90 -23.24 22.54
C CYS C 132 -41.76 -23.97 23.24
N LEU C 133 -40.58 -23.38 23.18
CA LEU C 133 -39.41 -23.90 23.86
C LEU C 133 -39.15 -23.06 25.11
N VAL C 134 -39.08 -23.74 26.24
CA VAL C 134 -38.94 -23.07 27.53
C VAL C 134 -37.48 -23.15 27.95
N PHE C 135 -36.83 -22.00 27.98
CA PHE C 135 -35.44 -21.87 28.40
C PHE C 135 -35.34 -21.11 29.71
N GLU C 136 -34.18 -21.25 30.36
CA GLU C 136 -33.87 -20.41 31.50
C GLU C 136 -33.88 -18.95 31.08
N MET C 137 -33.93 -18.08 32.08
CA MET C 137 -33.86 -16.65 31.85
C MET C 137 -32.39 -16.20 31.86
N LEU C 138 -31.99 -15.46 30.84
CA LEU C 138 -30.61 -14.98 30.73
C LEU C 138 -30.60 -13.50 30.39
N SER C 139 -29.42 -12.90 30.52
CA SER C 139 -29.23 -11.47 30.28
C SER C 139 -29.14 -11.14 28.80
N TYR C 140 -28.61 -9.97 28.50
CA TYR C 140 -28.48 -9.56 27.11
C TYR C 140 -27.30 -10.28 26.45
N ASN C 141 -27.27 -10.23 25.13
CA ASN C 141 -26.30 -10.96 24.34
C ASN C 141 -25.03 -10.15 24.19
N LEU C 142 -24.08 -10.66 23.38
CA LEU C 142 -22.83 -9.96 23.17
C LEU C 142 -22.98 -8.78 22.22
N TYR C 143 -23.87 -8.89 21.22
CA TYR C 143 -24.15 -7.72 20.39
C TYR C 143 -24.69 -6.58 21.25
N ASP C 144 -25.62 -6.89 22.14
CA ASP C 144 -26.03 -5.91 23.13
C ASP C 144 -24.82 -5.37 23.89
N LEU C 145 -23.97 -6.26 24.40
CA LEU C 145 -22.79 -5.82 25.16
C LEU C 145 -21.91 -4.90 24.33
N LEU C 146 -21.84 -5.12 23.02
CA LEU C 146 -21.01 -4.27 22.17
C LEU C 146 -21.59 -2.87 22.02
N ARG C 147 -22.92 -2.74 21.99
CA ARG C 147 -23.53 -1.42 21.90
C ARG C 147 -23.26 -0.59 23.14
N ASN C 148 -23.37 -1.20 24.33
CA ASN C 148 -23.17 -0.47 25.57
C ASN C 148 -21.76 0.07 25.70
N THR C 149 -20.79 -0.51 25.00
CA THR C 149 -19.45 0.09 24.95
C THR C 149 -19.33 1.07 23.79
N ASN C 150 -20.43 1.31 23.07
CA ASN C 150 -20.51 2.28 21.97
C ASN C 150 -19.76 1.79 20.73
N PHE C 151 -19.68 0.46 20.59
CA PHE C 151 -18.91 -0.21 19.54
C PHE C 151 -17.41 0.10 19.63
N ARG C 152 -16.95 0.46 20.83
CA ARG C 152 -15.53 0.62 21.06
C ARG C 152 -14.84 -0.71 21.38
N GLY C 153 -15.60 -1.77 21.63
CA GLY C 153 -15.03 -3.06 21.98
C GLY C 153 -14.82 -3.22 23.47
N VAL C 154 -14.72 -4.48 23.89
CA VAL C 154 -14.36 -4.81 25.26
C VAL C 154 -12.89 -5.15 25.33
N SER C 155 -12.35 -5.12 26.54
CA SER C 155 -10.93 -5.32 26.79
C SER C 155 -10.47 -6.68 26.25
N LEU C 156 -9.18 -6.78 25.99
CA LEU C 156 -8.62 -8.04 25.54
C LEU C 156 -8.80 -9.13 26.61
N ASN C 157 -8.80 -8.73 27.89
CA ASN C 157 -9.00 -9.68 28.97
C ASN C 157 -10.40 -10.29 28.92
N LEU C 158 -11.41 -9.43 28.78
CA LEU C 158 -12.77 -9.95 28.66
C LEU C 158 -12.90 -10.79 27.41
N THR C 159 -12.33 -10.31 26.29
CA THR C 159 -12.36 -11.07 25.05
C THR C 159 -11.75 -12.46 25.24
N ARG C 160 -10.69 -12.56 26.03
CA ARG C 160 -10.07 -13.84 26.31
C ARG C 160 -11.01 -14.78 27.06
N LYS C 161 -11.76 -14.27 28.04
CA LYS C 161 -12.65 -15.11 28.80
C LYS C 161 -13.78 -15.66 27.92
N PHE C 162 -14.28 -14.85 26.98
CA PHE C 162 -15.26 -15.35 26.03
C PHE C 162 -14.66 -16.43 25.14
N ALA C 163 -13.43 -16.21 24.67
CA ALA C 163 -12.76 -17.18 23.82
C ALA C 163 -12.61 -18.53 24.52
N GLN C 164 -12.18 -18.51 25.77
CA GLN C 164 -11.95 -19.77 26.45
C GLN C 164 -13.26 -20.51 26.65
N GLN C 165 -14.32 -19.79 27.03
CA GLN C 165 -15.61 -20.43 27.18
C GLN C 165 -16.10 -21.01 25.85
N MET C 166 -16.04 -20.20 24.79
CA MET C 166 -16.53 -20.63 23.48
C MET C 166 -15.79 -21.87 23.01
N CYS C 167 -14.46 -21.88 23.14
CA CYS C 167 -13.68 -23.03 22.71
C CYS C 167 -14.07 -24.28 23.51
N THR C 168 -14.28 -24.10 24.82
CA THR C 168 -14.74 -25.20 25.66
C THR C 168 -16.09 -25.71 25.17
N ALA C 169 -17.00 -24.79 24.83
CA ALA C 169 -18.30 -25.21 24.33
C ALA C 169 -18.16 -25.96 23.01
N LEU C 170 -17.32 -25.43 22.10
CA LEU C 170 -17.14 -26.10 20.82
C LEU C 170 -16.44 -27.45 21.01
N LEU C 171 -15.57 -27.56 22.03
CA LEU C 171 -15.00 -28.85 22.37
C LEU C 171 -16.12 -29.84 22.70
N PHE C 172 -17.05 -29.40 23.54
CA PHE C 172 -18.22 -30.21 23.89
C PHE C 172 -19.00 -30.62 22.63
N LEU C 173 -19.28 -29.66 21.74
CA LEU C 173 -20.10 -29.99 20.57
C LEU C 173 -19.41 -31.01 19.70
N ALA C 174 -18.09 -31.00 19.69
CA ALA C 174 -17.28 -31.95 18.93
C ALA C 174 -17.24 -33.33 19.56
N THR C 175 -17.88 -33.53 20.70
CA THR C 175 -17.92 -34.85 21.32
C THR C 175 -18.48 -35.86 20.31
N PRO C 176 -17.88 -37.03 20.20
CA PRO C 176 -18.37 -38.01 19.23
C PRO C 176 -19.85 -38.31 19.36
N GLU C 177 -20.35 -38.39 20.59
CA GLU C 177 -21.78 -38.60 20.80
C GLU C 177 -22.61 -37.48 20.15
N LEU C 178 -22.11 -36.24 20.12
CA LEU C 178 -22.87 -35.10 19.60
C LEU C 178 -22.56 -34.76 18.14
N SER C 179 -21.33 -34.34 17.86
CA SER C 179 -20.93 -33.91 16.53
C SER C 179 -21.90 -32.85 15.97
N ILE C 180 -22.18 -31.85 16.79
CA ILE C 180 -23.14 -30.80 16.46
C ILE C 180 -22.41 -29.59 15.84
N ILE C 181 -22.86 -29.17 14.67
CA ILE C 181 -22.48 -27.86 14.12
C ILE C 181 -23.54 -26.87 14.53
N HIS C 182 -23.16 -25.83 15.28
CA HIS C 182 -24.14 -24.82 15.64
C HIS C 182 -24.65 -24.10 14.39
N CYS C 183 -23.74 -23.69 13.49
CA CYS C 183 -23.99 -23.12 12.17
C CYS C 183 -24.46 -21.67 12.21
N ASP C 184 -24.71 -21.07 13.36
CA ASP C 184 -25.09 -19.66 13.29
C ASP C 184 -24.49 -18.87 14.44
N LEU C 185 -23.21 -19.09 14.70
CA LEU C 185 -22.59 -18.30 15.75
C LEU C 185 -22.50 -16.86 15.29
N LYS C 186 -22.74 -15.94 16.23
CA LYS C 186 -22.76 -14.51 16.03
C LYS C 186 -22.94 -13.90 17.42
N PRO C 187 -22.46 -12.68 17.66
CA PRO C 187 -22.61 -12.10 19.00
C PRO C 187 -24.02 -12.13 19.55
N GLU C 188 -25.04 -11.89 18.72
CA GLU C 188 -26.43 -11.95 19.18
C GLU C 188 -26.74 -13.29 19.81
N ASN C 189 -26.10 -14.37 19.34
CA ASN C 189 -26.44 -15.71 19.73
C ASN C 189 -25.60 -16.24 20.89
N ILE C 190 -24.90 -15.34 21.58
CA ILE C 190 -24.13 -15.68 22.77
C ILE C 190 -24.62 -14.77 23.88
N LEU C 191 -25.20 -15.36 24.93
CA LEU C 191 -25.87 -14.59 25.95
C LEU C 191 -25.09 -14.66 27.26
N LEU C 192 -25.14 -13.56 28.00
CA LEU C 192 -24.52 -13.50 29.31
C LEU C 192 -25.48 -14.03 30.37
N CYS C 193 -24.95 -14.87 31.27
CA CYS C 193 -25.77 -15.29 32.40
C CYS C 193 -26.14 -14.11 33.28
N ASN C 194 -25.16 -13.27 33.59
CA ASN C 194 -25.29 -12.10 34.45
C ASN C 194 -24.75 -10.90 33.68
N PRO C 195 -25.43 -9.75 33.74
CA PRO C 195 -25.06 -8.64 32.84
C PRO C 195 -23.70 -8.02 33.13
N LYS C 196 -23.13 -8.23 34.31
CA LYS C 196 -21.82 -7.70 34.65
C LYS C 196 -20.77 -8.76 34.94
N ARG C 197 -21.13 -10.05 34.90
CA ARG C 197 -20.19 -11.17 34.98
C ARG C 197 -19.75 -11.60 33.59
N SER C 198 -18.80 -12.54 33.54
CA SER C 198 -18.22 -13.02 32.29
C SER C 198 -18.93 -14.22 31.70
N ALA C 199 -19.69 -14.96 32.50
CA ALA C 199 -20.19 -16.25 32.08
C ALA C 199 -21.18 -16.09 30.94
N ILE C 200 -21.09 -16.99 29.96
CA ILE C 200 -21.91 -16.93 28.77
C ILE C 200 -22.59 -18.27 28.54
N LYS C 201 -23.68 -18.23 27.79
CA LYS C 201 -24.30 -19.45 27.26
C LYS C 201 -24.70 -19.21 25.82
N ILE C 202 -24.47 -20.20 24.96
CA ILE C 202 -24.86 -20.12 23.57
C ILE C 202 -26.33 -20.52 23.43
N VAL C 203 -27.03 -19.85 22.53
CA VAL C 203 -28.44 -20.10 22.24
C VAL C 203 -28.63 -20.14 20.74
N ASP C 204 -29.88 -20.36 20.33
CA ASP C 204 -30.32 -20.38 18.94
C ASP C 204 -29.63 -21.48 18.14
N PHE C 205 -30.00 -22.71 18.49
CA PHE C 205 -29.62 -23.87 17.71
C PHE C 205 -30.61 -24.16 16.60
N GLY C 206 -31.35 -23.13 16.15
CA GLY C 206 -32.33 -23.32 15.10
C GLY C 206 -31.75 -23.75 13.77
N SER C 207 -30.48 -23.47 13.50
CA SER C 207 -29.82 -23.84 12.25
C SER C 207 -28.89 -25.03 12.41
N SER C 208 -28.76 -25.52 13.63
CA SER C 208 -27.79 -26.58 13.90
C SER C 208 -28.16 -27.86 13.17
N CYS C 209 -27.13 -28.62 12.87
CA CYS C 209 -27.24 -29.97 12.36
C CYS C 209 -26.11 -30.78 12.96
N GLN C 210 -26.12 -32.06 12.67
CA GLN C 210 -25.04 -32.95 13.06
C GLN C 210 -24.29 -33.34 11.80
N LEU C 211 -23.03 -33.70 12.00
CA LEU C 211 -22.21 -34.28 10.96
C LEU C 211 -22.99 -35.35 10.21
N GLY C 212 -23.06 -35.22 8.89
CA GLY C 212 -23.82 -36.17 8.10
C GLY C 212 -25.32 -36.17 8.36
N GLN C 213 -25.86 -35.07 8.92
CA GLN C 213 -27.27 -34.71 8.85
C GLN C 213 -27.41 -33.31 8.25
N ARG C 214 -26.47 -32.96 7.37
CA ARG C 214 -26.35 -31.61 6.83
C ARG C 214 -27.29 -31.45 5.64
N ILE C 215 -28.15 -30.43 5.69
CA ILE C 215 -29.24 -30.32 4.73
C ILE C 215 -29.37 -28.95 4.06
N TYR C 216 -28.30 -28.15 4.10
CA TYR C 216 -28.33 -26.82 3.48
C TYR C 216 -26.98 -26.52 2.83
N GLN C 217 -26.93 -25.38 2.16
CA GLN C 217 -25.70 -24.85 1.59
C GLN C 217 -25.58 -23.36 1.92
N ILE C 219 -25.92 -21.17 4.65
CA ILE C 219 -25.98 -21.15 6.10
C ILE C 219 -24.96 -20.18 6.68
N GLN C 220 -25.07 -20.00 7.99
CA GLN C 220 -24.33 -19.02 8.78
C GLN C 220 -24.81 -17.62 8.42
N SER C 221 -24.75 -16.70 9.38
CA SER C 221 -24.92 -15.30 9.04
C SER C 221 -23.74 -14.86 8.20
N ARG C 222 -24.02 -13.96 7.23
CA ARG C 222 -23.04 -13.68 6.17
C ARG C 222 -21.71 -13.20 6.74
N PHE C 223 -21.75 -12.32 7.76
CA PHE C 223 -20.51 -11.80 8.33
C PHE C 223 -19.67 -12.91 8.93
N TYR C 224 -20.32 -13.98 9.39
CA TYR C 224 -19.67 -15.07 10.09
C TYR C 224 -19.60 -16.31 9.21
N ARG C 225 -19.85 -16.14 7.91
CA ARG C 225 -19.93 -17.28 7.02
C ARG C 225 -18.55 -17.69 6.56
N SER C 226 -18.27 -18.99 6.67
CA SER C 226 -16.98 -19.57 6.40
C SER C 226 -16.72 -19.69 4.90
N PRO C 227 -15.45 -19.68 4.50
CA PRO C 227 -15.14 -19.78 3.06
C PRO C 227 -15.65 -21.07 2.41
N GLU C 228 -15.63 -22.21 3.12
CA GLU C 228 -16.18 -23.42 2.51
C GLU C 228 -17.65 -23.22 2.16
N VAL C 229 -18.39 -22.55 3.04
CA VAL C 229 -19.81 -22.37 2.78
C VAL C 229 -20.01 -21.39 1.63
N LEU C 230 -19.27 -20.27 1.65
CA LEU C 230 -19.34 -19.32 0.53
C LEU C 230 -18.96 -19.97 -0.80
N LEU C 231 -18.13 -21.00 -0.78
CA LEU C 231 -17.62 -21.63 -2.00
C LEU C 231 -18.41 -22.85 -2.44
N GLY C 232 -19.49 -23.21 -1.77
CA GLY C 232 -20.24 -24.39 -2.16
C GLY C 232 -19.65 -25.74 -1.78
N MET C 233 -18.71 -25.80 -0.85
CA MET C 233 -18.04 -27.06 -0.55
C MET C 233 -18.65 -27.74 0.68
N PRO C 234 -18.43 -29.05 0.88
CA PRO C 234 -18.77 -29.68 2.18
C PRO C 234 -18.28 -28.84 3.35
N TYR C 235 -19.01 -28.91 4.44
CA TYR C 235 -18.58 -28.27 5.67
C TYR C 235 -18.72 -29.25 6.81
N ASP C 236 -18.02 -28.96 7.91
CA ASP C 236 -18.05 -29.77 9.11
C ASP C 236 -18.05 -28.80 10.29
N LEU C 237 -17.67 -29.30 11.47
CA LEU C 237 -17.65 -28.48 12.68
C LEU C 237 -16.68 -27.32 12.56
N ALA C 238 -15.69 -27.42 11.67
CA ALA C 238 -14.77 -26.31 11.50
C ALA C 238 -15.46 -25.00 11.12
N ILE C 239 -16.70 -25.01 10.62
CA ILE C 239 -17.25 -23.71 10.24
C ILE C 239 -17.53 -22.87 11.48
N ASP C 240 -17.74 -23.52 12.63
CA ASP C 240 -18.02 -22.78 13.85
C ASP C 240 -16.76 -22.13 14.37
N MET C 241 -15.63 -22.80 14.21
CA MET C 241 -14.35 -22.19 14.56
C MET C 241 -14.11 -20.92 13.74
N TRP C 242 -14.42 -20.97 12.44
CA TRP C 242 -14.30 -19.77 11.60
C TRP C 242 -15.14 -18.63 12.16
N SER C 243 -16.40 -18.95 12.52
CA SER C 243 -17.31 -17.94 13.03
C SER C 243 -16.78 -17.36 14.34
N LEU C 244 -16.19 -18.23 15.16
CA LEU C 244 -15.63 -17.79 16.42
C LEU C 244 -14.46 -16.83 16.20
N GLY C 245 -13.64 -17.11 15.19
CA GLY C 245 -12.56 -16.20 14.86
C GLY C 245 -13.05 -14.80 14.54
N CYS C 246 -14.07 -14.68 13.67
CA CYS C 246 -14.59 -13.37 13.37
C CYS C 246 -15.19 -12.74 14.61
N ILE C 247 -15.89 -13.55 15.40
CA ILE C 247 -16.59 -13.00 16.56
C ILE C 247 -15.60 -12.39 17.51
N LEU C 248 -14.53 -13.12 17.79
CA LEU C 248 -13.60 -12.68 18.83
C LEU C 248 -12.95 -11.35 18.47
N VAL C 249 -12.62 -11.15 17.20
CA VAL C 249 -12.04 -9.89 16.78
C VAL C 249 -13.02 -8.75 16.98
N GLU C 250 -14.27 -8.97 16.55
CA GLU C 250 -15.30 -7.95 16.70
C GLU C 250 -15.63 -7.66 18.15
N MET C 251 -15.47 -8.64 19.06
CA MET C 251 -15.71 -8.31 20.47
C MET C 251 -14.69 -7.30 21.00
N HIS C 252 -13.45 -7.33 20.49
CA HIS C 252 -12.41 -6.41 20.94
C HIS C 252 -12.30 -5.15 20.10
N THR C 253 -12.49 -5.22 18.78
CA THR C 253 -12.46 -4.02 17.96
C THR C 253 -13.70 -3.16 18.17
N GLY C 254 -14.85 -3.80 18.30
CA GLY C 254 -16.13 -3.12 18.32
C GLY C 254 -16.94 -3.33 17.07
N GLU C 255 -16.33 -3.76 15.97
CA GLU C 255 -16.99 -3.79 14.68
C GLU C 255 -16.73 -5.11 13.97
N PRO C 256 -17.61 -5.50 13.03
CA PRO C 256 -17.42 -6.77 12.35
C PRO C 256 -16.10 -6.80 11.64
N LEU C 257 -15.49 -8.00 11.61
CA LEU C 257 -14.25 -8.19 10.86
C LEU C 257 -14.52 -8.18 9.37
N PHE C 258 -15.58 -8.86 8.93
CA PHE C 258 -15.87 -9.06 7.51
C PHE C 258 -17.35 -8.73 7.35
N SER C 259 -17.66 -7.44 7.14
CA SER C 259 -19.03 -6.98 7.05
C SER C 259 -19.45 -6.90 5.57
N GLY C 260 -19.57 -8.06 4.94
CA GLY C 260 -19.98 -8.10 3.55
C GLY C 260 -21.47 -7.87 3.40
N ALA C 261 -21.84 -7.02 2.44
CA ALA C 261 -23.23 -6.75 2.15
C ALA C 261 -23.85 -7.80 1.22
N ASN C 262 -23.04 -8.66 0.64
CA ASN C 262 -23.48 -9.80 -0.14
C ASN C 262 -22.31 -10.76 -0.21
N GLU C 263 -22.51 -11.93 -0.84
CA GLU C 263 -21.47 -12.97 -0.81
C GLU C 263 -20.21 -12.51 -1.53
N VAL C 264 -20.36 -11.85 -2.68
CA VAL C 264 -19.21 -11.39 -3.43
C VAL C 264 -18.43 -10.37 -2.60
N ASP C 265 -19.15 -9.41 -2.01
CA ASP C 265 -18.48 -8.44 -1.13
C ASP C 265 -17.90 -9.13 0.11
N GLN C 266 -18.59 -10.16 0.63
CA GLN C 266 -18.08 -10.92 1.78
C GLN C 266 -16.75 -11.61 1.47
N MET C 267 -16.69 -12.36 0.36
CA MET C 267 -15.44 -13.05 0.00
C MET C 267 -14.32 -12.06 -0.29
N ASN C 268 -14.64 -10.93 -0.90
CA ASN C 268 -13.61 -9.91 -1.16
C ASN C 268 -13.07 -9.34 0.14
N LYS C 269 -13.95 -9.05 1.11
CA LYS C 269 -13.45 -8.52 2.38
C LYS C 269 -12.55 -9.54 3.06
N ILE C 270 -12.89 -10.82 3.00
CA ILE C 270 -12.02 -11.85 3.58
C ILE C 270 -10.66 -11.83 2.90
N VAL C 271 -10.64 -11.78 1.56
CA VAL C 271 -9.38 -11.78 0.83
C VAL C 271 -8.52 -10.56 1.15
N GLU C 272 -9.15 -9.41 1.41
CA GLU C 272 -8.36 -8.24 1.78
C GLU C 272 -7.42 -8.55 2.95
N VAL C 273 -7.87 -9.41 3.86
CA VAL C 273 -7.14 -9.68 5.09
C VAL C 273 -6.25 -10.90 4.94
N LEU C 274 -6.77 -11.93 4.26
CA LEU C 274 -6.14 -13.24 4.24
C LEU C 274 -5.58 -13.63 2.88
N GLY C 275 -5.74 -12.79 1.86
CA GLY C 275 -5.21 -13.12 0.56
C GLY C 275 -6.12 -14.07 -0.19
N ILE C 276 -5.62 -14.56 -1.31
CA ILE C 276 -6.41 -15.44 -2.16
C ILE C 276 -6.42 -16.83 -1.55
N PRO C 277 -7.57 -17.50 -1.48
CA PRO C 277 -7.59 -18.89 -1.05
C PRO C 277 -6.58 -19.71 -1.84
N PRO C 278 -6.02 -20.75 -1.22
CA PRO C 278 -4.99 -21.54 -1.90
C PRO C 278 -5.59 -22.41 -2.98
N ALA C 279 -4.73 -22.77 -3.95
CA ALA C 279 -5.23 -23.47 -5.11
C ALA C 279 -5.89 -24.79 -4.75
N HIS C 280 -5.33 -25.51 -3.78
CA HIS C 280 -5.90 -26.83 -3.49
C HIS C 280 -7.36 -26.73 -3.02
N ILE C 281 -7.78 -25.59 -2.51
CA ILE C 281 -9.19 -25.40 -2.17
C ILE C 281 -9.99 -24.96 -3.39
N LEU C 282 -9.58 -23.86 -4.02
CA LEU C 282 -10.40 -23.30 -5.10
C LEU C 282 -10.57 -24.30 -6.23
N ASP C 283 -9.58 -25.17 -6.47
CA ASP C 283 -9.71 -26.21 -7.49
C ASP C 283 -10.88 -27.15 -7.22
N GLN C 284 -11.34 -27.26 -5.98
CA GLN C 284 -12.44 -28.15 -5.66
C GLN C 284 -13.72 -27.40 -5.32
N ALA C 285 -13.69 -26.08 -5.34
CA ALA C 285 -14.83 -25.29 -4.92
C ALA C 285 -15.83 -25.19 -6.06
N PRO C 286 -17.07 -25.66 -5.88
CA PRO C 286 -18.07 -25.50 -6.95
C PRO C 286 -18.31 -24.05 -7.33
N LYS C 287 -18.20 -23.13 -6.38
CA LYS C 287 -18.56 -21.73 -6.59
C LYS C 287 -17.33 -20.83 -6.67
N ALA C 288 -16.17 -21.40 -7.00
CA ALA C 288 -14.98 -20.57 -7.13
C ALA C 288 -15.16 -19.47 -8.17
N ARG C 289 -15.77 -19.81 -9.31
CA ARG C 289 -15.90 -18.85 -10.41
C ARG C 289 -16.77 -17.66 -10.03
N LYS C 290 -17.54 -17.75 -8.95
CA LYS C 290 -18.30 -16.59 -8.51
C LYS C 290 -17.41 -15.50 -7.95
N PHE C 291 -16.20 -15.85 -7.51
CA PHE C 291 -15.30 -14.90 -6.87
C PHE C 291 -13.95 -14.78 -7.57
N PHE C 292 -13.47 -15.84 -8.20
CA PHE C 292 -12.10 -15.93 -8.66
C PHE C 292 -12.09 -16.42 -10.09
N GLU C 293 -10.95 -16.25 -10.73
CA GLU C 293 -10.76 -16.74 -12.08
C GLU C 293 -9.44 -17.48 -12.07
N LYS C 294 -9.39 -18.58 -12.80
CA LYS C 294 -8.20 -19.41 -12.90
C LYS C 294 -7.32 -18.89 -14.03
N LEU C 295 -6.03 -18.71 -13.74
CA LEU C 295 -5.05 -18.25 -14.72
C LEU C 295 -4.47 -19.41 -15.51
N PRO C 296 -3.90 -19.12 -16.69
CA PRO C 296 -3.40 -20.20 -17.56
C PRO C 296 -2.47 -21.19 -16.87
N ASP C 297 -1.60 -20.70 -15.98
CA ASP C 297 -0.67 -21.55 -15.24
C ASP C 297 -1.30 -22.27 -14.05
N GLY C 298 -2.61 -22.16 -13.84
CA GLY C 298 -3.27 -22.85 -12.74
C GLY C 298 -3.38 -22.09 -11.43
N THR C 299 -2.86 -20.87 -11.36
CA THR C 299 -3.04 -20.00 -10.21
C THR C 299 -4.37 -19.24 -10.31
N TRP C 300 -4.88 -18.77 -9.18
CA TRP C 300 -6.15 -18.06 -9.16
C TRP C 300 -5.97 -16.60 -8.80
N ASN C 301 -6.81 -15.74 -9.36
CA ASN C 301 -6.92 -14.37 -8.90
C ASN C 301 -8.38 -14.03 -8.64
N LEU C 302 -8.59 -12.91 -7.96
CA LEU C 302 -9.92 -12.30 -7.85
C LEU C 302 -10.44 -11.90 -9.22
N LYS C 303 -11.77 -11.83 -9.34
CA LYS C 303 -12.40 -11.05 -10.40
C LYS C 303 -12.70 -9.66 -9.87
N LYS C 304 -12.65 -8.67 -10.78
CA LYS C 304 -13.19 -7.36 -10.47
C LYS C 304 -14.70 -7.46 -10.30
N THR C 305 -15.22 -6.74 -9.30
CA THR C 305 -16.59 -6.92 -8.83
C THR C 305 -17.68 -6.67 -9.88
N LYS C 306 -17.35 -6.20 -11.09
CA LYS C 306 -18.23 -6.13 -12.25
C LYS C 306 -19.28 -5.01 -12.20
N ASP C 307 -19.56 -4.41 -11.05
CA ASP C 307 -20.38 -3.20 -11.03
C ASP C 307 -19.59 -2.02 -10.53
N GLY C 308 -18.33 -2.22 -10.13
CA GLY C 308 -17.62 -1.20 -9.38
C GLY C 308 -18.31 -1.05 -8.04
N LYS C 309 -18.46 0.20 -7.64
CA LYS C 309 -19.10 0.67 -6.42
C LYS C 309 -18.23 0.45 -5.21
N ARG C 310 -17.35 -0.54 -5.29
CA ARG C 310 -16.54 -0.95 -4.17
C ARG C 310 -15.14 -1.18 -4.72
N GLU C 311 -14.14 -0.59 -4.08
CA GLU C 311 -12.77 -1.03 -4.26
C GLU C 311 -12.34 -1.78 -3.02
N TYR C 312 -11.32 -2.60 -3.18
CA TYR C 312 -10.80 -3.41 -2.09
C TYR C 312 -9.31 -3.16 -1.97
N LYS C 313 -8.80 -3.31 -0.77
CA LYS C 313 -7.37 -3.32 -0.61
C LYS C 313 -6.81 -4.58 -1.27
N PRO C 314 -5.59 -4.52 -1.80
CA PRO C 314 -5.04 -5.66 -2.52
C PRO C 314 -4.96 -6.87 -1.63
N PRO C 315 -5.02 -8.10 -2.20
CA PRO C 315 -5.21 -9.31 -1.39
C PRO C 315 -4.23 -9.46 -0.24
N GLY C 316 -4.73 -9.43 0.98
CA GLY C 316 -3.86 -9.72 2.11
C GLY C 316 -3.00 -8.56 2.54
N THR C 317 -3.28 -7.33 2.05
CA THR C 317 -2.62 -6.12 2.53
C THR C 317 -3.32 -5.48 3.73
N ARG C 318 -4.55 -5.87 4.05
CA ARG C 318 -5.24 -5.36 5.22
C ARG C 318 -4.93 -6.26 6.40
N LYS C 319 -3.77 -6.02 7.02
CA LYS C 319 -3.21 -6.95 7.99
C LYS C 319 -4.00 -6.96 9.29
N LEU C 320 -4.36 -8.15 9.75
CA LEU C 320 -4.95 -8.30 11.08
C LEU C 320 -4.10 -7.61 12.14
N HIS C 321 -2.77 -7.69 11.99
CA HIS C 321 -1.80 -6.96 12.80
C HIS C 321 -2.18 -5.50 13.03
N ASN C 322 -2.59 -4.81 11.95
CA ASN C 322 -2.99 -3.40 12.09
C ASN C 322 -4.45 -3.25 12.52
N ILE C 323 -5.34 -4.16 12.11
CA ILE C 323 -6.72 -4.09 12.58
C ILE C 323 -6.76 -4.19 14.11
N LEU C 324 -5.97 -5.10 14.69
CA LEU C 324 -5.92 -5.24 16.13
C LEU C 324 -5.06 -4.16 16.80
N GLY C 325 -4.30 -3.39 16.05
CA GLY C 325 -3.40 -2.43 16.66
C GLY C 325 -2.27 -3.05 17.44
N VAL C 326 -1.70 -4.16 16.95
CA VAL C 326 -0.79 -4.99 17.75
C VAL C 326 0.34 -4.15 18.34
N GLU C 327 0.98 -3.34 17.51
CA GLU C 327 2.08 -2.53 18.00
C GLU C 327 1.70 -1.05 18.13
N THR C 328 0.41 -0.72 18.17
CA THR C 328 0.02 0.69 18.24
C THR C 328 -1.04 0.93 19.31
N GLY C 329 -0.98 0.20 20.42
CA GLY C 329 -1.91 0.46 21.50
C GLY C 329 -3.32 -0.05 21.31
N GLY C 330 -3.52 -1.02 20.42
CA GLY C 330 -4.80 -1.68 20.27
C GLY C 330 -5.68 -1.05 19.20
N PRO C 331 -6.90 -1.55 19.06
CA PRO C 331 -7.81 -1.04 18.02
C PRO C 331 -8.09 0.44 18.20
N GLY C 332 -7.98 1.18 17.10
CA GLY C 332 -8.04 2.64 17.17
C GLY C 332 -7.08 3.29 18.15
N GLY C 333 -6.15 2.53 18.72
CA GLY C 333 -5.22 3.03 19.71
C GLY C 333 -5.78 3.21 21.11
N ARG C 334 -7.05 2.86 21.35
CA ARG C 334 -7.76 3.19 22.58
C ARG C 334 -7.28 2.41 23.80
N ARG C 335 -6.46 1.37 23.62
CA ARG C 335 -6.02 0.51 24.71
C ARG C 335 -4.61 0.79 25.17
N ALA C 336 -4.03 1.92 24.75
CA ALA C 336 -2.59 2.10 24.77
C ALA C 336 -1.93 1.65 26.07
N GLY C 337 -2.15 2.39 27.15
CA GLY C 337 -1.52 1.98 28.39
C GLY C 337 -2.51 1.26 29.27
N GLU C 338 -2.52 -0.08 29.20
CA GLU C 338 -3.58 -0.85 29.84
C GLU C 338 -3.09 -2.27 30.08
N SER C 339 -3.40 -2.79 31.27
CA SER C 339 -3.07 -4.17 31.58
C SER C 339 -3.67 -5.11 30.53
N GLY C 340 -3.07 -6.30 30.42
CA GLY C 340 -3.55 -7.29 29.49
C GLY C 340 -3.43 -6.94 28.03
N HIS C 341 -3.01 -5.72 27.68
CA HIS C 341 -2.90 -5.29 26.29
C HIS C 341 -1.45 -5.06 25.86
N THR C 342 -0.53 -5.94 26.26
CA THR C 342 0.84 -5.79 25.80
C THR C 342 0.94 -6.27 24.37
N VAL C 343 2.05 -5.91 23.70
CA VAL C 343 2.28 -6.40 22.35
C VAL C 343 2.32 -7.93 22.34
N ALA C 344 2.97 -8.54 23.34
CA ALA C 344 2.98 -9.99 23.45
C ALA C 344 1.56 -10.55 23.53
N ASP C 345 0.72 -9.96 24.39
CA ASP C 345 -0.67 -10.40 24.46
C ASP C 345 -1.32 -10.32 23.08
N TYR C 346 -1.13 -9.17 22.40
CA TYR C 346 -1.75 -8.98 21.08
C TYR C 346 -1.25 -9.99 20.07
N LEU C 347 0.06 -10.24 20.08
CA LEU C 347 0.66 -11.17 19.15
C LEU C 347 0.14 -12.58 19.37
N LYS C 348 -0.06 -12.99 20.63
CA LYS C 348 -0.67 -14.29 20.90
C LYS C 348 -2.08 -14.34 20.35
N PHE C 349 -2.85 -13.30 20.60
CA PHE C 349 -4.24 -13.24 20.16
C PHE C 349 -4.31 -13.34 18.66
N LYS C 350 -3.47 -12.57 17.97
CA LYS C 350 -3.47 -12.59 16.51
C LYS C 350 -3.16 -13.99 15.99
N ASP C 351 -2.14 -14.64 16.54
CA ASP C 351 -1.83 -16.00 16.11
C ASP C 351 -3.04 -16.92 16.26
N LEU C 352 -3.69 -16.91 17.42
CA LEU C 352 -4.85 -17.79 17.62
C LEU C 352 -5.92 -17.50 16.59
N ILE C 353 -6.23 -16.21 16.37
CA ILE C 353 -7.29 -15.80 15.44
C ILE C 353 -6.97 -16.30 14.04
N LEU C 354 -5.71 -16.08 13.60
CA LEU C 354 -5.28 -16.51 12.28
C LEU C 354 -5.40 -18.02 12.12
N ARG C 355 -5.11 -18.78 13.19
CA ARG C 355 -5.34 -20.22 13.14
C ARG C 355 -6.83 -20.56 13.06
N MET C 356 -7.69 -19.79 13.73
CA MET C 356 -9.12 -19.99 13.51
C MET C 356 -9.57 -19.56 12.11
N LEU C 357 -8.82 -18.69 11.44
CA LEU C 357 -9.25 -18.22 10.13
C LEU C 357 -8.50 -18.90 9.00
N ASP C 358 -7.83 -20.01 9.31
CA ASP C 358 -7.25 -20.90 8.32
C ASP C 358 -8.26 -21.20 7.21
N TYR C 359 -7.88 -20.93 5.97
CA TYR C 359 -8.79 -21.22 4.86
C TYR C 359 -9.12 -22.70 4.76
N ASP C 360 -8.18 -23.55 5.11
CA ASP C 360 -8.36 -24.97 4.94
C ASP C 360 -9.09 -25.53 6.16
N PRO C 361 -10.32 -26.03 6.01
CA PRO C 361 -11.04 -26.57 7.18
C PRO C 361 -10.35 -27.77 7.81
N LYS C 362 -9.48 -28.44 7.08
CA LYS C 362 -8.78 -29.61 7.58
C LYS C 362 -7.65 -29.25 8.54
N THR C 363 -7.07 -28.06 8.42
CA THR C 363 -5.98 -27.65 9.30
C THR C 363 -6.38 -26.53 10.24
N ARG C 364 -7.55 -25.94 10.06
CA ARG C 364 -8.04 -24.91 10.96
C ARG C 364 -7.98 -25.42 12.38
N ILE C 365 -7.67 -24.53 13.31
CA ILE C 365 -7.43 -25.00 14.67
C ILE C 365 -8.72 -25.58 15.25
N GLN C 366 -8.59 -26.67 15.98
CA GLN C 366 -9.73 -27.34 16.57
C GLN C 366 -9.80 -27.08 18.08
N PRO C 367 -10.98 -27.21 18.69
CA PRO C 367 -11.16 -26.69 20.05
C PRO C 367 -10.17 -27.22 21.07
N TYR C 368 -9.83 -28.51 21.02
CA TYR C 368 -8.91 -29.05 22.02
C TYR C 368 -7.59 -28.32 21.94
N TYR C 369 -7.11 -28.09 20.75
CA TYR C 369 -5.83 -27.46 20.55
C TYR C 369 -5.92 -25.96 20.76
N ALA C 370 -7.06 -25.35 20.46
CA ALA C 370 -7.24 -23.92 20.72
C ALA C 370 -7.12 -23.64 22.22
N LEU C 371 -7.70 -24.51 23.06
CA LEU C 371 -7.57 -24.30 24.48
C LEU C 371 -6.11 -24.42 24.93
N GLN C 372 -5.27 -25.06 24.15
CA GLN C 372 -3.87 -25.15 24.56
C GLN C 372 -3.04 -23.97 24.06
N HIS C 373 -3.66 -23.02 23.36
CA HIS C 373 -2.93 -21.91 22.78
C HIS C 373 -2.36 -20.98 23.85
N SER C 374 -1.16 -20.43 23.57
CA SER C 374 -0.46 -19.61 24.57
C SER C 374 -1.25 -18.35 24.96
N PHE C 375 -2.21 -17.93 24.14
CA PHE C 375 -3.13 -16.85 24.51
C PHE C 375 -3.85 -17.15 25.82
N PHE C 376 -3.92 -18.41 26.24
CA PHE C 376 -4.66 -18.73 27.44
C PHE C 376 -3.76 -19.04 28.61
N LYS C 377 -2.46 -19.07 28.39
CA LYS C 377 -1.51 -19.37 29.44
C LYS C 377 -1.20 -18.05 30.16
N LYS C 378 -1.64 -17.96 31.42
CA LYS C 378 -1.57 -16.73 32.21
C LYS C 378 -0.20 -16.06 32.14
N VAL D 32 -23.54 37.50 15.38
CA VAL D 32 -24.15 36.19 15.59
C VAL D 32 -25.09 35.88 14.43
N TYR D 33 -24.87 34.74 13.79
CA TYR D 33 -25.83 34.15 12.86
C TYR D 33 -26.14 32.75 13.36
N ASN D 34 -27.42 32.44 13.52
CA ASN D 34 -27.84 31.13 14.01
C ASN D 34 -27.15 30.83 15.34
N ASP D 35 -27.17 31.83 16.22
CA ASP D 35 -26.53 31.76 17.54
C ASP D 35 -25.06 31.43 17.44
N GLY D 36 -24.41 31.85 16.35
CA GLY D 36 -23.01 31.58 16.13
C GLY D 36 -22.71 30.32 15.35
N TYR D 37 -23.72 29.52 15.00
CA TYR D 37 -23.48 28.31 14.22
C TYR D 37 -23.31 28.59 12.72
N ASP D 38 -23.75 29.75 12.24
CA ASP D 38 -23.74 30.06 10.81
C ASP D 38 -22.86 31.27 10.57
N ASP D 39 -22.32 31.36 9.35
CA ASP D 39 -21.64 32.57 8.91
C ASP D 39 -22.62 33.46 8.14
N ASP D 40 -22.10 34.49 7.49
CA ASP D 40 -22.93 35.48 6.83
C ASP D 40 -23.46 35.02 5.48
N ASN D 41 -23.12 33.81 5.07
CA ASN D 41 -23.67 33.20 3.87
C ASN D 41 -24.64 32.07 4.20
N TYR D 42 -25.31 32.14 5.35
CA TYR D 42 -26.28 31.12 5.79
C TYR D 42 -25.70 29.70 5.78
N ASP D 43 -24.38 29.54 5.84
CA ASP D 43 -23.77 28.21 5.90
C ASP D 43 -23.38 27.84 7.33
N TYR D 44 -23.52 26.56 7.65
CA TYR D 44 -23.07 26.08 8.95
C TYR D 44 -21.55 26.13 9.07
N ILE D 45 -21.06 26.67 10.18
CA ILE D 45 -19.60 26.74 10.41
C ILE D 45 -19.10 25.35 10.74
N VAL D 46 -18.53 24.66 9.74
CA VAL D 46 -18.09 23.28 9.92
C VAL D 46 -16.86 23.26 10.82
N LYS D 47 -16.89 22.39 11.82
CA LYS D 47 -15.76 22.17 12.73
C LYS D 47 -15.43 20.69 12.74
N ASN D 48 -14.20 20.35 12.35
CA ASN D 48 -13.80 18.96 12.24
C ASN D 48 -13.73 18.31 13.60
N GLY D 49 -14.28 17.09 13.69
CA GLY D 49 -14.33 16.35 14.93
C GLY D 49 -15.62 16.54 15.72
N GLU D 50 -16.47 17.47 15.30
CA GLU D 50 -17.73 17.71 15.97
C GLU D 50 -18.62 16.48 15.86
N LYS D 51 -19.39 16.21 16.92
CA LYS D 51 -20.34 15.11 16.94
C LYS D 51 -21.75 15.68 17.02
N TRP D 52 -22.64 15.17 16.18
CA TRP D 52 -24.01 15.68 16.09
C TRP D 52 -24.98 14.65 16.65
N MET D 53 -25.83 15.08 17.60
CA MET D 53 -26.92 14.27 18.12
C MET D 53 -26.46 12.88 18.56
N ASP D 54 -25.21 12.80 19.04
CA ASP D 54 -24.59 11.53 19.44
C ASP D 54 -24.69 10.46 18.34
N ARG D 55 -24.63 10.86 17.07
CA ARG D 55 -24.60 9.85 16.01
C ARG D 55 -23.54 10.09 14.93
N TYR D 56 -23.34 11.32 14.50
CA TYR D 56 -22.49 11.62 13.35
C TYR D 56 -21.25 12.39 13.80
N GLU D 57 -20.08 11.92 13.41
CA GLU D 57 -18.81 12.57 13.76
C GLU D 57 -18.24 13.24 12.51
N ILE D 58 -18.24 14.57 12.51
CA ILE D 58 -17.84 15.35 11.34
C ILE D 58 -16.34 15.28 11.16
N ASP D 59 -15.91 14.79 10.00
CA ASP D 59 -14.48 14.69 9.69
C ASP D 59 -13.98 15.94 9.00
N SER D 60 -14.62 16.35 7.90
CA SER D 60 -14.14 17.47 7.11
C SER D 60 -15.14 17.84 6.01
N LEU D 61 -15.02 19.07 5.53
CA LEU D 61 -15.64 19.49 4.29
C LEU D 61 -15.07 18.69 3.12
N ILE D 62 -15.94 18.30 2.20
CA ILE D 62 -15.52 17.62 0.97
C ILE D 62 -16.22 18.25 -0.25
N GLY D 63 -16.79 19.44 -0.08
CA GLY D 63 -17.51 20.04 -1.18
C GLY D 63 -18.33 21.27 -0.83
N LYS D 64 -18.57 22.15 -1.81
CA LYS D 64 -19.30 23.37 -1.54
C LYS D 64 -20.15 23.69 -2.76
N GLY D 65 -21.21 24.46 -2.54
CA GLY D 65 -22.05 24.79 -3.67
C GLY D 65 -22.98 25.95 -3.37
N SER D 66 -23.82 26.23 -4.36
CA SER D 66 -24.90 27.19 -4.18
C SER D 66 -25.80 26.79 -3.03
N PHE D 67 -26.03 25.48 -2.87
CA PHE D 67 -27.00 24.95 -1.93
C PHE D 67 -26.55 25.05 -0.48
N GLY D 68 -25.26 25.23 -0.23
CA GLY D 68 -24.70 24.95 1.08
C GLY D 68 -23.40 24.17 1.04
N GLN D 69 -23.25 23.18 1.93
CA GLN D 69 -21.97 22.51 2.13
C GLN D 69 -22.15 21.01 2.16
N VAL D 70 -21.08 20.28 1.82
CA VAL D 70 -21.07 18.83 1.92
C VAL D 70 -19.87 18.42 2.79
N VAL D 71 -20.14 17.71 3.89
CA VAL D 71 -19.09 17.27 4.80
C VAL D 71 -19.00 15.75 4.76
N LYS D 72 -17.80 15.24 5.04
CA LYS D 72 -17.62 13.82 5.31
C LYS D 72 -17.81 13.59 6.81
N ALA D 73 -18.55 12.54 7.16
CA ALA D 73 -18.83 12.24 8.56
C ALA D 73 -18.91 10.74 8.75
N TYR D 74 -18.61 10.29 9.98
CA TYR D 74 -18.80 8.90 10.36
C TYR D 74 -20.15 8.75 11.05
N ASP D 75 -21.00 7.86 10.52
CA ASP D 75 -22.22 7.43 11.19
C ASP D 75 -21.81 6.38 12.21
N ARG D 76 -21.75 6.78 13.48
CA ARG D 76 -21.39 5.82 14.52
C ARG D 76 -22.42 4.72 14.69
N VAL D 77 -23.61 4.86 14.10
CA VAL D 77 -24.70 3.91 14.29
C VAL D 77 -24.71 2.84 13.22
N GLU D 78 -24.74 3.23 11.94
CA GLU D 78 -24.63 2.28 10.85
C GLU D 78 -23.20 1.80 10.62
N GLN D 79 -22.22 2.31 11.36
CA GLN D 79 -20.82 1.87 11.25
C GLN D 79 -20.32 2.05 9.82
N GLU D 80 -20.42 3.29 9.34
CA GLU D 80 -20.19 3.56 7.93
C GLU D 80 -19.87 5.04 7.71
N TRP D 81 -19.05 5.30 6.69
CA TRP D 81 -18.82 6.67 6.25
C TRP D 81 -19.92 7.11 5.31
N VAL D 82 -20.47 8.29 5.58
CA VAL D 82 -21.51 8.89 4.75
C VAL D 82 -21.06 10.31 4.42
N ALA D 83 -21.80 10.92 3.49
CA ALA D 83 -21.67 12.32 3.15
C ALA D 83 -22.95 13.04 3.53
N ILE D 84 -22.82 14.18 4.21
CA ILE D 84 -23.97 14.92 4.72
C ILE D 84 -24.00 16.27 4.01
N LYS D 85 -25.11 16.56 3.34
CA LYS D 85 -25.28 17.78 2.57
C LYS D 85 -26.01 18.80 3.42
N ILE D 86 -25.28 19.81 3.90
CA ILE D 86 -25.83 20.78 4.85
C ILE D 86 -26.45 21.93 4.06
N ILE D 87 -27.78 21.97 4.01
CA ILE D 87 -28.47 23.02 3.30
C ILE D 87 -28.36 24.31 4.08
N LYS D 88 -28.30 25.42 3.36
CA LYS D 88 -28.23 26.73 3.98
C LYS D 88 -29.45 26.95 4.87
N ASN D 89 -29.25 27.68 5.95
CA ASN D 89 -30.34 28.01 6.88
C ASN D 89 -31.03 29.27 6.37
N LYS D 90 -31.85 29.09 5.33
CA LYS D 90 -32.62 30.18 4.70
C LYS D 90 -33.76 29.54 3.93
N LYS D 91 -34.96 30.15 4.03
CA LYS D 91 -36.18 29.45 3.65
C LYS D 91 -36.17 29.02 2.19
N ALA D 92 -35.69 29.88 1.29
CA ALA D 92 -35.69 29.54 -0.13
C ALA D 92 -34.86 28.29 -0.41
N PHE D 93 -33.67 28.19 0.19
CA PHE D 93 -32.87 26.98 0.06
C PHE D 93 -33.53 25.80 0.76
N LEU D 94 -34.10 26.03 1.94
CA LEU D 94 -34.80 24.95 2.62
C LEU D 94 -35.93 24.43 1.76
N ASN D 95 -36.71 25.34 1.18
CA ASN D 95 -37.87 24.93 0.41
C ASN D 95 -37.45 24.17 -0.84
N GLN D 96 -36.39 24.61 -1.50
CA GLN D 96 -35.98 23.89 -2.70
C GLN D 96 -35.39 22.52 -2.34
N ALA D 97 -34.65 22.46 -1.23
CA ALA D 97 -34.10 21.18 -0.80
C ALA D 97 -35.20 20.19 -0.37
N GLN D 98 -36.39 20.67 0.03
CA GLN D 98 -37.51 19.74 0.24
C GLN D 98 -37.95 19.09 -1.07
N ILE D 99 -37.95 19.86 -2.17
CA ILE D 99 -38.22 19.25 -3.48
C ILE D 99 -37.18 18.17 -3.76
N GLU D 100 -35.90 18.46 -3.49
CA GLU D 100 -34.82 17.52 -3.79
C GLU D 100 -35.01 16.21 -3.02
N VAL D 101 -35.29 16.30 -1.74
CA VAL D 101 -35.58 15.10 -0.96
C VAL D 101 -36.71 14.32 -1.62
N ARG D 102 -37.77 15.01 -1.99
CA ARG D 102 -38.91 14.33 -2.57
C ARG D 102 -38.50 13.58 -3.83
N LEU D 103 -37.67 14.21 -4.67
CA LEU D 103 -37.33 13.56 -5.93
C LEU D 103 -36.31 12.46 -5.72
N LEU D 104 -35.44 12.61 -4.72
CA LEU D 104 -34.46 11.58 -4.42
C LEU D 104 -35.13 10.34 -3.81
N GLU D 105 -36.09 10.55 -2.89
CA GLU D 105 -36.80 9.41 -2.32
C GLU D 105 -37.67 8.74 -3.35
N LEU D 106 -38.16 9.50 -4.33
CA LEU D 106 -38.94 8.89 -5.40
C LEU D 106 -38.05 8.04 -6.30
N MET D 107 -36.89 8.58 -6.68
CA MET D 107 -35.98 7.81 -7.50
C MET D 107 -35.47 6.60 -6.74
N ASN D 108 -35.03 6.80 -5.50
CA ASN D 108 -34.49 5.68 -4.74
C ASN D 108 -35.56 4.65 -4.45
N LYS D 109 -36.83 5.09 -4.37
CA LYS D 109 -37.94 4.15 -4.23
C LYS D 109 -38.02 3.20 -5.43
N HIS D 110 -37.75 3.71 -6.63
CA HIS D 110 -37.76 2.90 -7.84
C HIS D 110 -36.41 2.31 -8.17
N ASP D 111 -35.38 2.65 -7.42
CA ASP D 111 -34.06 2.10 -7.66
C ASP D 111 -33.49 1.52 -6.37
N THR D 112 -34.29 0.76 -5.63
CA THR D 112 -33.65 -0.23 -4.78
C THR D 112 -32.88 -1.16 -5.70
N GLU D 113 -31.80 -1.72 -5.18
CA GLU D 113 -30.73 -2.37 -5.93
C GLU D 113 -29.82 -1.36 -6.60
N MET D 114 -30.18 -0.07 -6.60
CA MET D 114 -29.31 1.04 -7.00
C MET D 114 -28.52 0.68 -8.27
N LYS D 115 -29.27 0.50 -9.36
CA LYS D 115 -28.74 0.02 -10.63
C LYS D 115 -28.80 1.04 -11.76
N TYR D 116 -29.36 2.24 -11.54
CA TYR D 116 -29.49 3.24 -12.60
C TYR D 116 -28.74 4.53 -12.27
N TYR D 117 -27.68 4.43 -11.47
CA TYR D 117 -26.65 5.46 -11.37
C TYR D 117 -27.17 6.76 -10.77
N ILE D 118 -28.19 6.69 -9.92
CA ILE D 118 -28.71 7.84 -9.18
C ILE D 118 -28.26 7.72 -7.74
N VAL D 119 -27.73 8.80 -7.17
CA VAL D 119 -27.20 8.74 -5.80
C VAL D 119 -28.27 8.24 -4.81
N HIS D 120 -27.81 7.63 -3.73
CA HIS D 120 -28.69 7.00 -2.74
C HIS D 120 -28.81 7.93 -1.54
N LEU D 121 -30.00 8.47 -1.33
CA LEU D 121 -30.28 9.26 -0.14
C LEU D 121 -30.62 8.32 1.02
N LYS D 122 -29.83 8.36 2.09
CA LYS D 122 -30.09 7.43 3.18
C LYS D 122 -31.13 7.97 4.14
N ARG D 123 -30.95 9.20 4.61
CA ARG D 123 -31.94 9.78 5.51
C ARG D 123 -31.73 11.28 5.48
N HIS D 124 -32.58 11.98 6.22
CA HIS D 124 -32.44 13.42 6.32
C HIS D 124 -32.88 13.83 7.72
N PHE D 125 -32.23 14.86 8.27
CA PHE D 125 -32.62 15.38 9.57
C PHE D 125 -32.46 16.89 9.61
N MET D 126 -32.99 17.49 10.66
CA MET D 126 -32.83 18.91 10.94
C MET D 126 -31.86 19.05 12.09
N PHE D 127 -30.76 19.76 11.85
CA PHE D 127 -29.78 20.03 12.89
C PHE D 127 -29.46 21.51 12.91
N ARG D 128 -29.61 22.12 14.08
CA ARG D 128 -29.28 23.54 14.29
C ARG D 128 -29.79 24.41 13.14
N ASN D 129 -31.06 24.17 12.80
CA ASN D 129 -31.83 24.91 11.81
C ASN D 129 -31.28 24.72 10.40
N HIS D 130 -30.55 23.64 10.15
CA HIS D 130 -30.14 23.23 8.82
C HIS D 130 -30.77 21.89 8.49
N LEU D 131 -31.30 21.77 7.27
CA LEU D 131 -31.68 20.48 6.73
C LEU D 131 -30.42 19.76 6.24
N CYS D 132 -30.19 18.57 6.77
CA CYS D 132 -29.06 17.75 6.36
C CYS D 132 -29.57 16.49 5.70
N LEU D 133 -29.03 16.19 4.53
CA LEU D 133 -29.38 15.00 3.78
C LEU D 133 -28.19 14.07 3.85
N VAL D 134 -28.41 12.86 4.37
CA VAL D 134 -27.34 11.87 4.47
C VAL D 134 -27.33 11.06 3.18
N PHE D 135 -26.24 11.17 2.43
CA PHE D 135 -26.00 10.33 1.26
C PHE D 135 -24.97 9.25 1.58
N GLU D 136 -24.91 8.26 0.69
CA GLU D 136 -23.79 7.34 0.69
C GLU D 136 -22.50 8.11 0.44
N MET D 137 -21.40 7.47 0.78
CA MET D 137 -20.07 8.05 0.58
C MET D 137 -19.55 7.68 -0.79
N LEU D 138 -19.35 8.69 -1.64
CA LEU D 138 -18.78 8.57 -2.97
C LEU D 138 -17.36 9.14 -2.97
N SER D 139 -16.69 9.01 -4.13
CA SER D 139 -15.38 9.59 -4.37
C SER D 139 -15.52 10.94 -5.11
N TYR D 140 -14.46 11.42 -5.75
CA TYR D 140 -14.48 12.74 -6.38
C TYR D 140 -15.22 12.72 -7.74
N ASN D 141 -15.47 13.92 -8.25
CA ASN D 141 -16.36 14.09 -9.39
C ASN D 141 -15.59 14.02 -10.70
N LEU D 142 -16.31 14.13 -11.83
CA LEU D 142 -15.67 14.00 -13.13
C LEU D 142 -14.77 15.20 -13.46
N TYR D 143 -15.06 16.37 -12.91
CA TYR D 143 -14.15 17.50 -13.10
C TYR D 143 -12.85 17.27 -12.36
N ASP D 144 -12.91 16.81 -11.10
CA ASP D 144 -11.69 16.45 -10.39
C ASP D 144 -10.88 15.46 -11.21
N LEU D 145 -11.57 14.52 -11.88
CA LEU D 145 -10.88 13.56 -12.72
C LEU D 145 -10.16 14.25 -13.86
N LEU D 146 -10.84 15.19 -14.54
CA LEU D 146 -10.20 15.96 -15.61
C LEU D 146 -9.00 16.72 -15.10
N ARG D 147 -9.19 17.41 -13.97
CA ARG D 147 -8.12 18.21 -13.38
C ARG D 147 -6.93 17.36 -13.01
N ASN D 148 -7.18 16.13 -12.54
CA ASN D 148 -6.12 15.19 -12.24
C ASN D 148 -5.25 14.87 -13.45
N THR D 149 -5.84 14.87 -14.67
CA THR D 149 -5.13 14.57 -15.91
C THR D 149 -4.43 15.77 -16.51
N ASN D 150 -4.40 16.91 -15.80
CA ASN D 150 -3.97 18.22 -16.33
C ASN D 150 -4.76 18.65 -17.57
N PHE D 151 -6.04 18.28 -17.62
CA PHE D 151 -6.95 18.63 -18.71
C PHE D 151 -6.48 18.12 -20.06
N ARG D 152 -5.70 17.05 -20.04
CA ARG D 152 -5.51 16.24 -21.24
C ARG D 152 -6.80 15.55 -21.67
N GLY D 153 -7.75 15.36 -20.75
CA GLY D 153 -8.97 14.62 -21.01
C GLY D 153 -8.76 13.13 -20.82
N VAL D 154 -9.86 12.41 -20.63
CA VAL D 154 -9.75 10.96 -20.44
C VAL D 154 -9.94 10.26 -21.77
N SER D 155 -9.59 8.98 -21.81
CA SER D 155 -9.56 8.25 -23.06
C SER D 155 -10.97 8.04 -23.58
N LEU D 156 -11.06 7.80 -24.89
CA LEU D 156 -12.36 7.59 -25.50
C LEU D 156 -13.07 6.40 -24.86
N ASN D 157 -12.32 5.35 -24.51
CA ASN D 157 -12.92 4.19 -23.85
C ASN D 157 -13.54 4.54 -22.51
N LEU D 158 -12.79 5.28 -21.68
CA LEU D 158 -13.39 5.73 -20.42
C LEU D 158 -14.60 6.61 -20.67
N THR D 159 -14.52 7.50 -21.67
CA THR D 159 -15.66 8.35 -22.03
C THR D 159 -16.90 7.53 -22.35
N ARG D 160 -16.72 6.43 -23.09
CA ARG D 160 -17.83 5.57 -23.45
C ARG D 160 -18.50 4.95 -22.23
N LYS D 161 -17.71 4.50 -21.24
CA LYS D 161 -18.29 3.96 -20.01
C LYS D 161 -19.09 5.03 -19.25
N PHE D 162 -18.57 6.27 -19.19
CA PHE D 162 -19.36 7.34 -18.56
C PHE D 162 -20.64 7.63 -19.37
N ALA D 163 -20.54 7.60 -20.71
CA ALA D 163 -21.71 7.85 -21.57
C ALA D 163 -22.76 6.76 -21.42
N GLN D 164 -22.35 5.49 -21.28
CA GLN D 164 -23.33 4.43 -21.17
C GLN D 164 -24.10 4.54 -19.86
N GLN D 165 -23.39 4.74 -18.75
CA GLN D 165 -24.06 4.92 -17.46
C GLN D 165 -24.94 6.16 -17.47
N MET D 166 -24.46 7.27 -18.03
CA MET D 166 -25.26 8.50 -18.03
C MET D 166 -26.54 8.30 -18.82
N CYS D 167 -26.45 7.68 -20.01
CA CYS D 167 -27.65 7.44 -20.80
C CYS D 167 -28.61 6.51 -20.06
N THR D 168 -28.08 5.42 -19.49
CA THR D 168 -28.92 4.50 -18.72
C THR D 168 -29.61 5.24 -17.59
N ALA D 169 -28.89 6.13 -16.91
CA ALA D 169 -29.51 6.95 -15.86
C ALA D 169 -30.56 7.87 -16.44
N LEU D 170 -30.25 8.54 -17.56
CA LEU D 170 -31.22 9.42 -18.18
C LEU D 170 -32.49 8.68 -18.56
N LEU D 171 -32.34 7.47 -19.12
CA LEU D 171 -33.50 6.65 -19.45
C LEU D 171 -34.38 6.40 -18.23
N PHE D 172 -33.75 6.13 -17.08
CA PHE D 172 -34.49 5.92 -15.85
C PHE D 172 -35.26 7.17 -15.46
N LEU D 173 -34.66 8.35 -15.63
CA LEU D 173 -35.37 9.59 -15.34
C LEU D 173 -36.56 9.80 -16.26
N ALA D 174 -36.55 9.21 -17.45
CA ALA D 174 -37.62 9.40 -18.41
C ALA D 174 -38.83 8.48 -18.21
N THR D 175 -38.77 7.52 -17.27
CA THR D 175 -39.95 6.69 -17.03
C THR D 175 -41.10 7.57 -16.55
N PRO D 176 -42.34 7.27 -16.94
CA PRO D 176 -43.45 8.20 -16.69
C PRO D 176 -43.82 8.31 -15.24
N GLU D 177 -43.48 7.32 -14.43
CA GLU D 177 -43.53 7.50 -12.99
C GLU D 177 -42.56 8.60 -12.54
N LEU D 178 -41.40 8.72 -13.18
CA LEU D 178 -40.47 9.77 -12.76
C LEU D 178 -40.65 11.05 -13.55
N SER D 179 -40.41 10.99 -14.86
CA SER D 179 -40.37 12.18 -15.72
C SER D 179 -39.65 13.35 -15.06
N ILE D 180 -38.43 13.08 -14.62
CA ILE D 180 -37.63 14.00 -13.82
C ILE D 180 -36.61 14.67 -14.72
N ILE D 181 -36.47 15.99 -14.61
CA ILE D 181 -35.45 16.73 -15.34
C ILE D 181 -34.41 17.17 -14.33
N HIS D 182 -33.18 16.69 -14.48
CA HIS D 182 -32.14 17.02 -13.52
C HIS D 182 -31.86 18.51 -13.48
N CYS D 183 -31.76 19.15 -14.65
CA CYS D 183 -31.64 20.61 -14.87
C CYS D 183 -30.29 21.23 -14.51
N ASP D 184 -29.32 20.46 -14.01
CA ASP D 184 -27.99 20.98 -13.75
C ASP D 184 -26.92 19.90 -13.98
N LEU D 185 -26.99 19.17 -15.09
CA LEU D 185 -25.92 18.21 -15.36
C LEU D 185 -24.64 18.96 -15.74
N LYS D 186 -23.56 18.61 -15.07
CA LYS D 186 -22.24 19.15 -15.32
C LYS D 186 -21.22 18.18 -14.71
N PRO D 187 -19.94 18.30 -15.08
CA PRO D 187 -18.94 17.37 -14.54
C PRO D 187 -18.91 17.25 -13.00
N GLU D 188 -19.15 18.34 -12.26
CA GLU D 188 -19.05 18.31 -10.81
C GLU D 188 -20.20 17.54 -10.16
N ASN D 189 -21.26 17.26 -10.91
CA ASN D 189 -22.44 16.64 -10.38
C ASN D 189 -22.52 15.16 -10.78
N ILE D 190 -21.48 14.63 -11.42
CA ILE D 190 -21.30 13.20 -11.63
C ILE D 190 -20.10 12.79 -10.80
N LEU D 191 -20.27 11.74 -9.99
CA LEU D 191 -19.25 11.34 -9.03
C LEU D 191 -18.86 9.88 -9.22
N LEU D 192 -17.56 9.59 -9.15
CA LEU D 192 -17.14 8.19 -9.13
C LEU D 192 -17.55 7.55 -7.81
N CYS D 193 -17.91 6.27 -7.86
CA CYS D 193 -18.13 5.53 -6.62
C CYS D 193 -16.83 5.43 -5.81
N ASN D 194 -15.72 5.20 -6.49
CA ASN D 194 -14.43 5.05 -5.82
C ASN D 194 -13.34 5.30 -6.85
N PRO D 195 -12.09 5.54 -6.42
CA PRO D 195 -11.06 6.00 -7.37
C PRO D 195 -10.62 4.96 -8.38
N LYS D 196 -10.86 3.67 -8.15
CA LYS D 196 -10.32 2.61 -9.00
C LYS D 196 -11.25 2.18 -10.13
N ARG D 197 -12.50 2.61 -10.14
CA ARG D 197 -13.48 2.08 -11.08
C ARG D 197 -14.18 3.22 -11.82
N SER D 198 -14.76 2.87 -12.94
CA SER D 198 -15.50 3.81 -13.76
C SER D 198 -16.97 3.98 -13.32
N ALA D 199 -17.39 3.32 -12.25
CA ALA D 199 -18.78 3.42 -11.81
C ALA D 199 -19.10 4.84 -11.35
N ILE D 200 -20.31 5.31 -11.64
CA ILE D 200 -20.64 6.68 -11.27
C ILE D 200 -22.04 6.74 -10.68
N LYS D 201 -22.26 7.81 -9.93
CA LYS D 201 -23.58 8.19 -9.47
C LYS D 201 -23.79 9.66 -9.77
N ILE D 202 -25.00 10.03 -10.24
CA ILE D 202 -25.35 11.44 -10.42
C ILE D 202 -25.85 12.01 -9.10
N VAL D 203 -25.42 13.22 -8.75
CA VAL D 203 -25.81 13.89 -7.52
C VAL D 203 -26.46 15.24 -7.84
N ASP D 204 -26.81 15.96 -6.77
CA ASP D 204 -27.26 17.37 -6.74
C ASP D 204 -28.52 17.57 -7.59
N PHE D 205 -29.61 17.00 -7.08
CA PHE D 205 -30.90 17.24 -7.69
C PHE D 205 -31.60 18.47 -7.12
N GLY D 206 -30.82 19.46 -6.67
CA GLY D 206 -31.36 20.67 -6.07
C GLY D 206 -31.99 21.65 -7.05
N SER D 207 -31.80 21.46 -8.35
CA SER D 207 -32.49 22.28 -9.36
C SER D 207 -33.44 21.44 -10.19
N SER D 208 -33.60 20.18 -9.84
CA SER D 208 -34.37 19.24 -10.62
C SER D 208 -35.86 19.52 -10.50
N CYS D 209 -36.60 19.03 -11.48
CA CYS D 209 -38.05 19.15 -11.46
C CYS D 209 -38.65 18.03 -12.30
N GLN D 210 -39.96 17.93 -12.26
CA GLN D 210 -40.69 16.97 -13.06
C GLN D 210 -41.37 17.64 -14.24
N LEU D 211 -41.41 16.91 -15.34
CA LEU D 211 -42.20 17.34 -16.49
C LEU D 211 -43.60 17.68 -16.06
N GLY D 212 -44.05 18.88 -16.38
CA GLY D 212 -45.35 19.32 -15.90
C GLY D 212 -45.33 19.92 -14.51
N GLN D 213 -44.15 20.21 -13.96
CA GLN D 213 -43.98 20.96 -12.72
C GLN D 213 -42.79 21.90 -12.82
N ARG D 214 -42.67 22.61 -13.96
CA ARG D 214 -41.52 23.49 -14.20
C ARG D 214 -41.78 24.86 -13.60
N ILE D 215 -40.80 25.37 -12.85
CA ILE D 215 -41.03 26.52 -11.97
C ILE D 215 -39.93 27.57 -12.10
N TYR D 216 -38.82 27.23 -12.75
CA TYR D 216 -37.79 28.21 -13.07
C TYR D 216 -37.61 28.32 -14.58
N GLN D 217 -36.78 29.28 -14.97
CA GLN D 217 -36.53 29.49 -16.38
C GLN D 217 -35.05 29.66 -16.67
N ILE D 219 -32.06 28.24 -15.88
CA ILE D 219 -31.63 26.97 -15.30
C ILE D 219 -30.47 26.45 -16.12
N GLN D 220 -29.87 25.38 -15.61
CA GLN D 220 -28.66 24.74 -16.14
C GLN D 220 -27.45 25.65 -15.98
N SER D 221 -26.26 25.06 -15.77
CA SER D 221 -25.02 25.81 -15.76
C SER D 221 -24.63 26.24 -17.18
N ARG D 222 -24.14 27.48 -17.32
CA ARG D 222 -24.18 28.17 -18.61
C ARG D 222 -23.54 27.33 -19.70
N PHE D 223 -22.30 26.88 -19.46
CA PHE D 223 -21.59 26.00 -20.38
C PHE D 223 -22.45 24.84 -20.89
N TYR D 224 -23.37 24.33 -20.05
CA TYR D 224 -24.14 23.14 -20.38
C TYR D 224 -25.60 23.49 -20.69
N ARG D 225 -25.88 24.77 -20.89
CA ARG D 225 -27.26 25.22 -21.01
C ARG D 225 -27.73 25.01 -22.45
N SER D 226 -28.95 24.46 -22.59
CA SER D 226 -29.50 24.08 -23.89
C SER D 226 -29.98 25.30 -24.65
N PRO D 227 -30.02 25.24 -25.99
CA PRO D 227 -30.59 26.37 -26.75
C PRO D 227 -31.99 26.72 -26.31
N GLU D 228 -32.86 25.75 -26.02
CA GLU D 228 -34.24 26.14 -25.73
C GLU D 228 -34.32 26.93 -24.43
N VAL D 229 -33.41 26.67 -23.48
CA VAL D 229 -33.38 27.46 -22.24
C VAL D 229 -32.79 28.83 -22.50
N LEU D 230 -31.74 28.90 -23.29
CA LEU D 230 -31.20 30.20 -23.67
C LEU D 230 -32.26 31.04 -24.36
N LEU D 231 -33.13 30.40 -25.14
CA LEU D 231 -34.11 31.14 -25.93
C LEU D 231 -35.36 31.49 -25.14
N GLY D 232 -35.47 31.04 -23.89
CA GLY D 232 -36.66 31.32 -23.12
C GLY D 232 -37.87 30.52 -23.54
N MET D 233 -37.66 29.39 -24.18
CA MET D 233 -38.75 28.53 -24.61
C MET D 233 -39.05 27.51 -23.53
N PRO D 234 -40.22 26.83 -23.62
CA PRO D 234 -40.48 25.70 -22.72
C PRO D 234 -39.46 24.60 -22.95
N TYR D 235 -39.25 23.79 -21.92
CA TYR D 235 -38.21 22.77 -21.99
C TYR D 235 -38.72 21.46 -21.38
N ASP D 236 -38.15 20.35 -21.85
CA ASP D 236 -38.49 19.01 -21.37
C ASP D 236 -37.21 18.26 -20.96
N LEU D 237 -37.28 16.93 -20.77
CA LEU D 237 -36.10 16.20 -20.31
C LEU D 237 -34.97 16.22 -21.33
N ALA D 238 -35.24 16.62 -22.58
CA ALA D 238 -34.18 16.69 -23.58
C ALA D 238 -33.07 17.71 -23.25
N ILE D 239 -33.30 18.66 -22.33
CA ILE D 239 -32.21 19.56 -21.98
C ILE D 239 -31.11 18.81 -21.23
N ASP D 240 -31.47 17.73 -20.54
CA ASP D 240 -30.44 16.92 -19.91
C ASP D 240 -29.55 16.27 -20.97
N MET D 241 -30.12 15.86 -22.11
CA MET D 241 -29.30 15.22 -23.13
C MET D 241 -28.30 16.21 -23.73
N TRP D 242 -28.72 17.46 -23.95
CA TRP D 242 -27.79 18.49 -24.38
C TRP D 242 -26.60 18.60 -23.42
N SER D 243 -26.90 18.79 -22.13
CA SER D 243 -25.85 18.84 -21.12
C SER D 243 -24.94 17.64 -21.24
N LEU D 244 -25.52 16.47 -21.45
CA LEU D 244 -24.72 15.25 -21.58
C LEU D 244 -23.77 15.34 -22.76
N GLY D 245 -24.29 15.74 -23.93
CA GLY D 245 -23.43 15.87 -25.10
C GLY D 245 -22.27 16.82 -24.86
N CYS D 246 -22.56 17.98 -24.25
CA CYS D 246 -21.49 18.89 -23.89
C CYS D 246 -20.49 18.22 -22.96
N ILE D 247 -20.99 17.50 -21.94
CA ILE D 247 -20.11 16.93 -20.93
C ILE D 247 -19.18 15.88 -21.53
N LEU D 248 -19.69 15.05 -22.46
CA LEU D 248 -18.83 13.98 -23.00
C LEU D 248 -17.68 14.55 -23.85
N VAL D 249 -17.93 15.64 -24.54
CA VAL D 249 -16.86 16.21 -25.34
C VAL D 249 -15.77 16.73 -24.44
N GLU D 250 -16.17 17.44 -23.39
CA GLU D 250 -15.21 17.99 -22.44
C GLU D 250 -14.45 16.87 -21.73
N MET D 251 -15.14 15.79 -21.35
CA MET D 251 -14.44 14.68 -20.68
C MET D 251 -13.32 14.13 -21.55
N HIS D 252 -13.48 14.18 -22.86
CA HIS D 252 -12.47 13.62 -23.73
C HIS D 252 -11.46 14.65 -24.20
N THR D 253 -11.89 15.90 -24.35
CA THR D 253 -10.97 16.95 -24.77
C THR D 253 -10.34 17.68 -23.60
N GLY D 254 -10.98 17.65 -22.43
CA GLY D 254 -10.48 18.36 -21.28
C GLY D 254 -11.00 19.76 -21.09
N GLU D 255 -11.67 20.34 -22.08
CA GLU D 255 -12.15 21.70 -21.88
C GLU D 255 -13.60 21.86 -22.35
N PRO D 256 -14.33 22.80 -21.75
CA PRO D 256 -15.73 23.00 -22.16
C PRO D 256 -15.84 23.26 -23.65
N LEU D 257 -16.86 22.64 -24.26
CA LEU D 257 -17.11 22.78 -25.69
C LEU D 257 -17.61 24.19 -26.01
N PHE D 258 -18.58 24.64 -25.26
CA PHE D 258 -19.15 25.97 -25.36
C PHE D 258 -18.82 26.74 -24.10
N SER D 259 -17.75 27.53 -24.17
CA SER D 259 -17.16 28.21 -23.02
C SER D 259 -17.68 29.64 -22.85
N GLY D 260 -18.98 29.82 -22.82
CA GLY D 260 -19.52 31.18 -22.81
C GLY D 260 -19.31 31.87 -21.48
N ALA D 261 -18.87 33.14 -21.55
CA ALA D 261 -18.74 33.98 -20.36
C ALA D 261 -20.05 34.61 -19.95
N ASN D 262 -21.04 34.64 -20.85
CA ASN D 262 -22.39 35.11 -20.57
C ASN D 262 -23.31 34.46 -21.60
N GLU D 263 -24.61 34.73 -21.51
CA GLU D 263 -25.54 34.07 -22.42
C GLU D 263 -25.28 34.45 -23.88
N VAL D 264 -25.01 35.73 -24.16
CA VAL D 264 -24.79 36.10 -25.56
C VAL D 264 -23.55 35.42 -26.09
N ASP D 265 -22.49 35.39 -25.29
CA ASP D 265 -21.29 34.66 -25.68
C ASP D 265 -21.59 33.17 -25.81
N GLN D 266 -22.57 32.66 -25.06
CA GLN D 266 -22.83 31.23 -25.07
C GLN D 266 -23.56 30.81 -26.34
N MET D 267 -24.58 31.55 -26.73
CA MET D 267 -25.27 31.25 -27.98
C MET D 267 -24.29 31.32 -29.15
N ASN D 268 -23.51 32.38 -29.21
CA ASN D 268 -22.58 32.59 -30.31
C ASN D 268 -21.57 31.47 -30.42
N LYS D 269 -21.03 31.02 -29.28
CA LYS D 269 -20.16 29.84 -29.27
C LYS D 269 -20.89 28.59 -29.70
N ILE D 270 -22.20 28.48 -29.44
CA ILE D 270 -22.92 27.35 -29.99
C ILE D 270 -23.06 27.51 -31.50
N VAL D 271 -23.36 28.72 -31.97
CA VAL D 271 -23.55 28.93 -33.41
C VAL D 271 -22.25 28.70 -34.18
N GLU D 272 -21.09 29.06 -33.59
CA GLU D 272 -19.81 28.76 -34.22
C GLU D 272 -19.68 27.30 -34.63
N VAL D 273 -20.21 26.38 -33.82
CA VAL D 273 -20.05 24.95 -34.09
C VAL D 273 -21.21 24.38 -34.89
N LEU D 274 -22.45 24.75 -34.55
CA LEU D 274 -23.62 24.13 -35.14
C LEU D 274 -24.35 25.01 -36.16
N GLY D 275 -23.91 26.23 -36.40
CA GLY D 275 -24.64 27.08 -37.32
C GLY D 275 -25.83 27.76 -36.67
N ILE D 276 -26.54 28.54 -37.46
CA ILE D 276 -27.70 29.28 -36.96
C ILE D 276 -28.83 28.29 -36.65
N PRO D 277 -29.53 28.45 -35.53
CA PRO D 277 -30.66 27.56 -35.25
C PRO D 277 -31.73 27.68 -36.31
N PRO D 278 -32.41 26.57 -36.61
CA PRO D 278 -33.45 26.60 -37.66
C PRO D 278 -34.54 27.61 -37.34
N ALA D 279 -35.10 28.18 -38.41
CA ALA D 279 -36.07 29.26 -38.28
C ALA D 279 -37.32 28.81 -37.53
N HIS D 280 -37.79 27.58 -37.77
CA HIS D 280 -39.05 27.17 -37.14
C HIS D 280 -38.93 27.19 -35.62
N ILE D 281 -37.71 27.19 -35.09
CA ILE D 281 -37.50 27.33 -33.65
C ILE D 281 -37.42 28.79 -33.24
N LEU D 282 -36.61 29.59 -33.92
CA LEU D 282 -36.45 30.97 -33.52
C LEU D 282 -37.76 31.74 -33.60
N ASP D 283 -38.61 31.37 -34.56
CA ASP D 283 -39.90 32.05 -34.72
C ASP D 283 -40.74 31.96 -33.47
N GLN D 284 -40.57 30.91 -32.69
CA GLN D 284 -41.34 30.70 -31.47
C GLN D 284 -40.55 31.06 -30.22
N ALA D 285 -39.37 31.65 -30.38
CA ALA D 285 -38.44 31.83 -29.27
C ALA D 285 -38.65 33.20 -28.64
N PRO D 286 -39.11 33.27 -27.39
CA PRO D 286 -39.37 34.59 -26.78
C PRO D 286 -38.16 35.49 -26.69
N LYS D 287 -36.99 34.90 -26.48
CA LYS D 287 -35.72 35.61 -26.30
C LYS D 287 -34.85 35.54 -27.54
N ALA D 288 -35.43 35.22 -28.70
CA ALA D 288 -34.63 35.13 -29.92
C ALA D 288 -33.88 36.43 -30.22
N ARG D 289 -34.54 37.57 -30.07
CA ARG D 289 -33.90 38.82 -30.51
C ARG D 289 -32.83 39.30 -29.55
N LYS D 290 -32.58 38.58 -28.47
CA LYS D 290 -31.41 38.84 -27.63
C LYS D 290 -30.13 38.41 -28.33
N PHE D 291 -30.21 37.45 -29.23
CA PHE D 291 -29.08 36.92 -29.97
C PHE D 291 -29.16 37.15 -31.48
N PHE D 292 -30.35 37.02 -32.07
CA PHE D 292 -30.48 36.98 -33.52
C PHE D 292 -31.34 38.15 -34.02
N GLU D 293 -31.48 38.24 -35.34
CA GLU D 293 -32.45 39.17 -35.91
C GLU D 293 -32.99 38.56 -37.20
N LYS D 294 -34.32 38.62 -37.37
CA LYS D 294 -34.97 38.05 -38.53
C LYS D 294 -34.95 39.08 -39.66
N LEU D 295 -34.37 38.70 -40.80
CA LEU D 295 -34.24 39.58 -41.94
C LEU D 295 -35.60 39.76 -42.63
N PRO D 296 -35.70 40.70 -43.58
CA PRO D 296 -37.01 40.90 -44.25
C PRO D 296 -37.54 39.66 -44.95
N ASP D 297 -36.68 38.74 -45.36
CA ASP D 297 -37.14 37.48 -45.96
C ASP D 297 -37.59 36.46 -44.93
N GLY D 298 -37.58 36.80 -43.64
CA GLY D 298 -37.93 35.85 -42.61
C GLY D 298 -36.82 34.92 -42.22
N THR D 299 -35.61 35.17 -42.67
CA THR D 299 -34.45 34.31 -42.40
C THR D 299 -33.58 34.95 -41.34
N TRP D 300 -33.29 34.21 -40.29
CA TRP D 300 -32.59 34.74 -39.13
C TRP D 300 -31.07 34.81 -39.34
N ASN D 301 -30.47 35.85 -38.76
CA ASN D 301 -29.02 36.07 -38.72
C ASN D 301 -28.62 36.41 -37.29
N LEU D 302 -27.33 36.31 -36.99
CA LEU D 302 -26.83 36.87 -35.73
C LEU D 302 -27.08 38.38 -35.73
N LYS D 303 -27.30 38.93 -34.54
CA LYS D 303 -27.49 40.36 -34.41
C LYS D 303 -26.27 41.07 -34.98
N LYS D 304 -26.51 42.26 -35.54
CA LYS D 304 -25.43 43.06 -36.12
C LYS D 304 -24.37 43.32 -35.07
N THR D 305 -23.10 43.18 -35.49
CA THR D 305 -21.99 43.04 -34.56
C THR D 305 -21.82 44.30 -33.71
N LYS D 306 -21.35 44.08 -32.47
CA LYS D 306 -21.19 45.14 -31.47
C LYS D 306 -20.04 46.10 -31.81
N ASP D 307 -20.33 47.13 -32.63
CA ASP D 307 -19.40 48.01 -33.34
C ASP D 307 -18.82 47.32 -34.57
N GLY D 308 -19.28 46.12 -34.94
CA GLY D 308 -18.77 45.45 -36.11
C GLY D 308 -17.59 44.54 -35.86
N LYS D 309 -16.99 44.58 -34.67
CA LYS D 309 -15.72 43.91 -34.42
C LYS D 309 -15.80 42.39 -34.65
N ARG D 310 -14.70 41.82 -35.14
CA ARG D 310 -14.62 40.38 -35.43
C ARG D 310 -14.30 39.59 -34.15
N GLU D 311 -15.23 38.74 -33.73
CA GLU D 311 -14.97 38.01 -32.49
C GLU D 311 -15.18 36.50 -32.63
N TYR D 312 -16.12 36.08 -33.49
CA TYR D 312 -16.49 34.68 -33.61
C TYR D 312 -16.13 34.13 -34.99
N LYS D 313 -15.98 32.81 -35.04
CA LYS D 313 -15.95 32.12 -36.31
C LYS D 313 -17.31 32.26 -36.98
N PRO D 314 -17.36 32.28 -38.31
CA PRO D 314 -18.67 32.34 -38.98
C PRO D 314 -19.50 31.13 -38.60
N PRO D 315 -20.83 31.25 -38.66
CA PRO D 315 -21.68 30.18 -38.15
C PRO D 315 -21.29 28.83 -38.71
N GLY D 316 -21.23 27.82 -37.84
CA GLY D 316 -21.04 26.45 -38.26
C GLY D 316 -19.68 26.08 -38.82
N THR D 317 -18.64 26.90 -38.59
CA THR D 317 -17.32 26.66 -39.17
C THR D 317 -16.31 26.12 -38.16
N ARG D 318 -16.61 26.16 -36.87
CA ARG D 318 -15.82 25.47 -35.86
C ARG D 318 -16.38 24.05 -35.72
N LYS D 319 -15.98 23.18 -36.64
CA LYS D 319 -16.62 21.87 -36.74
C LYS D 319 -16.16 20.91 -35.65
N LEU D 320 -17.13 20.23 -35.04
CA LEU D 320 -16.81 19.22 -34.04
C LEU D 320 -15.88 18.16 -34.59
N HIS D 321 -15.93 17.92 -35.89
CA HIS D 321 -14.96 17.05 -36.55
C HIS D 321 -13.52 17.43 -36.18
N ASN D 322 -13.23 18.73 -36.12
CA ASN D 322 -11.87 19.14 -35.83
C ASN D 322 -11.62 19.34 -34.34
N ILE D 323 -12.64 19.74 -33.58
CA ILE D 323 -12.48 19.80 -32.13
C ILE D 323 -12.05 18.44 -31.59
N LEU D 324 -12.64 17.37 -32.11
CA LEU D 324 -12.34 16.01 -31.65
C LEU D 324 -11.11 15.40 -32.32
N GLY D 325 -10.50 16.09 -33.28
CA GLY D 325 -9.31 15.56 -33.94
C GLY D 325 -9.61 14.20 -34.53
N VAL D 326 -10.77 14.11 -35.20
CA VAL D 326 -11.26 12.84 -35.74
C VAL D 326 -10.23 12.19 -36.63
N GLU D 327 -9.65 12.95 -37.54
CA GLU D 327 -8.64 12.43 -38.46
C GLU D 327 -7.23 12.89 -38.11
N THR D 328 -7.02 13.49 -36.95
CA THR D 328 -5.72 14.03 -36.62
C THR D 328 -5.28 13.56 -35.24
N GLY D 329 -5.48 12.28 -34.94
CA GLY D 329 -5.02 11.79 -33.65
C GLY D 329 -5.72 12.33 -32.42
N GLY D 330 -7.03 12.58 -32.50
CA GLY D 330 -7.81 13.01 -31.36
C GLY D 330 -7.62 14.46 -30.99
N PRO D 331 -8.30 14.91 -29.93
CA PRO D 331 -8.17 16.30 -29.48
C PRO D 331 -6.71 16.69 -29.31
N GLY D 332 -6.33 17.81 -29.92
CA GLY D 332 -4.96 18.30 -29.90
C GLY D 332 -3.92 17.34 -30.43
N GLY D 333 -4.34 16.36 -31.25
CA GLY D 333 -3.42 15.32 -31.64
C GLY D 333 -2.95 14.40 -30.54
N ARG D 334 -3.41 14.60 -29.29
CA ARG D 334 -2.81 13.96 -28.13
C ARG D 334 -3.05 12.46 -28.08
N ARG D 335 -3.91 11.91 -28.93
CA ARG D 335 -4.20 10.49 -28.91
C ARG D 335 -3.63 9.74 -30.10
N ALA D 336 -2.92 10.43 -30.99
CA ALA D 336 -2.34 9.77 -32.16
C ALA D 336 -1.50 8.58 -31.73
N GLY D 337 -1.70 7.45 -32.42
CA GLY D 337 -0.91 6.26 -32.17
C GLY D 337 -1.37 5.40 -31.00
N GLU D 338 -2.53 5.69 -30.43
CA GLU D 338 -3.03 4.98 -29.27
C GLU D 338 -4.17 4.07 -29.67
N SER D 339 -4.24 2.91 -29.03
CA SER D 339 -5.38 2.04 -29.24
C SER D 339 -6.63 2.68 -28.64
N GLY D 340 -7.78 2.27 -29.17
CA GLY D 340 -9.05 2.76 -28.68
C GLY D 340 -9.46 4.10 -29.19
N HIS D 341 -8.71 4.69 -30.13
CA HIS D 341 -8.96 6.03 -30.66
C HIS D 341 -8.79 6.02 -32.17
N THR D 342 -9.45 5.09 -32.84
CA THR D 342 -9.37 5.02 -34.29
C THR D 342 -10.26 6.09 -34.91
N VAL D 343 -10.05 6.32 -36.20
CA VAL D 343 -10.90 7.25 -36.95
C VAL D 343 -12.34 6.79 -36.90
N ALA D 344 -12.56 5.48 -37.09
CA ALA D 344 -13.91 4.92 -37.06
C ALA D 344 -14.57 5.14 -35.71
N ASP D 345 -13.81 5.01 -34.63
CA ASP D 345 -14.35 5.28 -33.29
C ASP D 345 -14.77 6.73 -33.16
N TYR D 346 -13.92 7.66 -33.61
CA TYR D 346 -14.25 9.08 -33.55
C TYR D 346 -15.47 9.40 -34.39
N LEU D 347 -15.60 8.80 -35.57
CA LEU D 347 -16.79 9.00 -36.38
C LEU D 347 -18.04 8.54 -35.65
N LYS D 348 -17.98 7.37 -35.00
CA LYS D 348 -19.12 6.94 -34.21
C LYS D 348 -19.39 7.90 -33.06
N PHE D 349 -18.33 8.35 -32.37
CA PHE D 349 -18.48 9.28 -31.25
C PHE D 349 -19.07 10.63 -31.70
N LYS D 350 -18.61 11.15 -32.81
CA LYS D 350 -19.11 12.44 -33.27
C LYS D 350 -20.60 12.37 -33.57
N ASP D 351 -21.02 11.28 -34.22
CA ASP D 351 -22.42 11.13 -34.60
C ASP D 351 -23.33 11.19 -33.37
N LEU D 352 -22.94 10.48 -32.30
CA LEU D 352 -23.72 10.51 -31.07
C LEU D 352 -23.77 11.91 -30.47
N ILE D 353 -22.63 12.60 -30.47
CA ILE D 353 -22.59 13.94 -29.88
C ILE D 353 -23.49 14.89 -30.68
N LEU D 354 -23.35 14.85 -32.00
CA LEU D 354 -24.17 15.71 -32.87
C LEU D 354 -25.65 15.41 -32.70
N ARG D 355 -26.02 14.14 -32.60
CA ARG D 355 -27.40 13.81 -32.32
C ARG D 355 -27.80 14.29 -30.92
N MET D 356 -26.89 14.22 -29.95
CA MET D 356 -27.22 14.77 -28.63
C MET D 356 -27.34 16.28 -28.66
N LEU D 357 -26.68 16.93 -29.63
CA LEU D 357 -26.64 18.38 -29.79
C LEU D 357 -27.57 18.88 -30.88
N ASP D 358 -28.63 18.13 -31.19
CA ASP D 358 -29.68 18.60 -32.09
C ASP D 358 -30.37 19.84 -31.49
N TYR D 359 -30.51 20.90 -32.31
CA TYR D 359 -31.17 22.14 -31.87
C TYR D 359 -32.62 21.93 -31.48
N ASP D 360 -33.27 20.92 -32.07
CA ASP D 360 -34.69 20.69 -31.92
C ASP D 360 -34.96 19.69 -30.80
N PRO D 361 -35.58 20.10 -29.69
CA PRO D 361 -35.78 19.14 -28.59
C PRO D 361 -36.66 17.95 -28.97
N LYS D 362 -37.52 18.09 -29.98
CA LYS D 362 -38.35 16.97 -30.38
C LYS D 362 -37.58 15.92 -31.19
N THR D 363 -36.43 16.27 -31.74
CA THR D 363 -35.66 15.32 -32.52
C THR D 363 -34.29 15.02 -31.92
N ARG D 364 -33.88 15.72 -30.88
CA ARG D 364 -32.65 15.36 -30.20
C ARG D 364 -32.73 13.90 -29.76
N ILE D 365 -31.63 13.17 -29.96
CA ILE D 365 -31.64 11.75 -29.67
C ILE D 365 -32.04 11.53 -28.22
N GLN D 366 -32.78 10.47 -28.00
CA GLN D 366 -33.42 10.18 -26.74
C GLN D 366 -32.76 8.97 -26.06
N PRO D 367 -32.88 8.84 -24.72
CA PRO D 367 -32.04 7.87 -23.99
C PRO D 367 -32.10 6.44 -24.50
N TYR D 368 -33.29 5.95 -24.90
CA TYR D 368 -33.36 4.60 -25.44
C TYR D 368 -32.57 4.47 -26.73
N TYR D 369 -32.64 5.50 -27.61
CA TYR D 369 -31.97 5.40 -28.89
C TYR D 369 -30.48 5.68 -28.78
N ALA D 370 -30.07 6.50 -27.81
CA ALA D 370 -28.64 6.70 -27.58
C ALA D 370 -27.97 5.40 -27.17
N LEU D 371 -28.63 4.62 -26.30
CA LEU D 371 -28.06 3.36 -25.82
C LEU D 371 -27.91 2.32 -26.93
N GLN D 372 -28.63 2.48 -28.04
CA GLN D 372 -28.51 1.60 -29.19
C GLN D 372 -27.50 2.10 -30.21
N HIS D 373 -26.89 3.25 -29.96
CA HIS D 373 -25.99 3.83 -30.95
C HIS D 373 -24.76 2.97 -31.14
N SER D 374 -24.23 2.97 -32.37
CA SER D 374 -23.10 2.10 -32.70
C SER D 374 -21.87 2.39 -31.86
N PHE D 375 -21.78 3.58 -31.24
CA PHE D 375 -20.63 3.92 -30.41
C PHE D 375 -20.51 3.00 -29.20
N PHE D 376 -21.59 2.31 -28.82
CA PHE D 376 -21.63 1.51 -27.61
C PHE D 376 -21.45 0.02 -27.87
N LYS D 377 -21.21 -0.38 -29.12
CA LYS D 377 -21.18 -1.78 -29.48
C LYS D 377 -19.75 -2.35 -29.53
#